data_5VID
#
_entry.id   5VID
#
_cell.length_a   140.887
_cell.length_b   87.314
_cell.length_c   148.455
_cell.angle_alpha   90.00
_cell.angle_beta   114.53
_cell.angle_gamma   90.00
#
_symmetry.space_group_name_H-M   'P 1 21 1'
#
loop_
_entity.id
_entity.type
_entity.pdbx_description
1 polymer 'Botulinum neurotoxin type B'
2 polymer Bot.0671.2
3 water water
#
loop_
_entity_poly.entity_id
_entity_poly.type
_entity_poly.pdbx_seq_one_letter_code
_entity_poly.pdbx_strand_id
1 'polypeptide(L)'
;GPLGSEILNNIILNLRYKDNNLIDLSGYGAKVEVYDGVELNDKNQFKLTSSANSKIRVTQNQNIIFNSVFLDFSVSFWIR
IPKYKNDGIQNYIHNEYTIINCMKNNSGWKISIRGNRIIWTLIDINGKTKSVFFEYNIREDISEYINRWFFVTITNNLNN
AKIYINGKLESNTDIKDIREVIANGEIIFKLDGDIDRTQFIWMKYFSIFNTELSQSNIEERYKIQSYSEYLKDFWGNPLM
YNKEYYMFNAGNKNSYIKLKKDSPVGEILTRSKYNQNSKYINYRDLYIGEKFIIRRKSNSQSINDDIVRKEDYIYLDFFN
LNQEWRVYTYKYFKKEEEKLFLAPISDSDEFYNTIQIKEYDEQPTYSCQLLFKKDEESTDEIGLIGIHRFYESGIVFEEY
KDYFCISKWYLKEVKRKPYNLKLGCNWQFIPKDEGWTE
;
D,B,C,A,E
2 'polypeptide(L)' MGSSHHHHHHSSGLVPRGSHMQPMFAELKAKFFLEIGDRDAARNALRKAGYSDEEAERIIRKYELE F,G,H,I
#
# COMPACT_ATOMS: atom_id res chain seq x y z
N ASN A 10 27.18 14.80 -8.38
CA ASN A 10 27.86 15.67 -7.40
C ASN A 10 27.21 15.55 -6.03
N ILE A 11 26.40 14.53 -5.89
CA ILE A 11 25.71 14.27 -4.66
C ILE A 11 26.57 13.39 -3.74
N ILE A 12 26.74 13.81 -2.48
CA ILE A 12 27.53 13.01 -1.55
C ILE A 12 26.68 12.51 -0.38
N LEU A 13 25.49 13.04 -0.26
CA LEU A 13 24.51 12.59 0.71
C LEU A 13 23.14 12.83 0.12
N ASN A 14 22.33 11.78 0.11
CA ASN A 14 20.96 11.91 -0.35
C ASN A 14 20.00 11.10 0.50
N LEU A 15 19.55 11.69 1.61
CA LEU A 15 18.58 11.06 2.49
C LEU A 15 17.21 10.89 1.88
N ARG A 16 16.74 9.67 1.77
CA ARG A 16 15.40 9.45 1.29
C ARG A 16 14.69 8.38 2.08
N TYR A 17 13.38 8.36 1.94
CA TYR A 17 12.54 7.42 2.63
C TYR A 17 12.59 6.04 1.98
N LYS A 18 12.67 5.00 2.81
CA LYS A 18 12.46 3.65 2.31
C LYS A 18 12.06 2.76 3.50
N ASP A 19 10.83 2.26 3.48
CA ASP A 19 10.38 1.29 4.47
C ASP A 19 10.47 1.77 5.91
N ASN A 20 9.69 2.79 6.24
CA ASN A 20 9.64 3.30 7.60
C ASN A 20 11.03 3.66 8.11
N ASN A 21 11.84 4.22 7.23
CA ASN A 21 13.19 4.64 7.59
C ASN A 21 13.75 5.68 6.60
N LEU A 22 14.89 6.27 6.95
CA LEU A 22 15.60 7.14 6.03
C LEU A 22 16.96 6.50 5.76
N ILE A 23 17.37 6.50 4.49
CA ILE A 23 18.64 5.92 4.08
C ILE A 23 19.36 6.84 3.10
N ASP A 24 20.68 6.71 3.03
CA ASP A 24 21.50 7.42 2.05
C ASP A 24 21.52 6.70 0.70
N LEU A 25 21.06 7.39 -0.35
CA LEU A 25 21.02 6.83 -1.68
C LEU A 25 22.18 7.32 -2.52
N SER A 26 23.12 8.05 -1.91
CA SER A 26 24.22 8.63 -2.67
C SER A 26 25.17 7.58 -3.20
N GLY A 27 25.14 6.40 -2.61
CA GLY A 27 26.07 5.36 -2.99
C GLY A 27 27.35 5.44 -2.18
N TYR A 28 27.44 6.44 -1.30
CA TYR A 28 28.62 6.59 -0.45
C TYR A 28 28.32 5.99 0.93
N GLY A 29 27.13 5.42 1.06
CA GLY A 29 26.77 4.61 2.22
C GLY A 29 26.94 5.19 3.60
N ALA A 30 26.33 6.36 3.83
CA ALA A 30 26.30 6.95 5.16
C ALA A 30 25.33 6.20 6.07
N LYS A 31 25.69 6.10 7.35
CA LYS A 31 24.85 5.42 8.31
C LYS A 31 23.81 6.40 8.88
N VAL A 32 22.55 5.97 8.89
CA VAL A 32 21.45 6.82 9.33
C VAL A 32 20.64 6.14 10.43
N GLU A 33 20.60 6.79 11.58
CA GLU A 33 19.87 6.31 12.72
C GLU A 33 18.68 7.21 12.97
N VAL A 34 17.49 6.72 12.68
CA VAL A 34 16.30 7.51 12.92
C VAL A 34 15.68 7.06 14.22
N TYR A 35 15.58 7.98 15.18
CA TYR A 35 15.08 7.64 16.50
C TYR A 35 13.56 7.75 16.53
N ASP A 36 12.96 7.19 17.58
CA ASP A 36 11.53 6.92 17.60
C ASP A 36 10.70 8.18 17.66
N GLY A 37 11.35 9.30 17.96
CA GLY A 37 10.61 10.55 18.03
C GLY A 37 10.36 11.17 16.66
N VAL A 38 10.86 10.55 15.59
CA VAL A 38 10.70 11.11 14.27
C VAL A 38 9.54 10.45 13.57
N GLU A 39 8.59 11.25 13.13
CA GLU A 39 7.47 10.74 12.35
C GLU A 39 7.86 10.72 10.87
N LEU A 40 7.52 9.65 10.17
CA LEU A 40 7.85 9.53 8.76
C LEU A 40 6.63 9.18 7.96
N ASN A 41 6.64 9.55 6.68
CA ASN A 41 5.60 9.13 5.76
C ASN A 41 6.18 8.85 4.40
N ASP A 42 5.38 8.21 3.53
CA ASP A 42 5.88 7.83 2.21
C ASP A 42 5.99 9.03 1.25
N LYS A 43 5.67 10.25 1.72
CA LYS A 43 5.87 11.46 0.92
C LYS A 43 7.24 12.07 1.25
N ASN A 44 8.11 11.29 1.87
CA ASN A 44 9.46 11.74 2.24
C ASN A 44 9.46 12.91 3.20
N GLN A 45 8.36 13.15 3.91
CA GLN A 45 8.35 14.24 4.90
C GLN A 45 8.78 13.65 6.26
N PHE A 46 9.61 14.37 7.00
CA PHE A 46 9.83 13.92 8.35
C PHE A 46 9.70 15.04 9.36
N LYS A 47 9.35 14.63 10.57
CA LYS A 47 8.97 15.59 11.60
C LYS A 47 9.90 15.54 12.79
N LEU A 48 10.55 16.67 13.04
CA LEU A 48 11.32 16.86 14.27
C LEU A 48 10.42 17.56 15.28
N THR A 49 10.20 16.91 16.42
CA THR A 49 9.45 17.52 17.51
C THR A 49 10.35 17.91 18.68
N SER A 50 9.73 18.37 19.76
CA SER A 50 10.47 18.90 20.90
C SER A 50 10.90 17.79 21.87
N SER A 51 10.32 16.61 21.71
CA SER A 51 10.63 15.51 22.60
C SER A 51 12.04 14.97 22.29
N ALA A 52 12.73 14.49 23.32
CA ALA A 52 14.16 14.19 23.30
C ALA A 52 14.66 13.14 22.32
N ASN A 53 13.79 12.19 21.98
CA ASN A 53 14.11 11.12 21.07
C ASN A 53 13.70 11.46 19.61
N SER A 54 13.29 12.70 19.37
CA SER A 54 12.95 13.06 18.00
C SER A 54 14.18 13.57 17.25
N LYS A 55 15.03 12.65 16.80
CA LYS A 55 16.26 13.05 16.13
C LYS A 55 16.80 12.01 15.14
N ILE A 56 17.74 12.49 14.32
CA ILE A 56 18.37 11.68 13.31
C ILE A 56 19.87 11.91 13.41
N ARG A 57 20.65 10.84 13.46
CA ARG A 57 22.09 10.97 13.48
C ARG A 57 22.62 10.43 12.16
N VAL A 58 23.29 11.27 11.39
CA VAL A 58 23.89 10.79 10.17
C VAL A 58 25.42 10.75 10.29
N THR A 59 25.96 9.56 10.15
CA THR A 59 27.41 9.39 10.24
C THR A 59 27.93 9.18 8.84
N GLN A 60 28.64 10.15 8.29
CA GLN A 60 29.13 10.03 6.92
C GLN A 60 30.49 9.36 6.88
N ASN A 61 30.70 8.53 5.87
CA ASN A 61 31.98 7.87 5.70
C ASN A 61 33.03 8.89 5.28
N VAL A 69 42.11 22.52 3.55
CA VAL A 69 41.38 22.19 2.33
C VAL A 69 40.08 23.00 2.25
N PHE A 70 39.89 23.71 1.16
CA PHE A 70 38.66 24.47 1.03
C PHE A 70 37.83 23.83 -0.05
N LEU A 71 36.61 23.47 0.31
CA LEU A 71 35.75 22.70 -0.54
C LEU A 71 34.47 23.48 -0.78
N ASP A 72 34.07 23.59 -2.03
CA ASP A 72 32.75 24.10 -2.32
C ASP A 72 31.74 23.02 -1.99
N PHE A 73 30.61 23.41 -1.41
CA PHE A 73 29.55 22.46 -1.16
C PHE A 73 28.23 23.17 -1.00
N SER A 74 27.16 22.40 -1.20
CA SER A 74 25.80 22.91 -1.17
C SER A 74 24.85 21.95 -0.42
N VAL A 75 23.85 22.54 0.22
CA VAL A 75 22.79 21.79 0.89
C VAL A 75 21.44 22.22 0.35
N SER A 76 20.55 21.28 0.08
CA SER A 76 19.20 21.69 -0.22
C SER A 76 18.24 20.78 0.53
N PHE A 77 17.04 21.30 0.75
CA PHE A 77 15.98 20.59 1.43
C PHE A 77 14.71 21.43 1.30
N TRP A 78 13.57 20.80 1.50
CA TRP A 78 12.31 21.51 1.73
C TRP A 78 12.04 21.58 3.24
N ILE A 79 11.32 22.62 3.66
CA ILE A 79 11.00 22.82 5.07
C ILE A 79 9.61 23.43 5.22
N ARG A 80 8.93 23.07 6.29
CA ARG A 80 7.67 23.70 6.64
C ARG A 80 7.65 24.10 8.12
N ILE A 81 7.71 25.40 8.32
CA ILE A 81 7.81 26.00 9.64
C ILE A 81 6.45 26.56 10.07
N PRO A 82 5.92 26.05 11.20
CA PRO A 82 4.60 26.37 11.76
C PRO A 82 4.54 27.81 12.19
N LYS A 83 3.34 28.38 12.16
CA LYS A 83 3.11 29.70 12.69
C LYS A 83 3.43 29.81 14.17
N TYR A 84 3.96 30.95 14.61
CA TYR A 84 4.07 31.32 16.03
C TYR A 84 2.75 31.12 16.75
N LYS A 85 2.84 30.85 18.05
CA LYS A 85 1.66 30.92 18.88
C LYS A 85 1.50 32.41 19.17
N ASN A 86 0.30 32.94 19.01
CA ASN A 86 0.10 34.37 19.25
C ASN A 86 0.53 34.75 20.67
N ASP A 87 0.14 33.93 21.66
CA ASP A 87 0.42 34.28 23.05
C ASP A 87 1.87 33.93 23.38
N GLY A 88 2.57 33.21 22.51
CA GLY A 88 3.98 32.98 22.80
C GLY A 88 4.94 33.63 21.84
N ILE A 89 4.59 34.84 21.39
CA ILE A 89 5.30 35.49 20.29
C ILE A 89 6.68 36.01 20.65
N GLN A 90 6.87 36.45 21.90
N GLN A 90 6.86 36.41 21.91
CA GLN A 90 8.15 37.03 22.34
CA GLN A 90 8.11 36.99 22.39
C GLN A 90 9.31 36.04 22.20
C GLN A 90 9.29 36.04 22.21
N ASN A 91 9.08 34.80 22.60
CA ASN A 91 10.19 33.91 22.54
C ASN A 91 10.44 33.38 21.16
N TYR A 92 9.38 33.33 20.37
CA TYR A 92 9.48 32.96 19.00
C TYR A 92 10.38 33.95 18.34
N ILE A 93 10.18 35.22 18.59
CA ILE A 93 11.08 36.21 18.07
C ILE A 93 12.47 36.15 18.67
N HIS A 94 12.57 36.05 19.98
CA HIS A 94 13.85 35.97 20.68
C HIS A 94 14.71 34.71 20.58
N ASN A 95 14.10 33.53 20.68
CA ASN A 95 14.86 32.31 20.85
C ASN A 95 15.25 31.56 19.59
N GLU A 96 16.54 31.45 19.39
CA GLU A 96 17.10 30.73 18.25
C GLU A 96 17.26 29.26 18.59
N TYR A 97 16.96 28.37 17.66
CA TYR A 97 17.17 26.96 17.92
C TYR A 97 17.71 26.24 16.69
N THR A 98 18.67 25.36 16.97
CA THR A 98 19.31 24.59 15.92
C THR A 98 18.36 23.49 15.51
N ILE A 99 18.38 23.12 14.24
CA ILE A 99 17.52 22.03 13.79
C ILE A 99 18.39 20.97 13.14
N ILE A 100 19.53 21.40 12.61
CA ILE A 100 20.51 20.47 12.03
C ILE A 100 21.93 20.94 12.38
N ASN A 101 22.71 20.05 12.97
CA ASN A 101 24.03 20.41 13.42
C ASN A 101 25.06 19.43 12.90
N CYS A 102 26.12 19.97 12.30
CA CYS A 102 27.21 19.18 11.73
C CYS A 102 28.55 19.78 12.10
N MET A 103 29.05 19.40 13.27
CA MET A 103 30.29 19.96 13.77
C MET A 103 31.25 18.88 14.25
N LYS A 104 32.54 19.11 14.01
CA LYS A 104 33.62 18.30 14.53
C LYS A 104 34.73 19.23 15.01
N ASN A 105 35.21 18.98 16.23
CA ASN A 105 36.24 19.81 16.87
C ASN A 105 35.84 21.28 16.89
N ASN A 106 34.58 21.54 17.25
CA ASN A 106 34.04 22.90 17.29
C ASN A 106 34.13 23.65 15.96
N SER A 107 34.07 22.92 14.86
CA SER A 107 34.06 23.55 13.56
C SER A 107 33.04 22.86 12.69
N GLY A 108 32.48 23.58 11.73
CA GLY A 108 31.48 23.00 10.86
C GLY A 108 30.36 23.96 10.55
N TRP A 109 29.18 23.41 10.32
CA TRP A 109 28.03 24.20 9.92
C TRP A 109 26.76 23.82 10.66
N LYS A 110 25.85 24.77 10.77
CA LYS A 110 24.56 24.50 11.35
C LYS A 110 23.44 25.26 10.63
N ILE A 111 22.24 24.69 10.65
CA ILE A 111 21.02 25.35 10.21
C ILE A 111 20.13 25.65 11.43
N SER A 112 19.84 26.94 11.66
CA SER A 112 19.02 27.35 12.81
C SER A 112 17.82 28.15 12.40
N ILE A 113 16.93 28.30 13.38
CA ILE A 113 15.76 29.11 13.21
C ILE A 113 15.57 29.98 14.44
N ARG A 114 15.37 31.27 14.21
CA ARG A 114 14.93 32.20 15.23
C ARG A 114 13.66 32.86 14.72
N GLY A 115 12.53 32.28 15.11
CA GLY A 115 11.25 32.78 14.70
C GLY A 115 11.00 32.71 13.23
N ASN A 116 10.82 33.86 12.62
CA ASN A 116 10.52 33.93 11.18
C ASN A 116 11.79 33.95 10.34
N ARG A 117 12.92 33.63 10.95
CA ARG A 117 14.21 33.64 10.25
C ARG A 117 14.89 32.25 10.23
N ILE A 118 15.36 31.80 9.06
CA ILE A 118 16.11 30.55 8.97
C ILE A 118 17.57 30.87 8.67
N ILE A 119 18.49 30.24 9.40
CA ILE A 119 19.87 30.70 9.43
C ILE A 119 20.92 29.64 9.04
N TRP A 120 21.91 30.06 8.28
CA TRP A 120 22.99 29.19 7.89
C TRP A 120 24.31 29.72 8.43
N THR A 121 24.96 28.97 9.31
CA THR A 121 26.16 29.41 10.00
C THR A 121 27.35 28.51 9.65
N LEU A 122 28.49 29.14 9.37
CA LEU A 122 29.75 28.46 9.12
C LEU A 122 30.69 28.75 10.30
N ILE A 123 31.43 27.74 10.71
CA ILE A 123 32.36 27.90 11.82
C ILE A 123 33.74 27.32 11.46
N ASP A 124 34.79 28.15 11.39
CA ASP A 124 36.08 27.62 10.98
C ASP A 124 36.81 26.94 12.14
N ILE A 125 38.01 26.44 11.87
CA ILE A 125 38.74 25.67 12.86
C ILE A 125 39.10 26.54 14.06
N ASN A 126 39.27 27.83 13.81
CA ASN A 126 39.58 28.80 14.86
C ASN A 126 38.36 29.27 15.63
N GLY A 127 37.17 28.84 15.23
CA GLY A 127 35.93 29.26 15.87
C GLY A 127 35.35 30.55 15.30
N LYS A 128 36.00 31.11 14.28
CA LYS A 128 35.53 32.32 13.60
C LYS A 128 34.24 32.00 12.84
N THR A 129 33.25 32.89 12.92
CA THR A 129 31.92 32.57 12.41
C THR A 129 31.36 33.59 11.39
N LYS A 130 30.55 33.07 10.47
CA LYS A 130 29.81 33.85 9.47
C LYS A 130 28.43 33.23 9.28
N SER A 131 27.41 34.06 9.07
CA SER A 131 26.07 33.55 8.82
C SER A 131 25.43 34.18 7.60
N VAL A 132 24.51 33.46 6.99
CA VAL A 132 23.66 34.01 5.96
C VAL A 132 22.25 33.48 6.24
N PHE A 133 21.24 34.33 6.07
CA PHE A 133 19.88 33.97 6.46
C PHE A 133 18.75 34.43 5.55
N PHE A 134 17.60 33.80 5.70
CA PHE A 134 16.40 34.27 5.03
C PHE A 134 15.29 34.55 6.03
N GLU A 135 14.65 35.70 5.91
CA GLU A 135 13.56 36.09 6.83
C GLU A 135 12.28 36.43 6.07
N TYR A 136 11.17 35.85 6.48
CA TYR A 136 9.87 36.16 5.87
C TYR A 136 8.98 36.98 6.82
N ASN A 137 8.04 37.74 6.24
CA ASN A 137 7.24 38.71 6.98
C ASN A 137 6.14 38.12 7.89
N ILE A 138 6.02 38.55 9.14
CA ILE A 138 4.93 37.99 9.93
C ILE A 138 3.85 39.02 10.14
N ARG A 139 3.84 40.05 9.29
CA ARG A 139 2.74 41.01 9.24
C ARG A 139 1.94 41.00 7.94
N GLU A 140 2.12 39.95 7.12
CA GLU A 140 1.43 39.80 5.83
C GLU A 140 0.00 39.31 6.06
N ASP A 141 -0.95 39.83 5.30
CA ASP A 141 -2.31 39.38 5.45
C ASP A 141 -2.37 37.87 5.26
N ILE A 142 -1.75 37.43 4.17
CA ILE A 142 -1.65 36.01 3.85
C ILE A 142 -0.23 35.74 3.42
N SER A 143 0.49 34.91 4.16
CA SER A 143 1.90 34.62 3.88
C SER A 143 2.08 33.41 2.92
N GLU A 144 3.14 33.45 2.12
CA GLU A 144 3.54 32.33 1.24
C GLU A 144 4.44 31.34 1.91
N TYR A 145 4.88 31.69 3.11
CA TYR A 145 5.93 30.94 3.77
C TYR A 145 5.46 30.27 5.06
N ILE A 146 4.70 30.98 5.87
CA ILE A 146 4.28 30.46 7.15
C ILE A 146 3.50 29.18 7.08
N ASN A 147 4.02 28.12 7.72
CA ASN A 147 3.39 26.79 7.71
C ASN A 147 3.17 26.24 6.29
N ARG A 148 3.94 26.71 5.32
CA ARG A 148 3.87 26.19 3.96
C ARG A 148 5.18 25.65 3.47
N TRP A 149 5.12 24.47 2.83
CA TRP A 149 6.32 23.89 2.21
C TRP A 149 7.00 24.85 1.26
N PHE A 150 8.23 25.21 1.55
CA PHE A 150 9.03 25.92 0.57
C PHE A 150 10.40 25.30 0.49
N PHE A 151 11.13 25.69 -0.55
CA PHE A 151 12.35 25.03 -0.95
C PHE A 151 13.58 25.84 -0.62
N VAL A 152 14.56 25.22 0.02
CA VAL A 152 15.74 25.94 0.47
C VAL A 152 16.97 25.36 -0.17
N THR A 153 17.91 26.21 -0.58
CA THR A 153 19.20 25.73 -1.06
C THR A 153 20.30 26.69 -0.63
N ILE A 154 21.31 26.16 0.05
CA ILE A 154 22.44 26.94 0.48
C ILE A 154 23.66 26.48 -0.28
N THR A 155 24.41 27.40 -0.88
CA THR A 155 25.65 27.05 -1.60
C THR A 155 26.85 27.71 -0.94
N ASN A 156 27.98 27.03 -0.97
CA ASN A 156 29.22 27.57 -0.45
C ASN A 156 30.34 27.40 -1.47
N ASN A 157 31.05 28.48 -1.80
CA ASN A 157 32.32 28.35 -2.50
C ASN A 157 33.45 28.99 -1.71
N LEU A 158 34.58 29.22 -2.37
CA LEU A 158 35.71 29.84 -1.71
C LEU A 158 35.33 31.19 -1.07
N ASN A 159 34.44 31.96 -1.69
CA ASN A 159 34.26 33.34 -1.24
C ASN A 159 32.88 33.74 -0.76
N ASN A 160 31.89 32.92 -1.02
CA ASN A 160 30.54 33.30 -0.67
C ASN A 160 29.63 32.20 -0.10
N ALA A 161 28.74 32.58 0.81
CA ALA A 161 27.64 31.71 1.20
C ALA A 161 26.34 32.31 0.69
N LYS A 162 25.53 31.53 -0.03
CA LYS A 162 24.26 32.00 -0.62
C LYS A 162 23.05 31.18 -0.18
N ILE A 163 21.91 31.84 0.06
CA ILE A 163 20.69 31.08 0.34
C ILE A 163 19.70 31.31 -0.78
N TYR A 164 19.18 30.24 -1.34
CA TYR A 164 18.14 30.34 -2.35
C TYR A 164 16.82 29.89 -1.77
N ILE A 165 15.76 30.60 -2.08
CA ILE A 165 14.42 30.23 -1.67
C ILE A 165 13.54 29.99 -2.88
N ASN A 166 13.03 28.78 -3.02
CA ASN A 166 12.20 28.43 -4.15
C ASN A 166 12.86 28.77 -5.50
N GLY A 167 14.16 28.52 -5.59
CA GLY A 167 14.90 28.69 -6.81
C GLY A 167 15.49 30.07 -6.97
N LYS A 168 15.14 31.00 -6.08
CA LYS A 168 15.59 32.39 -6.23
C LYS A 168 16.61 32.78 -5.16
N LEU A 169 17.65 33.49 -5.59
CA LEU A 169 18.68 33.99 -4.69
C LEU A 169 18.08 34.98 -3.72
N GLU A 170 18.40 34.83 -2.43
CA GLU A 170 17.82 35.71 -1.42
C GLU A 170 18.85 36.52 -0.64
N SER A 171 19.98 35.90 -0.32
CA SER A 171 21.01 36.54 0.49
C SER A 171 22.41 36.04 0.15
N ASN A 172 23.41 36.86 0.49
CA ASN A 172 24.80 36.58 0.20
C ASN A 172 25.67 37.05 1.36
N THR A 173 26.61 36.21 1.78
CA THR A 173 27.56 36.61 2.79
C THR A 173 28.97 36.31 2.34
N ASP A 174 29.82 37.32 2.43
CA ASP A 174 31.24 37.21 2.13
C ASP A 174 31.91 36.37 3.21
N ILE A 175 32.55 35.27 2.83
CA ILE A 175 33.19 34.41 3.82
C ILE A 175 34.69 34.29 3.61
N LYS A 176 35.26 35.29 2.97
CA LYS A 176 36.69 35.39 2.71
C LYS A 176 37.50 35.39 3.99
N ASP A 177 36.98 35.99 5.05
CA ASP A 177 37.70 36.09 6.34
C ASP A 177 37.75 34.79 7.15
N ILE A 178 36.85 33.88 6.81
CA ILE A 178 36.71 32.65 7.53
C ILE A 178 37.89 31.78 7.18
N ARG A 179 38.03 30.69 7.91
CA ARG A 179 39.08 29.76 7.58
C ARG A 179 38.53 28.37 7.39
N GLU A 180 39.44 27.41 7.24
CA GLU A 180 39.07 26.05 6.94
C GLU A 180 37.92 25.58 7.82
N VAL A 181 36.84 25.25 7.15
CA VAL A 181 35.64 24.71 7.82
C VAL A 181 35.53 23.19 7.71
N ILE A 182 35.51 22.50 8.85
CA ILE A 182 35.48 21.04 8.85
C ILE A 182 34.11 20.46 8.51
N ALA A 183 34.05 19.56 7.54
CA ALA A 183 32.77 19.12 6.99
C ALA A 183 32.40 17.65 7.23
N ASN A 184 33.35 16.84 7.69
CA ASN A 184 33.14 15.39 7.76
C ASN A 184 32.37 14.96 9.01
N GLY A 185 32.12 15.91 9.92
CA GLY A 185 31.43 15.65 11.17
C GLY A 185 30.12 14.90 11.04
N GLU A 186 29.60 14.38 12.16
CA GLU A 186 28.28 13.73 12.12
C GLU A 186 27.18 14.79 12.06
N ILE A 187 26.11 14.46 11.36
CA ILE A 187 25.00 15.37 11.18
C ILE A 187 23.89 14.99 12.12
N ILE A 188 23.47 15.92 12.96
CA ILE A 188 22.41 15.69 13.94
C ILE A 188 21.17 16.48 13.57
N PHE A 189 20.08 15.78 13.26
CA PHE A 189 18.80 16.43 13.03
C PHE A 189 18.03 16.42 14.31
N LYS A 190 17.94 17.56 14.96
CA LYS A 190 17.23 17.62 16.23
C LYS A 190 17.03 19.05 16.54
N LEU A 191 15.84 19.40 17.06
CA LEU A 191 15.56 20.73 17.62
C LEU A 191 16.36 20.90 18.90
N ASP A 192 17.16 21.97 18.95
CA ASP A 192 18.02 22.23 20.09
C ASP A 192 18.03 23.70 20.44
N GLY A 193 17.40 24.04 21.55
CA GLY A 193 17.36 25.43 21.99
C GLY A 193 16.18 25.64 22.90
N ASP A 194 16.04 26.86 23.42
CA ASP A 194 14.98 27.16 24.36
C ASP A 194 13.65 27.31 23.63
N ILE A 195 13.00 26.18 23.36
CA ILE A 195 11.76 26.09 22.60
C ILE A 195 10.57 25.74 23.45
N ASP A 196 9.39 25.99 22.92
CA ASP A 196 8.13 25.58 23.50
C ASP A 196 7.83 24.14 23.13
N ARG A 197 7.05 23.50 23.98
CA ARG A 197 6.71 22.10 23.82
C ARG A 197 5.96 21.83 22.51
N THR A 198 5.14 22.78 22.06
CA THR A 198 4.34 22.63 20.84
C THR A 198 5.14 22.81 19.54
N GLN A 199 6.39 23.24 19.68
CA GLN A 199 7.27 23.49 18.54
C GLN A 199 7.67 22.23 17.77
N PHE A 200 7.67 22.35 16.46
CA PHE A 200 8.09 21.29 15.59
C PHE A 200 8.54 21.81 14.21
N ILE A 201 9.02 20.92 13.36
CA ILE A 201 9.56 21.30 12.05
C ILE A 201 9.35 20.16 11.09
N TRP A 202 8.86 20.43 9.87
CA TRP A 202 8.86 19.36 8.90
C TRP A 202 9.95 19.58 7.85
N MET A 203 10.56 18.47 7.39
CA MET A 203 11.60 18.53 6.36
C MET A 203 11.35 17.42 5.35
N LYS A 204 12.04 17.50 4.22
CA LYS A 204 11.83 16.63 3.06
C LYS A 204 13.03 16.79 2.12
N TYR A 205 13.43 15.71 1.46
CA TYR A 205 14.50 15.70 0.47
C TYR A 205 15.79 16.36 0.94
N PHE A 206 16.31 15.98 2.11
CA PHE A 206 17.59 16.57 2.52
C PHE A 206 18.73 16.05 1.66
N SER A 207 19.57 16.97 1.19
CA SER A 207 20.64 16.63 0.24
C SER A 207 21.90 17.45 0.45
N ILE A 208 23.06 16.88 0.13
CA ILE A 208 24.31 17.63 0.17
C ILE A 208 25.14 17.37 -1.10
N PHE A 209 25.79 18.41 -1.65
CA PHE A 209 26.53 18.28 -2.91
C PHE A 209 27.97 18.76 -2.75
N ASN A 210 28.90 18.09 -3.43
CA ASN A 210 30.31 18.46 -3.29
C ASN A 210 30.74 19.64 -4.18
N THR A 211 29.76 20.39 -4.70
CA THR A 211 30.05 21.56 -5.53
C THR A 211 29.09 22.70 -5.16
N GLU A 212 29.41 23.92 -5.60
CA GLU A 212 28.47 25.03 -5.50
C GLU A 212 27.43 24.99 -6.59
N LEU A 213 26.18 24.71 -6.24
CA LEU A 213 25.14 24.62 -7.27
C LEU A 213 24.82 26.01 -7.87
N SER A 214 24.73 26.07 -9.19
CA SER A 214 24.40 27.32 -9.87
C SER A 214 22.91 27.61 -9.79
N GLN A 215 22.55 28.88 -9.94
N GLN A 215 22.57 28.88 -9.90
CA GLN A 215 21.15 29.28 -9.88
CA GLN A 215 21.20 29.34 -9.92
C GLN A 215 20.30 28.51 -10.89
C GLN A 215 20.33 28.52 -10.87
N SER A 216 20.88 28.23 -12.04
CA SER A 216 20.18 27.47 -13.06
C SER A 216 19.87 26.06 -12.55
N ASN A 217 20.85 25.42 -11.93
CA ASN A 217 20.63 24.06 -11.41
C ASN A 217 19.64 23.97 -10.27
N ILE A 218 19.64 24.98 -9.39
CA ILE A 218 18.75 24.99 -8.24
C ILE A 218 17.31 25.14 -8.72
N GLU A 219 17.14 26.06 -9.67
CA GLU A 219 15.84 26.29 -10.27
C GLU A 219 15.31 25.00 -10.96
N GLU A 220 16.19 24.25 -11.65
CA GLU A 220 15.69 23.03 -12.29
C GLU A 220 15.29 22.03 -11.22
N ARG A 221 16.12 21.90 -10.19
CA ARG A 221 15.79 20.99 -9.10
C ARG A 221 14.50 21.41 -8.38
N TYR A 222 14.32 22.73 -8.21
CA TYR A 222 13.09 23.26 -7.64
C TYR A 222 11.87 22.81 -8.42
N LYS A 223 11.92 22.98 -9.75
CA LYS A 223 10.79 22.59 -10.58
C LYS A 223 10.58 21.08 -10.56
N ILE A 224 11.66 20.32 -10.61
CA ILE A 224 11.55 18.85 -10.64
C ILE A 224 11.00 18.25 -9.34
N GLN A 225 11.45 18.76 -8.20
CA GLN A 225 11.01 18.22 -6.92
C GLN A 225 9.66 18.79 -6.55
N SER A 226 9.21 19.79 -7.33
CA SER A 226 7.85 20.34 -7.20
C SER A 226 6.82 19.49 -7.92
N TYR A 227 7.28 18.73 -8.91
CA TYR A 227 6.39 17.90 -9.72
C TYR A 227 5.72 16.80 -8.95
N SER A 228 4.42 16.63 -9.18
CA SER A 228 3.66 15.54 -8.61
C SER A 228 2.47 15.29 -9.52
N GLU A 229 2.00 14.07 -9.58
CA GLU A 229 0.82 13.79 -10.39
C GLU A 229 -0.36 14.39 -9.66
N TYR A 230 -0.28 14.46 -8.35
CA TYR A 230 -1.39 14.96 -7.55
C TYR A 230 -1.42 16.50 -7.36
N LEU A 231 -2.54 17.00 -6.89
CA LEU A 231 -2.65 18.41 -6.50
C LEU A 231 -2.28 18.60 -5.04
N LYS A 232 -2.09 19.84 -4.66
CA LYS A 232 -1.68 20.17 -3.30
C LYS A 232 -2.69 21.12 -2.67
N ASP A 233 -2.72 21.16 -1.34
CA ASP A 233 -3.57 22.07 -0.63
C ASP A 233 -2.68 23.28 -0.34
N PHE A 234 -3.27 24.29 0.31
CA PHE A 234 -2.60 25.57 0.61
C PHE A 234 -1.28 25.38 1.37
N TRP A 235 -1.13 24.29 2.13
CA TRP A 235 0.09 24.11 2.96
C TRP A 235 1.16 23.41 2.16
N GLY A 236 0.74 22.80 1.05
CA GLY A 236 1.67 22.11 0.17
C GLY A 236 1.59 20.58 0.20
N ASN A 237 0.74 20.07 1.06
CA ASN A 237 0.53 18.63 1.20
C ASN A 237 -0.43 18.17 0.09
N PRO A 238 -0.47 16.86 -0.20
CA PRO A 238 -1.37 16.37 -1.26
C PRO A 238 -2.84 16.71 -1.00
N LEU A 239 -3.54 17.17 -2.03
CA LEU A 239 -4.98 17.42 -1.95
C LEU A 239 -5.79 16.14 -1.82
N MET A 240 -6.77 16.13 -0.93
CA MET A 240 -7.52 14.92 -0.62
C MET A 240 -9.01 15.00 -0.87
N TYR A 241 -9.60 13.89 -1.29
CA TYR A 241 -11.06 13.75 -1.27
C TYR A 241 -11.53 13.58 0.16
N ASN A 242 -12.80 13.89 0.40
CA ASN A 242 -13.46 13.63 1.68
C ASN A 242 -12.81 14.28 2.88
N LYS A 243 -12.10 15.36 2.62
CA LYS A 243 -11.45 16.16 3.63
C LYS A 243 -11.98 17.60 3.59
N GLU A 244 -12.24 18.16 4.78
CA GLU A 244 -12.79 19.49 4.97
C GLU A 244 -11.78 20.57 4.61
N TYR A 245 -12.18 21.50 3.76
CA TYR A 245 -11.26 22.53 3.26
C TYR A 245 -11.94 23.90 3.28
N TYR A 246 -11.24 24.91 3.78
CA TYR A 246 -11.68 26.28 3.54
C TYR A 246 -11.06 26.73 2.21
N MET A 247 -11.70 27.66 1.51
CA MET A 247 -11.21 28.08 0.21
C MET A 247 -10.62 29.47 0.18
N PHE A 248 -9.49 29.52 -0.49
CA PHE A 248 -8.69 30.70 -0.68
C PHE A 248 -8.62 31.05 -2.17
N ASN A 249 -8.67 32.34 -2.46
CA ASN A 249 -8.61 32.79 -3.83
C ASN A 249 -7.37 33.65 -4.09
N ALA A 250 -6.50 33.16 -4.95
CA ALA A 250 -5.23 33.79 -5.24
C ALA A 250 -5.38 35.18 -5.90
N GLY A 251 -6.57 35.47 -6.44
CA GLY A 251 -6.84 36.77 -7.06
C GLY A 251 -7.57 37.71 -6.12
N ASN A 252 -8.04 37.14 -5.03
CA ASN A 252 -8.79 37.87 -4.04
C ASN A 252 -8.47 37.35 -2.61
N LYS A 253 -7.21 37.47 -2.24
CA LYS A 253 -6.66 36.81 -1.06
C LYS A 253 -7.42 37.06 0.25
N ASN A 254 -7.88 38.28 0.49
CA ASN A 254 -8.63 38.60 1.70
C ASN A 254 -10.11 38.35 1.64
N SER A 255 -10.55 37.55 0.68
CA SER A 255 -11.99 37.30 0.55
C SER A 255 -12.33 35.84 0.84
N TYR A 256 -13.56 35.59 1.28
CA TYR A 256 -13.97 34.21 1.48
C TYR A 256 -15.44 33.99 1.17
N ILE A 257 -15.81 32.72 0.96
CA ILE A 257 -17.17 32.34 0.62
C ILE A 257 -18.03 31.95 1.82
N LYS A 258 -19.19 32.58 1.94
CA LYS A 258 -20.23 32.20 2.88
C LYS A 258 -21.58 32.06 2.19
N LEU A 259 -22.31 30.99 2.49
CA LEU A 259 -23.67 30.82 2.01
C LEU A 259 -24.47 32.01 2.48
N LYS A 260 -25.03 32.74 1.53
CA LYS A 260 -25.78 33.92 1.85
C LYS A 260 -27.01 33.59 2.67
N LYS A 261 -27.30 34.41 3.66
CA LYS A 261 -28.50 34.21 4.49
C LYS A 261 -29.76 34.29 3.61
N ASP A 262 -30.59 33.26 3.66
CA ASP A 262 -31.89 33.24 2.97
C ASP A 262 -31.79 33.30 1.43
N SER A 263 -30.60 33.04 0.90
CA SER A 263 -30.43 32.95 -0.53
C SER A 263 -29.41 31.85 -0.90
N PRO A 264 -29.74 30.96 -1.86
CA PRO A 264 -28.84 29.85 -2.22
C PRO A 264 -27.64 30.22 -3.09
N VAL A 265 -26.90 31.25 -2.69
CA VAL A 265 -25.70 31.66 -3.41
C VAL A 265 -24.59 31.97 -2.42
N GLY A 266 -23.36 32.04 -2.93
CA GLY A 266 -22.22 32.37 -2.11
C GLY A 266 -21.86 33.85 -2.12
N GLU A 267 -22.11 34.55 -1.02
CA GLU A 267 -21.66 35.93 -0.93
C GLU A 267 -20.21 35.87 -0.57
N ILE A 268 -19.47 36.92 -0.91
CA ILE A 268 -18.02 37.01 -0.67
C ILE A 268 -17.72 38.10 0.35
N LEU A 269 -17.05 37.74 1.42
CA LEU A 269 -16.78 38.63 2.52
C LEU A 269 -15.29 38.79 2.72
N THR A 270 -14.91 39.80 3.51
CA THR A 270 -13.50 40.08 3.84
C THR A 270 -13.02 39.35 5.13
N ARG A 271 -11.89 38.70 5.03
CA ARG A 271 -11.42 37.90 6.12
C ARG A 271 -11.25 38.76 7.33
N SER A 272 -11.57 38.22 8.49
CA SER A 272 -11.30 38.88 9.73
C SER A 272 -9.84 38.79 9.98
N LYS A 273 -9.33 39.58 10.89
CA LYS A 273 -7.91 39.64 11.13
C LYS A 273 -7.53 39.43 12.57
N TYR A 274 -6.25 39.23 12.82
CA TYR A 274 -5.72 39.17 14.13
C TYR A 274 -6.15 40.40 14.89
N ASN A 275 -6.85 40.22 16.02
CA ASN A 275 -7.48 41.38 16.64
C ASN A 275 -6.94 41.86 18.02
N GLN A 276 -5.80 41.34 18.43
CA GLN A 276 -5.11 41.72 19.67
C GLN A 276 -4.03 42.77 19.34
N ASN A 277 -3.00 42.93 20.17
CA ASN A 277 -2.14 44.09 20.02
C ASN A 277 -0.65 43.83 20.02
N SER A 278 -0.24 42.57 19.79
CA SER A 278 1.19 42.29 19.61
C SER A 278 1.72 43.08 18.41
N LYS A 279 2.82 43.79 18.59
CA LYS A 279 3.26 44.66 17.53
C LYS A 279 4.11 43.91 16.56
N TYR A 280 4.34 42.62 16.80
CA TYR A 280 5.09 41.82 15.85
C TYR A 280 4.20 41.14 14.82
N ILE A 281 2.91 41.11 15.11
CA ILE A 281 1.99 40.21 14.44
C ILE A 281 0.85 40.90 13.66
N ASN A 282 0.61 40.43 12.43
CA ASN A 282 -0.65 40.62 11.69
C ASN A 282 -0.84 39.51 10.66
N TYR A 283 -2.10 39.10 10.51
CA TYR A 283 -2.48 38.04 9.61
C TYR A 283 -3.99 38.14 9.45
N ARG A 284 -4.54 37.54 8.39
CA ARG A 284 -5.98 37.39 8.17
C ARG A 284 -6.39 35.98 8.62
N ASP A 285 -7.62 35.81 9.11
CA ASP A 285 -8.04 34.50 9.56
C ASP A 285 -8.21 33.63 8.32
N LEU A 286 -7.82 32.37 8.43
CA LEU A 286 -7.84 31.38 7.36
C LEU A 286 -8.94 30.36 7.60
N TYR A 287 -9.30 30.11 8.85
CA TYR A 287 -10.36 29.15 9.12
C TYR A 287 -11.74 29.79 9.09
N ILE A 288 -12.16 30.34 7.96
CA ILE A 288 -13.52 30.90 7.88
C ILE A 288 -14.18 30.68 6.56
N GLY A 289 -15.48 30.91 6.54
CA GLY A 289 -16.25 30.64 5.34
C GLY A 289 -16.74 29.24 5.43
N GLU A 290 -17.32 28.73 4.35
CA GLU A 290 -17.88 27.39 4.37
C GLU A 290 -16.75 26.40 4.44
N LYS A 291 -17.01 25.25 5.09
CA LYS A 291 -16.09 24.12 5.05
C LYS A 291 -16.42 23.29 3.79
N PHE A 292 -15.59 23.39 2.77
CA PHE A 292 -15.88 22.62 1.57
C PHE A 292 -15.31 21.21 1.69
N ILE A 293 -15.75 20.33 0.81
CA ILE A 293 -15.26 18.97 0.76
C ILE A 293 -15.42 18.48 -0.67
N ILE A 294 -14.36 17.90 -1.19
CA ILE A 294 -14.33 17.47 -2.55
C ILE A 294 -14.69 16.01 -2.68
N ARG A 295 -15.73 15.74 -3.42
CA ARG A 295 -16.10 14.36 -3.60
C ARG A 295 -15.81 13.90 -4.98
N ARG A 296 -16.24 12.68 -5.21
CA ARG A 296 -16.04 12.05 -6.46
C ARG A 296 -17.33 11.94 -7.19
N LYS A 297 -17.19 11.99 -8.50
CA LYS A 297 -18.29 11.84 -9.39
C LYS A 297 -19.01 10.62 -8.98
N SER A 298 -18.35 9.46 -9.07
CA SER A 298 -18.79 8.22 -8.43
C SER A 298 -18.49 8.22 -6.93
N ASN A 299 -19.21 7.40 -6.15
CA ASN A 299 -19.25 7.70 -4.72
C ASN A 299 -20.36 6.93 -4.01
N SER A 302 -16.86 7.32 -1.02
CA SER A 302 -15.85 7.59 0.01
C SER A 302 -14.96 6.37 0.23
N ILE A 303 -13.65 6.63 0.18
CA ILE A 303 -12.61 5.61 0.14
C ILE A 303 -11.31 6.11 0.78
N ASN A 304 -10.43 5.17 1.12
CA ASN A 304 -9.23 5.41 1.91
C ASN A 304 -8.10 6.10 1.16
N ASP A 305 -7.60 7.15 1.81
CA ASP A 305 -6.50 8.01 1.40
C ASP A 305 -6.54 8.30 -0.10
N ASP A 306 -7.69 8.79 -0.55
CA ASP A 306 -7.87 9.11 -1.94
C ASP A 306 -7.35 10.49 -2.19
N ILE A 307 -6.36 10.58 -3.03
CA ILE A 307 -5.69 11.81 -3.35
C ILE A 307 -6.22 12.38 -4.65
N VAL A 308 -6.39 13.68 -4.71
CA VAL A 308 -6.98 14.34 -5.89
C VAL A 308 -5.96 14.60 -6.97
N ARG A 309 -6.28 14.24 -8.21
CA ARG A 309 -5.31 14.41 -9.27
C ARG A 309 -5.73 15.40 -10.37
N LYS A 310 -4.72 15.99 -11.01
CA LYS A 310 -4.98 16.88 -12.11
C LYS A 310 -5.90 16.13 -13.07
N GLU A 311 -6.88 16.86 -13.59
CA GLU A 311 -7.86 16.38 -14.57
C GLU A 311 -8.96 15.47 -14.00
N ASP A 312 -8.93 15.21 -12.69
CA ASP A 312 -10.03 14.48 -12.05
C ASP A 312 -11.40 15.14 -12.21
N TYR A 313 -12.45 14.32 -12.20
CA TYR A 313 -13.82 14.81 -12.15
C TYR A 313 -14.39 14.70 -10.75
N ILE A 314 -14.90 15.81 -10.26
CA ILE A 314 -15.29 15.91 -8.88
C ILE A 314 -16.65 16.60 -8.75
N TYR A 315 -17.19 16.55 -7.54
CA TYR A 315 -18.27 17.44 -7.13
C TYR A 315 -17.64 18.31 -6.04
N LEU A 316 -17.96 19.60 -6.04
CA LEU A 316 -17.47 20.46 -4.99
C LEU A 316 -18.60 20.61 -4.01
N ASP A 317 -18.49 20.02 -2.82
CA ASP A 317 -19.59 20.06 -1.83
C ASP A 317 -19.27 20.87 -0.56
N PHE A 318 -20.30 21.12 0.23
CA PHE A 318 -20.04 21.69 1.56
C PHE A 318 -21.21 21.40 2.50
N PHE A 319 -20.92 21.56 3.78
CA PHE A 319 -21.84 21.23 4.85
C PHE A 319 -22.71 22.40 5.28
N ASN A 320 -24.01 22.16 5.37
CA ASN A 320 -24.91 23.18 5.83
C ASN A 320 -25.87 22.57 6.83
N LEU A 321 -25.47 22.71 8.09
CA LEU A 321 -26.19 22.19 9.23
C LEU A 321 -26.47 20.72 9.05
N ASN A 322 -25.40 19.93 9.21
CA ASN A 322 -25.40 18.47 9.01
C ASN A 322 -26.09 17.93 7.75
N GLN A 323 -26.25 18.76 6.72
CA GLN A 323 -26.73 18.26 5.43
C GLN A 323 -25.60 18.54 4.45
N GLU A 324 -25.43 17.70 3.43
CA GLU A 324 -24.38 17.97 2.44
C GLU A 324 -24.98 18.66 1.22
N TRP A 325 -24.48 19.87 0.98
CA TRP A 325 -24.90 20.66 -0.14
C TRP A 325 -23.80 20.66 -1.17
N ARG A 326 -24.13 21.17 -2.37
CA ARG A 326 -23.27 21.11 -3.55
C ARG A 326 -23.29 22.44 -4.32
N VAL A 327 -22.19 22.70 -5.04
CA VAL A 327 -22.03 23.90 -5.80
C VAL A 327 -22.42 23.65 -7.27
N TYR A 328 -23.44 24.35 -7.73
CA TYR A 328 -23.92 24.17 -9.09
C TYR A 328 -23.71 25.40 -9.96
N THR A 329 -23.83 25.20 -11.27
CA THR A 329 -24.02 26.32 -12.20
C THR A 329 -25.31 26.12 -12.98
N TYR A 330 -26.01 27.22 -13.20
CA TYR A 330 -27.17 27.25 -14.09
C TYR A 330 -26.65 26.86 -15.47
N LYS A 331 -27.40 26.03 -16.20
CA LYS A 331 -26.93 25.62 -17.51
C LYS A 331 -27.01 26.76 -18.53
N TYR A 332 -27.94 27.67 -18.32
CA TYR A 332 -28.38 28.63 -19.34
C TYR A 332 -28.23 30.10 -18.92
N PHE A 333 -27.09 30.45 -18.34
CA PHE A 333 -26.86 31.81 -17.89
C PHE A 333 -26.51 32.72 -19.06
N LYS A 334 -27.01 33.94 -19.00
CA LYS A 334 -27.11 34.78 -20.19
C LYS A 334 -25.94 35.74 -20.40
N LYS A 335 -25.37 36.23 -19.30
CA LYS A 335 -24.23 37.14 -19.36
C LYS A 335 -22.95 36.35 -19.36
N GLU A 336 -21.80 37.03 -19.34
CA GLU A 336 -20.48 36.38 -19.39
C GLU A 336 -20.12 35.65 -18.11
N GLU A 337 -20.84 35.98 -17.05
CA GLU A 337 -20.62 35.38 -15.74
C GLU A 337 -21.95 35.32 -15.00
N GLU A 338 -22.05 34.43 -14.02
CA GLU A 338 -23.26 34.25 -13.20
C GLU A 338 -22.99 33.67 -11.79
N LYS A 339 -23.89 33.93 -10.85
CA LYS A 339 -23.74 33.43 -9.51
C LYS A 339 -23.88 31.92 -9.56
N LEU A 340 -23.07 31.24 -8.75
CA LEU A 340 -23.23 29.80 -8.61
C LEU A 340 -24.44 29.54 -7.74
N PHE A 341 -25.05 28.38 -7.94
CA PHE A 341 -26.17 27.91 -7.14
C PHE A 341 -25.62 26.95 -6.06
N LEU A 342 -25.83 27.28 -4.79
CA LEU A 342 -25.39 26.39 -3.68
C LEU A 342 -26.63 25.81 -3.03
N ALA A 343 -26.78 24.49 -3.13
CA ALA A 343 -28.05 23.87 -2.81
C ALA A 343 -27.87 22.40 -2.42
N PRO A 344 -28.93 21.77 -1.88
CA PRO A 344 -28.82 20.33 -1.56
C PRO A 344 -28.39 19.48 -2.74
N ILE A 345 -27.83 18.31 -2.46
CA ILE A 345 -27.52 17.37 -3.54
C ILE A 345 -28.84 16.92 -4.13
N SER A 346 -29.00 17.15 -5.42
CA SER A 346 -30.20 16.75 -6.14
C SER A 346 -29.93 16.76 -7.61
N ASP A 347 -30.68 15.97 -8.36
CA ASP A 347 -30.56 16.01 -9.80
C ASP A 347 -31.61 16.95 -10.35
N SER A 348 -31.21 17.68 -11.39
CA SER A 348 -32.04 18.72 -11.96
C SER A 348 -31.73 18.89 -13.42
N ASP A 349 -32.76 19.21 -14.20
CA ASP A 349 -32.59 19.43 -15.65
C ASP A 349 -31.93 20.76 -15.96
N GLU A 350 -31.86 21.61 -14.94
CA GLU A 350 -31.53 23.02 -15.13
C GLU A 350 -30.08 23.43 -14.78
N PHE A 351 -29.32 22.53 -14.17
CA PHE A 351 -27.99 22.84 -13.63
C PHE A 351 -26.88 21.83 -13.98
N TYR A 352 -25.65 22.32 -14.10
CA TYR A 352 -24.50 21.41 -14.12
C TYR A 352 -23.90 21.19 -12.71
N ASN A 353 -23.39 20.00 -12.43
CA ASN A 353 -22.76 19.75 -11.13
C ASN A 353 -21.36 19.18 -11.27
N THR A 354 -21.01 18.83 -12.50
CA THR A 354 -19.75 18.16 -12.77
C THR A 354 -18.66 19.17 -12.96
N ILE A 355 -17.65 19.06 -12.11
CA ILE A 355 -16.49 19.91 -12.15
C ILE A 355 -15.22 19.11 -12.48
N GLN A 356 -14.35 19.68 -13.32
CA GLN A 356 -13.05 19.08 -13.53
C GLN A 356 -11.97 19.94 -12.93
N ILE A 357 -11.16 19.35 -12.05
CA ILE A 357 -10.19 20.15 -11.33
C ILE A 357 -8.96 20.27 -12.22
N LYS A 358 -8.40 21.47 -12.32
CA LYS A 358 -7.30 21.66 -13.26
C LYS A 358 -6.13 22.33 -12.59
N GLU A 359 -4.96 22.27 -13.20
CA GLU A 359 -3.80 23.06 -12.80
C GLU A 359 -3.10 23.60 -14.05
N TYR A 360 -3.53 24.78 -14.52
CA TYR A 360 -3.04 25.35 -15.78
C TYR A 360 -1.61 25.91 -15.68
N ASP A 361 -1.18 26.29 -14.48
CA ASP A 361 0.14 26.89 -14.31
C ASP A 361 1.24 25.88 -14.67
N GLU A 362 2.30 26.33 -15.32
CA GLU A 362 3.40 25.42 -15.70
C GLU A 362 4.57 25.56 -14.71
N GLN A 363 4.58 26.68 -13.99
CA GLN A 363 5.52 26.90 -12.88
C GLN A 363 4.95 26.25 -11.62
N PRO A 364 5.81 25.93 -10.63
CA PRO A 364 5.33 25.40 -9.35
C PRO A 364 4.31 26.31 -8.67
N THR A 365 3.24 25.70 -8.17
CA THR A 365 2.11 26.44 -7.59
C THR A 365 1.25 25.52 -6.72
N TYR A 366 0.46 26.08 -5.80
CA TYR A 366 -0.50 25.26 -5.10
C TYR A 366 -1.91 25.62 -5.54
N SER A 367 -2.02 26.48 -6.56
CA SER A 367 -3.33 26.91 -7.03
C SER A 367 -3.88 25.92 -8.00
N CYS A 368 -5.19 25.79 -8.04
CA CYS A 368 -5.81 24.98 -9.07
C CYS A 368 -7.02 25.71 -9.67
N GLN A 369 -7.59 25.15 -10.73
CA GLN A 369 -8.76 25.74 -11.35
C GLN A 369 -9.90 24.73 -11.35
N LEU A 370 -11.12 25.25 -11.33
CA LEU A 370 -12.33 24.44 -11.30
C LEU A 370 -13.20 24.74 -12.54
N LEU A 371 -13.17 23.82 -13.50
CA LEU A 371 -13.90 23.96 -14.75
C LEU A 371 -15.24 23.23 -14.71
N PHE A 372 -16.34 23.93 -14.88
CA PHE A 372 -17.62 23.21 -14.99
C PHE A 372 -17.75 22.53 -16.35
N LYS A 373 -18.37 21.35 -16.34
CA LYS A 373 -18.61 20.58 -17.55
C LYS A 373 -19.98 19.88 -17.53
N LYS A 374 -20.44 19.56 -18.74
CA LYS A 374 -21.72 18.90 -18.96
C LYS A 374 -21.75 17.52 -18.38
N ASP A 375 -20.68 16.77 -18.67
CA ASP A 375 -20.46 15.44 -18.15
C ASP A 375 -18.98 15.14 -18.38
N GLU A 376 -18.61 13.91 -18.06
CA GLU A 376 -17.22 13.48 -18.11
C GLU A 376 -16.67 13.25 -19.51
N GLU A 377 -17.55 13.24 -20.50
CA GLU A 377 -17.18 12.92 -21.89
C GLU A 377 -17.15 14.12 -22.84
N SER A 378 -17.77 15.22 -22.42
CA SER A 378 -17.97 16.41 -23.24
C SER A 378 -16.73 17.19 -23.62
N THR A 379 -16.81 17.87 -24.77
CA THR A 379 -15.75 18.73 -25.29
C THR A 379 -16.05 20.18 -24.97
N ASP A 380 -17.30 20.44 -24.59
CA ASP A 380 -17.76 21.78 -24.26
C ASP A 380 -17.22 22.25 -22.92
N GLU A 381 -16.75 23.48 -22.88
CA GLU A 381 -16.35 24.08 -21.61
C GLU A 381 -17.36 25.14 -21.22
N ILE A 382 -17.98 24.98 -20.06
CA ILE A 382 -19.03 25.91 -19.65
C ILE A 382 -18.47 27.22 -19.06
N GLY A 383 -17.44 27.10 -18.23
CA GLY A 383 -16.82 28.24 -17.58
C GLY A 383 -16.10 27.80 -16.31
N LEU A 384 -15.26 28.69 -15.77
CA LEU A 384 -14.44 28.41 -14.61
C LEU A 384 -15.00 29.13 -13.41
N ILE A 385 -14.88 28.50 -12.25
CA ILE A 385 -15.34 29.09 -11.02
C ILE A 385 -14.37 30.16 -10.61
N GLY A 386 -14.93 31.32 -10.22
CA GLY A 386 -14.14 32.44 -9.74
C GLY A 386 -15.00 33.40 -8.93
N ILE A 387 -14.54 34.65 -8.84
CA ILE A 387 -15.30 35.69 -8.16
C ILE A 387 -15.58 36.89 -9.06
N HIS A 388 -16.83 37.35 -9.08
CA HIS A 388 -17.22 38.56 -9.86
C HIS A 388 -18.20 39.46 -9.12
N ARG A 389 -18.25 40.73 -9.54
CA ARG A 389 -19.19 41.71 -8.96
C ARG A 389 -20.50 41.86 -9.70
N PHE A 390 -21.57 41.84 -8.92
CA PHE A 390 -22.93 41.86 -9.43
C PHE A 390 -23.74 43.03 -8.85
N TYR A 391 -24.71 43.48 -9.62
CA TYR A 391 -25.54 44.57 -9.24
C TYR A 391 -26.49 44.24 -8.10
N GLU A 392 -26.54 45.12 -7.10
CA GLU A 392 -27.47 44.97 -6.00
C GLU A 392 -28.62 45.95 -6.14
N SER A 393 -29.83 45.42 -6.14
CA SER A 393 -31.03 46.20 -6.36
C SER A 393 -31.66 46.67 -5.05
N GLY A 394 -32.52 47.69 -5.08
CA GLY A 394 -33.19 48.10 -3.86
C GLY A 394 -32.39 49.16 -3.09
N ILE A 395 -32.91 49.57 -1.93
CA ILE A 395 -32.22 50.54 -1.06
C ILE A 395 -31.04 49.94 -0.29
N VAL A 396 -29.94 49.72 -0.99
CA VAL A 396 -28.75 49.08 -0.41
C VAL A 396 -27.62 50.08 -0.21
N PHE A 397 -26.62 49.69 0.55
CA PHE A 397 -25.45 50.52 0.82
C PHE A 397 -24.62 50.66 -0.46
N GLU A 398 -24.06 49.52 -0.89
CA GLU A 398 -23.24 49.34 -2.10
C GLU A 398 -24.01 48.92 -3.36
N GLU A 399 -23.60 49.42 -4.52
CA GLU A 399 -24.39 49.22 -5.73
C GLU A 399 -23.95 47.88 -6.35
N TYR A 400 -22.71 47.50 -6.08
CA TYR A 400 -22.14 46.22 -6.50
C TYR A 400 -21.56 45.34 -5.35
N LYS A 401 -21.68 44.02 -5.47
CA LYS A 401 -21.16 43.09 -4.49
C LYS A 401 -20.55 41.84 -5.10
N ASP A 402 -19.51 41.38 -4.44
CA ASP A 402 -18.78 40.20 -4.86
C ASP A 402 -19.58 38.96 -4.53
N TYR A 403 -19.57 38.00 -5.46
CA TYR A 403 -20.19 36.69 -5.29
C TYR A 403 -19.32 35.60 -5.90
N PHE A 404 -19.59 34.40 -5.41
CA PHE A 404 -19.03 33.14 -5.87
C PHE A 404 -19.61 32.86 -7.25
N CYS A 405 -18.77 32.83 -8.27
CA CYS A 405 -19.28 32.80 -9.66
C CYS A 405 -18.66 31.77 -10.61
N ILE A 406 -19.36 31.62 -11.73
CA ILE A 406 -18.86 31.02 -12.97
C ILE A 406 -18.61 32.14 -13.99
N SER A 407 -17.58 32.00 -14.80
CA SER A 407 -17.27 33.01 -15.81
C SER A 407 -16.67 32.37 -17.07
N LYS A 408 -17.15 32.80 -18.24
CA LYS A 408 -16.60 32.36 -19.52
C LYS A 408 -15.31 33.13 -19.81
N TRP A 409 -15.16 34.31 -19.20
CA TRP A 409 -13.97 35.13 -19.44
C TRP A 409 -12.66 34.42 -19.13
N TYR A 410 -12.62 33.68 -18.01
CA TYR A 410 -11.40 32.94 -17.63
C TYR A 410 -11.07 31.86 -18.70
N LEU A 411 -12.08 31.31 -19.37
CA LEU A 411 -11.86 30.35 -20.47
C LEU A 411 -10.88 30.95 -21.46
N LYS A 412 -11.02 32.25 -21.68
CA LYS A 412 -10.10 32.99 -22.55
C LYS A 412 -8.79 33.24 -21.81
N GLU A 413 -8.88 33.76 -20.59
CA GLU A 413 -7.67 34.18 -19.89
C GLU A 413 -6.73 33.03 -19.50
N VAL A 414 -7.22 31.81 -19.30
CA VAL A 414 -6.30 30.74 -18.91
C VAL A 414 -5.37 30.23 -20.03
N LYS A 415 -5.60 30.70 -21.26
CA LYS A 415 -4.79 30.32 -22.41
C LYS A 415 -3.59 31.26 -22.60
N ARG A 416 -3.60 32.41 -21.94
CA ARG A 416 -2.54 33.41 -22.08
C ARG A 416 -1.26 32.92 -21.40
N LYS A 417 -0.11 33.14 -22.02
CA LYS A 417 1.15 32.67 -21.44
C LYS A 417 2.14 33.83 -21.31
N PRO A 418 2.93 33.85 -20.21
CA PRO A 418 2.88 32.86 -19.13
C PRO A 418 1.63 33.01 -18.32
N TYR A 419 1.19 31.88 -17.77
CA TYR A 419 0.00 31.82 -16.97
C TYR A 419 0.00 32.80 -15.81
N ASN A 420 -1.12 33.46 -15.61
CA ASN A 420 -1.27 34.44 -14.54
C ASN A 420 -1.50 33.84 -13.13
N LEU A 421 -0.52 33.99 -12.25
CA LEU A 421 -0.62 33.43 -10.90
C LEU A 421 -1.78 33.99 -10.12
N LYS A 422 -2.17 35.23 -10.46
CA LYS A 422 -3.15 36.00 -9.66
C LYS A 422 -4.59 35.99 -10.17
N LEU A 423 -4.91 35.20 -11.19
CA LEU A 423 -6.29 35.17 -11.70
C LEU A 423 -7.30 34.74 -10.63
N GLY A 424 -8.44 35.40 -10.62
CA GLY A 424 -9.46 35.09 -9.64
C GLY A 424 -10.14 33.75 -9.87
N CYS A 425 -9.63 32.96 -10.82
CA CYS A 425 -10.10 31.61 -11.09
C CYS A 425 -9.10 30.58 -10.51
N ASN A 426 -8.09 31.09 -9.81
CA ASN A 426 -7.10 30.31 -9.09
C ASN A 426 -7.43 30.15 -7.59
N TRP A 427 -7.73 28.92 -7.19
CA TRP A 427 -8.16 28.57 -5.83
C TRP A 427 -7.12 27.70 -5.09
N GLN A 428 -7.08 27.78 -3.75
CA GLN A 428 -6.30 26.84 -2.97
C GLN A 428 -7.21 26.32 -1.83
N PHE A 429 -6.93 25.12 -1.34
CA PHE A 429 -7.77 24.53 -0.32
C PHE A 429 -7.00 24.49 1.01
N ILE A 430 -7.62 25.02 2.06
CA ILE A 430 -7.00 25.11 3.40
C ILE A 430 -7.70 24.29 4.46
N PRO A 431 -7.08 23.16 4.85
CA PRO A 431 -7.52 22.33 6.00
C PRO A 431 -7.02 22.83 7.33
N LYS A 432 -7.73 22.52 8.41
CA LYS A 432 -7.16 22.75 9.74
C LYS A 432 -5.83 22.04 9.80
N ASP A 433 -4.87 22.68 10.45
CA ASP A 433 -3.52 22.12 10.54
C ASP A 433 -2.86 22.52 11.84
N GLU A 434 -2.18 21.61 12.51
CA GLU A 434 -1.64 21.95 13.82
C GLU A 434 -0.65 23.12 13.76
N GLY A 435 -0.14 23.38 12.57
CA GLY A 435 0.86 24.43 12.35
C GLY A 435 0.35 25.83 12.11
N TRP A 436 -0.97 26.00 12.18
CA TRP A 436 -1.60 27.29 12.04
C TRP A 436 -2.75 27.40 13.04
N THR A 437 -2.61 28.32 13.96
CA THR A 437 -3.66 28.60 14.95
C THR A 437 -3.92 30.07 14.99
N GLU A 438 -5.17 30.39 15.26
CA GLU A 438 -5.60 31.75 15.20
C GLU A 438 -6.75 31.84 16.22
N ASN B 9 -43.12 -11.61 -17.89
CA ASN B 9 -43.63 -10.73 -16.85
C ASN B 9 -43.58 -9.25 -17.29
N ASN B 10 -42.45 -8.86 -17.86
CA ASN B 10 -42.18 -7.51 -18.32
C ASN B 10 -41.84 -7.42 -19.80
N ILE B 11 -42.28 -8.40 -20.57
CA ILE B 11 -41.97 -8.45 -21.98
C ILE B 11 -42.98 -7.66 -22.81
N ILE B 12 -42.49 -6.82 -23.73
CA ILE B 12 -43.39 -6.03 -24.57
C ILE B 12 -43.24 -6.45 -26.02
N LEU B 13 -42.18 -7.20 -26.28
CA LEU B 13 -41.96 -7.79 -27.59
C LEU B 13 -41.05 -9.01 -27.52
N ASN B 14 -41.49 -10.12 -28.11
CA ASN B 14 -40.56 -11.24 -28.33
C ASN B 14 -40.83 -11.95 -29.65
N LEU B 15 -39.98 -11.63 -30.62
CA LEU B 15 -40.04 -12.28 -31.91
C LEU B 15 -39.73 -13.75 -31.72
N ARG B 16 -40.69 -14.60 -32.09
CA ARG B 16 -40.50 -16.04 -32.04
C ARG B 16 -41.01 -16.66 -33.32
N TYR B 17 -40.54 -17.87 -33.57
CA TYR B 17 -40.93 -18.60 -34.76
C TYR B 17 -42.28 -19.28 -34.55
N LYS B 18 -43.14 -19.17 -35.56
CA LYS B 18 -44.39 -19.91 -35.67
C LYS B 18 -44.87 -20.01 -37.11
N ASP B 19 -44.89 -21.25 -37.60
CA ASP B 19 -45.47 -21.58 -38.90
C ASP B 19 -44.85 -20.79 -40.05
N ASN B 20 -43.55 -20.98 -40.30
CA ASN B 20 -42.82 -20.32 -41.40
C ASN B 20 -42.95 -18.78 -41.39
N ASN B 21 -43.01 -18.19 -40.21
CA ASN B 21 -43.01 -16.74 -40.06
C ASN B 21 -42.59 -16.35 -38.64
N LEU B 22 -42.43 -15.06 -38.43
CA LEU B 22 -42.09 -14.55 -37.11
C LEU B 22 -43.29 -13.82 -36.54
N ILE B 23 -43.54 -14.00 -35.25
CA ILE B 23 -44.76 -13.47 -34.63
C ILE B 23 -44.48 -12.74 -33.34
N ASP B 24 -45.27 -11.73 -33.04
CA ASP B 24 -45.14 -11.11 -31.75
C ASP B 24 -45.86 -12.00 -30.76
N LEU B 25 -45.10 -12.56 -29.84
CA LEU B 25 -45.65 -13.47 -28.86
C LEU B 25 -45.75 -12.79 -27.50
N SER B 26 -45.53 -11.49 -27.48
CA SER B 26 -45.55 -10.71 -26.24
C SER B 26 -46.95 -10.65 -25.67
N GLY B 27 -47.94 -10.90 -26.52
CA GLY B 27 -49.32 -10.76 -26.11
C GLY B 27 -49.81 -9.36 -26.35
N TYR B 28 -48.93 -8.52 -26.88
CA TYR B 28 -49.31 -7.16 -27.26
C TYR B 28 -49.52 -7.01 -28.76
N GLY B 29 -49.37 -8.12 -29.48
CA GLY B 29 -49.73 -8.22 -30.88
C GLY B 29 -49.19 -7.18 -31.85
N ALA B 30 -47.88 -6.98 -31.87
CA ALA B 30 -47.29 -6.10 -32.87
C ALA B 30 -47.37 -6.78 -34.22
N LYS B 31 -47.58 -5.99 -35.26
CA LYS B 31 -47.72 -6.54 -36.59
C LYS B 31 -46.30 -6.78 -37.10
N VAL B 32 -46.08 -7.99 -37.57
CA VAL B 32 -44.76 -8.40 -38.01
C VAL B 32 -44.76 -8.84 -39.46
N GLU B 33 -44.04 -8.09 -40.31
CA GLU B 33 -43.95 -8.42 -41.72
C GLU B 33 -42.58 -8.92 -42.11
N VAL B 34 -42.49 -10.21 -42.41
CA VAL B 34 -41.25 -10.78 -42.90
C VAL B 34 -41.22 -10.76 -44.41
N TYR B 35 -40.23 -10.06 -44.96
CA TYR B 35 -40.09 -9.98 -46.39
C TYR B 35 -39.31 -11.19 -46.91
N ASP B 36 -39.40 -11.44 -48.21
CA ASP B 36 -39.00 -12.72 -48.79
C ASP B 36 -37.50 -13.01 -48.78
N GLY B 37 -36.69 -12.01 -48.53
CA GLY B 37 -35.25 -12.19 -48.49
C GLY B 37 -34.76 -12.78 -47.17
N VAL B 38 -35.69 -13.00 -46.25
CA VAL B 38 -35.31 -13.53 -44.95
C VAL B 38 -35.51 -15.03 -44.88
N GLU B 39 -34.44 -15.75 -44.55
CA GLU B 39 -34.50 -17.20 -44.35
C GLU B 39 -34.90 -17.47 -42.90
N LEU B 40 -35.81 -18.41 -42.68
CA LEU B 40 -36.30 -18.71 -41.32
C LEU B 40 -36.16 -20.19 -41.03
N ASN B 41 -35.98 -20.57 -39.78
CA ASN B 41 -36.05 -22.00 -39.43
C ASN B 41 -36.75 -22.23 -38.08
N ASP B 42 -37.14 -23.48 -37.81
CA ASP B 42 -37.94 -23.79 -36.63
C ASP B 42 -37.12 -23.75 -35.35
N LYS B 43 -35.83 -23.49 -35.47
CA LYS B 43 -34.96 -23.33 -34.32
C LYS B 43 -34.84 -21.85 -33.98
N ASN B 44 -35.81 -21.08 -34.49
CA ASN B 44 -35.98 -19.65 -34.25
C ASN B 44 -34.87 -18.74 -34.82
N GLN B 45 -34.12 -19.23 -35.81
CA GLN B 45 -33.08 -18.43 -36.45
C GLN B 45 -33.55 -17.73 -37.73
N PHE B 46 -33.12 -16.49 -37.95
CA PHE B 46 -33.35 -15.84 -39.24
C PHE B 46 -32.09 -15.16 -39.80
N LYS B 47 -32.08 -14.98 -41.12
CA LYS B 47 -30.88 -14.51 -41.81
C LYS B 47 -31.12 -13.22 -42.58
N LEU B 48 -30.37 -12.18 -42.23
CA LEU B 48 -30.33 -10.93 -43.00
C LEU B 48 -29.15 -10.96 -43.95
N THR B 49 -29.44 -10.82 -45.23
CA THR B 49 -28.41 -10.73 -46.26
C THR B 49 -28.37 -9.33 -46.83
N SER B 50 -27.60 -9.19 -47.91
CA SER B 50 -27.35 -7.91 -48.55
C SER B 50 -28.51 -7.56 -49.48
N SER B 51 -29.41 -8.52 -49.69
CA SER B 51 -30.55 -8.32 -50.60
C SER B 51 -31.57 -7.31 -50.05
N ALA B 52 -32.15 -6.52 -50.96
CA ALA B 52 -32.98 -5.39 -50.56
C ALA B 52 -34.26 -5.83 -49.85
N ASN B 53 -34.73 -7.02 -50.20
CA ASN B 53 -35.96 -7.57 -49.60
C ASN B 53 -35.70 -8.46 -48.36
N SER B 54 -34.46 -8.51 -47.90
CA SER B 54 -34.14 -9.24 -46.67
C SER B 54 -34.34 -8.31 -45.49
N LYS B 55 -35.60 -8.17 -45.09
CA LYS B 55 -35.93 -7.24 -44.01
C LYS B 55 -37.17 -7.67 -43.25
N ILE B 56 -37.34 -7.10 -42.06
CA ILE B 56 -38.51 -7.36 -41.26
C ILE B 56 -39.01 -6.05 -40.70
N ARG B 57 -40.28 -5.76 -40.91
CA ARG B 57 -40.88 -4.59 -40.34
C ARG B 57 -41.87 -4.97 -39.27
N VAL B 58 -41.57 -4.52 -38.06
CA VAL B 58 -42.42 -4.76 -36.92
C VAL B 58 -43.08 -3.46 -36.56
N THR B 59 -44.41 -3.43 -36.65
CA THR B 59 -45.14 -2.24 -36.30
C THR B 59 -45.71 -2.48 -34.91
N GLN B 60 -45.22 -1.75 -33.93
CA GLN B 60 -45.68 -1.96 -32.57
C GLN B 60 -46.93 -1.14 -32.30
N ASN B 61 -47.85 -1.75 -31.56
CA ASN B 61 -49.11 -1.13 -31.13
C ASN B 61 -48.95 -0.06 -30.04
N LEU B 71 -38.36 5.01 -16.95
CA LEU B 71 -37.98 5.14 -18.34
C LEU B 71 -37.00 4.06 -18.77
N ASP B 72 -37.05 2.92 -18.07
CA ASP B 72 -36.13 1.83 -18.36
C ASP B 72 -36.56 1.01 -19.54
N PHE B 73 -35.60 0.26 -20.04
CA PHE B 73 -35.89 -0.74 -21.03
C PHE B 73 -34.66 -1.52 -21.40
N SER B 74 -34.92 -2.74 -21.81
CA SER B 74 -33.88 -3.71 -22.13
C SER B 74 -34.13 -4.44 -23.46
N VAL B 75 -33.05 -4.80 -24.13
CA VAL B 75 -33.10 -5.61 -25.35
C VAL B 75 -32.19 -6.85 -25.24
N SER B 76 -32.70 -8.01 -25.66
CA SER B 76 -31.85 -9.20 -25.76
C SER B 76 -32.15 -9.98 -27.05
N PHE B 77 -31.14 -10.67 -27.55
CA PHE B 77 -31.24 -11.46 -28.78
C PHE B 77 -29.95 -12.24 -28.92
N TRP B 78 -30.00 -13.32 -29.70
CA TRP B 78 -28.78 -14.03 -30.10
C TRP B 78 -28.31 -13.61 -31.48
N ILE B 79 -27.01 -13.68 -31.68
CA ILE B 79 -26.45 -13.27 -32.95
C ILE B 79 -25.23 -14.12 -33.39
N ARG B 80 -25.10 -14.28 -34.71
CA ARG B 80 -23.92 -14.90 -35.31
C ARG B 80 -23.41 -14.05 -36.47
N ILE B 81 -22.21 -13.49 -36.27
CA ILE B 81 -21.54 -12.62 -37.23
C ILE B 81 -20.38 -13.34 -37.87
N PRO B 82 -20.37 -13.47 -39.20
CA PRO B 82 -19.35 -14.21 -39.94
C PRO B 82 -17.95 -13.58 -39.87
N LYS B 83 -16.93 -14.41 -39.96
CA LYS B 83 -15.57 -13.89 -39.99
C LYS B 83 -15.39 -12.90 -41.13
N TYR B 84 -14.57 -11.88 -40.89
CA TYR B 84 -14.08 -10.99 -41.97
C TYR B 84 -13.49 -11.83 -43.08
N LYS B 85 -13.53 -11.32 -44.31
CA LYS B 85 -12.81 -11.94 -45.42
C LYS B 85 -11.41 -11.35 -45.36
N ASN B 86 -10.38 -12.17 -45.41
CA ASN B 86 -9.04 -11.66 -45.20
C ASN B 86 -8.65 -10.55 -46.17
N ASP B 87 -9.10 -10.62 -47.42
CA ASP B 87 -8.71 -9.61 -48.42
C ASP B 87 -9.60 -8.37 -48.32
N GLY B 88 -10.74 -8.50 -47.65
CA GLY B 88 -11.66 -7.40 -47.49
C GLY B 88 -11.82 -6.97 -46.04
N ILE B 89 -10.69 -6.79 -45.36
CA ILE B 89 -10.71 -6.39 -43.96
C ILE B 89 -10.88 -4.88 -43.82
N GLN B 90 -10.24 -4.12 -44.72
CA GLN B 90 -10.32 -2.67 -44.70
C GLN B 90 -11.76 -2.20 -44.51
N ASN B 91 -12.67 -2.74 -45.33
CA ASN B 91 -14.07 -2.38 -45.26
C ASN B 91 -14.75 -2.98 -44.04
N TYR B 92 -14.37 -4.21 -43.70
CA TYR B 92 -14.85 -4.86 -42.49
C TYR B 92 -14.70 -3.92 -41.32
N ILE B 93 -13.47 -3.43 -41.18
CA ILE B 93 -13.07 -2.56 -40.10
C ILE B 93 -13.60 -1.14 -40.14
N HIS B 94 -13.71 -0.56 -41.33
CA HIS B 94 -14.05 0.85 -41.37
C HIS B 94 -15.53 1.11 -41.62
N ASN B 95 -16.19 0.21 -42.33
CA ASN B 95 -17.58 0.44 -42.72
C ASN B 95 -18.66 0.04 -41.71
N GLU B 96 -19.32 1.03 -41.13
CA GLU B 96 -20.39 0.73 -40.19
C GLU B 96 -21.70 0.51 -40.91
N TYR B 97 -22.51 -0.42 -40.39
CA TYR B 97 -23.84 -0.66 -40.93
C TYR B 97 -24.86 -0.99 -39.84
N THR B 98 -26.07 -0.47 -40.05
CA THR B 98 -27.18 -0.71 -39.15
C THR B 98 -27.75 -2.10 -39.41
N ILE B 99 -28.23 -2.77 -38.36
CA ILE B 99 -28.87 -4.08 -38.54
C ILE B 99 -30.27 -4.05 -37.93
N ILE B 100 -30.46 -3.24 -36.89
CA ILE B 100 -31.78 -3.07 -36.29
C ILE B 100 -31.96 -1.63 -36.01
N ASN B 101 -33.02 -1.05 -36.54
CA ASN B 101 -33.27 0.36 -36.41
C ASN B 101 -34.64 0.68 -35.85
N CYS B 102 -34.65 1.50 -34.82
CA CYS B 102 -35.89 1.91 -34.23
C CYS B 102 -35.77 3.40 -33.96
N MET B 103 -35.97 4.19 -35.01
CA MET B 103 -35.81 5.62 -34.92
C MET B 103 -37.07 6.24 -35.46
N LYS B 104 -37.55 7.24 -34.75
CA LYS B 104 -38.67 8.05 -35.18
C LYS B 104 -38.28 9.49 -34.93
N ASN B 105 -38.49 10.35 -35.92
CA ASN B 105 -38.00 11.72 -35.86
C ASN B 105 -36.52 11.56 -35.58
N ASN B 106 -36.02 12.25 -34.57
CA ASN B 106 -34.63 12.08 -34.17
C ASN B 106 -34.52 11.30 -32.86
N SER B 107 -35.47 10.43 -32.57
CA SER B 107 -35.34 9.69 -31.32
C SER B 107 -35.66 8.21 -31.40
N GLY B 108 -34.96 7.45 -30.56
CA GLY B 108 -35.12 6.01 -30.49
C GLY B 108 -33.76 5.35 -30.30
N TRP B 109 -33.66 4.11 -30.75
CA TRP B 109 -32.43 3.33 -30.61
C TRP B 109 -32.08 2.58 -31.90
N LYS B 110 -30.80 2.31 -32.09
CA LYS B 110 -30.35 1.47 -33.20
C LYS B 110 -29.22 0.56 -32.77
N ILE B 111 -29.21 -0.63 -33.36
CA ILE B 111 -28.11 -1.57 -33.18
C ILE B 111 -27.38 -1.66 -34.49
N SER B 112 -26.09 -1.38 -34.46
CA SER B 112 -25.24 -1.40 -35.65
C SER B 112 -24.01 -2.29 -35.47
N ILE B 113 -23.32 -2.56 -36.57
CA ILE B 113 -22.08 -3.31 -36.54
C ILE B 113 -21.00 -2.61 -37.34
N ARG B 114 -19.82 -2.50 -36.77
CA ARG B 114 -18.64 -2.08 -37.52
C ARG B 114 -17.55 -3.14 -37.35
N GLY B 115 -17.51 -4.10 -38.27
CA GLY B 115 -16.53 -5.17 -38.19
C GLY B 115 -16.76 -6.04 -36.98
N ASN B 116 -15.77 -6.03 -36.08
CA ASN B 116 -15.82 -6.87 -34.89
C ASN B 116 -16.45 -6.14 -33.73
N ARG B 117 -17.11 -5.04 -34.03
CA ARG B 117 -17.71 -4.22 -32.99
C ARG B 117 -19.23 -4.16 -33.17
N ILE B 118 -19.98 -4.39 -32.09
CA ILE B 118 -21.44 -4.26 -32.14
C ILE B 118 -21.89 -3.06 -31.26
N ILE B 119 -22.73 -2.20 -31.82
CA ILE B 119 -22.94 -0.86 -31.29
C ILE B 119 -24.41 -0.60 -30.94
N TRP B 120 -24.61 -0.03 -29.75
CA TRP B 120 -25.95 0.30 -29.27
C TRP B 120 -26.05 1.81 -29.10
N THR B 121 -26.92 2.45 -29.88
CA THR B 121 -27.01 3.91 -29.91
C THR B 121 -28.36 4.42 -29.46
N LEU B 122 -28.35 5.43 -28.60
CA LEU B 122 -29.59 6.00 -28.06
C LEU B 122 -29.65 7.51 -28.28
N ILE B 123 -30.81 7.97 -28.75
CA ILE B 123 -31.03 9.40 -28.97
C ILE B 123 -32.35 9.83 -28.35
N ASP B 124 -32.27 10.69 -27.33
CA ASP B 124 -33.47 11.13 -26.63
C ASP B 124 -34.25 12.25 -27.33
N ILE B 125 -35.25 12.79 -26.62
CA ILE B 125 -36.09 13.88 -27.14
C ILE B 125 -35.31 15.22 -27.20
N ASN B 126 -34.33 15.41 -26.33
CA ASN B 126 -33.50 16.61 -26.36
C ASN B 126 -32.40 16.53 -27.44
N GLY B 127 -32.31 15.36 -28.10
CA GLY B 127 -31.38 15.13 -29.22
C GLY B 127 -29.97 14.72 -28.90
N LYS B 128 -29.71 14.66 -27.62
CA LYS B 128 -28.46 14.23 -27.08
C LYS B 128 -28.26 12.65 -27.27
N THR B 129 -27.02 12.30 -27.60
CA THR B 129 -26.69 10.95 -28.01
C THR B 129 -25.62 10.29 -27.16
N LYS B 130 -25.85 9.02 -26.84
CA LYS B 130 -24.84 8.19 -26.24
C LYS B 130 -24.73 6.94 -27.08
N SER B 131 -23.68 6.17 -26.83
CA SER B 131 -23.57 4.85 -27.42
C SER B 131 -22.63 4.02 -26.59
N VAL B 132 -22.92 2.73 -26.58
CA VAL B 132 -22.08 1.73 -25.93
C VAL B 132 -21.88 0.55 -26.88
N PHE B 133 -20.70 -0.04 -26.87
CA PHE B 133 -20.43 -1.12 -27.80
C PHE B 133 -19.65 -2.29 -27.18
N PHE B 134 -19.72 -3.45 -27.80
CA PHE B 134 -18.88 -4.58 -27.42
C PHE B 134 -18.03 -4.97 -28.61
N GLU B 135 -16.74 -5.12 -28.38
CA GLU B 135 -15.81 -5.52 -29.41
C GLU B 135 -15.09 -6.84 -29.06
N TYR B 136 -15.14 -7.81 -29.97
CA TYR B 136 -14.40 -9.03 -29.72
C TYR B 136 -13.12 -9.02 -30.51
N ASN B 137 -12.13 -9.73 -30.01
CA ASN B 137 -10.79 -9.69 -30.55
C ASN B 137 -10.73 -10.46 -31.85
N ILE B 138 -10.09 -9.88 -32.85
CA ILE B 138 -9.89 -10.61 -34.09
C ILE B 138 -8.41 -11.01 -34.24
N ARG B 139 -7.65 -10.98 -33.16
CA ARG B 139 -6.29 -11.55 -33.22
C ARG B 139 -6.13 -12.76 -32.29
N GLU B 140 -7.23 -13.35 -31.84
CA GLU B 140 -7.14 -14.55 -31.02
C GLU B 140 -6.95 -15.81 -31.86
N ASP B 141 -6.14 -16.71 -31.32
CA ASP B 141 -5.91 -18.01 -31.94
C ASP B 141 -7.24 -18.73 -32.20
N ILE B 142 -8.09 -18.78 -31.18
CA ILE B 142 -9.42 -19.36 -31.28
C ILE B 142 -10.43 -18.45 -30.60
N SER B 143 -11.37 -17.90 -31.36
CA SER B 143 -12.32 -16.92 -30.81
C SER B 143 -13.53 -17.59 -30.21
N GLU B 144 -14.09 -17.00 -29.16
CA GLU B 144 -15.29 -17.57 -28.60
C GLU B 144 -16.44 -17.03 -29.41
N TYR B 145 -16.17 -16.04 -30.25
CA TYR B 145 -17.27 -15.26 -30.83
C TYR B 145 -17.44 -15.28 -32.32
N ILE B 146 -16.33 -15.21 -33.05
CA ILE B 146 -16.39 -15.05 -34.50
C ILE B 146 -17.14 -16.21 -35.16
N ASN B 147 -18.17 -15.85 -35.91
CA ASN B 147 -19.07 -16.81 -36.59
C ASN B 147 -19.68 -17.85 -35.65
N ARG B 148 -19.71 -17.55 -34.36
CA ARG B 148 -20.38 -18.43 -33.41
C ARG B 148 -21.50 -17.69 -32.67
N TRP B 149 -22.64 -18.36 -32.54
CA TRP B 149 -23.78 -17.86 -31.80
C TRP B 149 -23.44 -17.45 -30.38
N PHE B 150 -23.66 -16.17 -30.08
CA PHE B 150 -23.63 -15.77 -28.68
C PHE B 150 -24.81 -14.89 -28.30
N PHE B 151 -24.95 -14.71 -27.00
CA PHE B 151 -26.12 -14.08 -26.43
C PHE B 151 -25.77 -12.65 -25.98
N VAL B 152 -26.63 -11.71 -26.39
CA VAL B 152 -26.47 -10.28 -26.12
C VAL B 152 -27.66 -9.78 -25.33
N THR B 153 -27.39 -8.94 -24.33
CA THR B 153 -28.45 -8.29 -23.60
C THR B 153 -28.02 -6.87 -23.36
N ILE B 154 -28.86 -5.93 -23.76
CA ILE B 154 -28.60 -4.53 -23.53
C ILE B 154 -29.63 -3.96 -22.55
N THR B 155 -29.17 -3.37 -21.45
CA THR B 155 -30.06 -2.77 -20.47
C THR B 155 -29.84 -1.27 -20.35
N ASN B 156 -30.92 -0.56 -20.07
CA ASN B 156 -30.86 0.89 -19.86
C ASN B 156 -31.63 1.31 -18.62
N ASN B 157 -30.98 2.10 -17.75
CA ASN B 157 -31.73 2.81 -16.74
C ASN B 157 -31.51 4.33 -16.79
N LEU B 158 -31.92 4.99 -15.72
CA LEU B 158 -31.71 6.42 -15.55
C LEU B 158 -30.23 6.78 -15.66
N ASN B 159 -29.33 5.88 -15.28
CA ASN B 159 -27.96 6.31 -15.09
C ASN B 159 -26.88 5.61 -15.92
N ASN B 160 -27.20 4.43 -16.46
CA ASN B 160 -26.26 3.62 -17.23
C ASN B 160 -26.87 2.92 -18.45
N ALA B 161 -26.09 2.76 -19.51
CA ALA B 161 -26.44 1.84 -20.58
C ALA B 161 -25.46 0.68 -20.51
N LYS B 162 -25.96 -0.57 -20.45
CA LYS B 162 -25.08 -1.76 -20.31
C LYS B 162 -25.25 -2.87 -21.36
N ILE B 163 -24.13 -3.43 -21.79
CA ILE B 163 -24.14 -4.60 -22.68
C ILE B 163 -23.62 -5.82 -21.94
N TYR B 164 -24.43 -6.88 -21.90
CA TYR B 164 -24.02 -8.19 -21.35
C TYR B 164 -23.82 -9.18 -22.50
N ILE B 165 -22.74 -9.94 -22.45
CA ILE B 165 -22.49 -10.97 -23.43
C ILE B 165 -22.45 -12.32 -22.72
N ASN B 166 -23.37 -13.19 -23.11
CA ASN B 166 -23.50 -14.51 -22.52
C ASN B 166 -23.67 -14.46 -21.01
N GLY B 167 -24.44 -13.49 -20.55
CA GLY B 167 -24.77 -13.40 -19.15
C GLY B 167 -23.81 -12.59 -18.27
N LYS B 168 -22.67 -12.19 -18.83
CA LYS B 168 -21.69 -11.42 -18.05
C LYS B 168 -21.57 -9.99 -18.53
N LEU B 169 -21.47 -9.06 -17.59
CA LEU B 169 -21.35 -7.65 -17.92
C LEU B 169 -20.05 -7.38 -18.66
N GLU B 170 -20.15 -6.72 -19.80
CA GLU B 170 -18.98 -6.48 -20.64
C GLU B 170 -18.68 -5.01 -20.89
N SER B 171 -19.71 -4.18 -21.02
CA SER B 171 -19.50 -2.76 -21.37
C SER B 171 -20.53 -1.87 -20.68
N ASN B 172 -20.10 -0.65 -20.34
CA ASN B 172 -20.95 0.28 -19.60
C ASN B 172 -20.73 1.74 -20.02
N THR B 173 -21.82 2.46 -20.23
CA THR B 173 -21.74 3.88 -20.54
C THR B 173 -22.73 4.64 -19.64
N ASP B 174 -22.25 5.72 -19.04
CA ASP B 174 -23.10 6.59 -18.23
C ASP B 174 -24.07 7.39 -19.11
N ILE B 175 -25.36 7.27 -18.83
CA ILE B 175 -26.37 8.04 -19.53
C ILE B 175 -27.22 8.88 -18.55
N LYS B 176 -26.60 9.36 -17.48
CA LYS B 176 -27.32 10.19 -16.47
C LYS B 176 -27.99 11.34 -17.17
N ASP B 177 -27.30 11.84 -18.19
CA ASP B 177 -27.80 12.98 -18.88
C ASP B 177 -29.00 12.60 -19.77
N ILE B 178 -29.16 11.31 -20.05
CA ILE B 178 -30.21 10.91 -20.99
C ILE B 178 -31.61 10.94 -20.38
N ARG B 179 -32.56 11.52 -21.13
CA ARG B 179 -33.91 11.54 -20.65
C ARG B 179 -34.80 10.56 -21.37
N GLU B 180 -35.94 11.08 -21.80
CA GLU B 180 -37.00 10.32 -22.42
C GLU B 180 -36.60 9.97 -23.85
N VAL B 181 -36.60 8.68 -24.14
CA VAL B 181 -36.37 8.13 -25.48
C VAL B 181 -37.65 7.59 -26.10
N ILE B 182 -38.00 8.06 -27.30
CA ILE B 182 -39.25 7.64 -27.92
C ILE B 182 -39.12 6.24 -28.52
N ALA B 183 -40.08 5.38 -28.17
CA ALA B 183 -39.98 3.94 -28.45
C ALA B 183 -40.98 3.40 -29.46
N ASN B 184 -41.99 4.19 -29.81
CA ASN B 184 -43.09 3.66 -30.61
C ASN B 184 -42.83 3.50 -32.10
N GLY B 185 -41.67 3.97 -32.58
CA GLY B 185 -41.30 3.89 -33.97
C GLY B 185 -41.40 2.48 -34.55
N GLU B 186 -41.40 2.36 -35.87
CA GLU B 186 -41.38 1.02 -36.46
C GLU B 186 -40.01 0.42 -36.25
N ILE B 187 -39.96 -0.89 -36.11
CA ILE B 187 -38.68 -1.55 -35.95
C ILE B 187 -38.30 -2.19 -37.29
N ILE B 188 -37.16 -1.78 -37.83
CA ILE B 188 -36.68 -2.34 -39.08
C ILE B 188 -35.41 -3.17 -38.90
N PHE B 189 -35.54 -4.47 -39.17
CA PHE B 189 -34.40 -5.37 -39.25
C PHE B 189 -33.92 -5.39 -40.71
N LYS B 190 -32.77 -4.79 -40.98
CA LYS B 190 -32.18 -4.83 -42.31
C LYS B 190 -30.73 -4.40 -42.24
N LEU B 191 -29.87 -5.10 -42.97
CA LEU B 191 -28.50 -4.64 -43.10
C LEU B 191 -28.53 -3.35 -43.91
N ASP B 192 -27.97 -2.29 -43.36
CA ASP B 192 -28.01 -0.99 -44.02
C ASP B 192 -26.71 -0.20 -43.83
N GLY B 193 -25.97 -0.05 -44.93
CA GLY B 193 -24.70 0.65 -44.93
C GLY B 193 -23.86 0.13 -46.08
N ASP B 194 -22.65 0.66 -46.24
CA ASP B 194 -21.78 0.22 -47.32
C ASP B 194 -21.22 -1.18 -47.05
N ILE B 195 -22.00 -2.20 -47.37
CA ILE B 195 -21.65 -3.59 -47.08
C ILE B 195 -21.21 -4.32 -48.33
N ASP B 196 -20.59 -5.49 -48.16
CA ASP B 196 -20.22 -6.39 -49.25
C ASP B 196 -21.43 -7.25 -49.65
N ARG B 197 -21.44 -7.77 -50.87
CA ARG B 197 -22.59 -8.56 -51.32
C ARG B 197 -22.82 -9.80 -50.45
N THR B 198 -21.72 -10.37 -49.98
CA THR B 198 -21.77 -11.58 -49.17
C THR B 198 -22.04 -11.32 -47.69
N GLN B 199 -22.05 -10.06 -47.28
CA GLN B 199 -22.20 -9.75 -45.87
C GLN B 199 -23.60 -10.24 -45.45
N PHE B 200 -23.65 -10.86 -44.28
CA PHE B 200 -24.89 -11.37 -43.72
C PHE B 200 -24.82 -11.46 -42.19
N ILE B 201 -25.97 -11.73 -41.57
CA ILE B 201 -26.10 -11.72 -40.12
C ILE B 201 -27.16 -12.72 -39.73
N TRP B 202 -26.88 -13.57 -38.74
CA TRP B 202 -27.92 -14.42 -38.18
C TRP B 202 -28.36 -13.90 -36.83
N MET B 203 -29.66 -13.95 -36.55
CA MET B 203 -30.19 -13.53 -35.27
C MET B 203 -31.29 -14.49 -34.81
N LYS B 204 -31.62 -14.44 -33.52
CA LYS B 204 -32.56 -15.38 -32.92
C LYS B 204 -33.11 -14.82 -31.61
N TYR B 205 -34.37 -15.14 -31.31
CA TYR B 205 -35.00 -14.76 -30.05
C TYR B 205 -34.91 -13.26 -29.70
N PHE B 206 -35.22 -12.38 -30.65
CA PHE B 206 -35.16 -10.94 -30.35
C PHE B 206 -36.25 -10.51 -29.37
N SER B 207 -35.85 -9.75 -28.36
CA SER B 207 -36.78 -9.38 -27.30
C SER B 207 -36.57 -7.96 -26.77
N ILE B 208 -37.66 -7.40 -26.26
CA ILE B 208 -37.62 -6.09 -25.62
C ILE B 208 -38.37 -6.17 -24.31
N PHE B 209 -37.85 -5.48 -23.31
CA PHE B 209 -38.42 -5.52 -21.98
C PHE B 209 -38.65 -4.08 -21.56
N ASN B 210 -39.73 -3.84 -20.83
CA ASN B 210 -40.08 -2.50 -20.35
C ASN B 210 -39.35 -2.15 -19.06
N THR B 211 -38.33 -2.92 -18.71
CA THR B 211 -37.59 -2.68 -17.47
C THR B 211 -36.08 -2.91 -17.63
N GLU B 212 -35.30 -2.46 -16.66
CA GLU B 212 -33.87 -2.81 -16.62
C GLU B 212 -33.67 -4.19 -16.01
N LEU B 213 -33.32 -5.15 -16.85
CA LEU B 213 -33.16 -6.54 -16.42
C LEU B 213 -31.93 -6.65 -15.54
N SER B 214 -32.05 -7.41 -14.45
CA SER B 214 -30.92 -7.65 -13.56
C SER B 214 -30.01 -8.70 -14.15
N GLN B 215 -28.74 -8.68 -13.77
N GLN B 215 -28.72 -8.66 -13.81
CA GLN B 215 -27.77 -9.64 -14.25
CA GLN B 215 -27.76 -9.65 -14.30
C GLN B 215 -28.20 -11.07 -13.96
C GLN B 215 -28.19 -11.09 -13.96
N SER B 216 -28.84 -11.27 -12.82
CA SER B 216 -29.34 -12.58 -12.43
C SER B 216 -30.39 -13.03 -13.44
N ASN B 217 -31.29 -12.12 -13.76
CA ASN B 217 -32.38 -12.42 -14.66
C ASN B 217 -31.84 -12.73 -16.05
N ILE B 218 -30.74 -12.07 -16.40
CA ILE B 218 -30.10 -12.25 -17.70
C ILE B 218 -29.39 -13.62 -17.81
N GLU B 219 -28.62 -13.96 -16.78
CA GLU B 219 -27.92 -15.25 -16.78
C GLU B 219 -28.95 -16.37 -16.90
N GLU B 220 -30.06 -16.23 -16.20
CA GLU B 220 -31.12 -17.24 -16.26
C GLU B 220 -31.71 -17.33 -17.65
N ARG B 221 -31.98 -16.19 -18.30
CA ARG B 221 -32.54 -16.21 -19.65
C ARG B 221 -31.55 -16.82 -20.64
N TYR B 222 -30.26 -16.56 -20.43
CA TYR B 222 -29.20 -17.20 -21.21
C TYR B 222 -29.24 -18.72 -21.13
N LYS B 223 -29.34 -19.22 -19.90
CA LYS B 223 -29.39 -20.64 -19.59
C LYS B 223 -30.63 -21.27 -20.19
N ILE B 224 -31.73 -20.54 -20.12
CA ILE B 224 -32.99 -21.08 -20.63
C ILE B 224 -32.98 -21.16 -22.15
N GLN B 225 -32.42 -20.16 -22.82
CA GLN B 225 -32.42 -20.14 -24.28
C GLN B 225 -31.31 -20.98 -24.90
N SER B 226 -30.36 -21.43 -24.07
CA SER B 226 -29.31 -22.35 -24.51
C SER B 226 -29.78 -23.79 -24.49
N TYR B 227 -30.85 -24.06 -23.74
CA TYR B 227 -31.35 -25.42 -23.62
C TYR B 227 -31.96 -25.96 -24.91
N SER B 228 -31.57 -27.20 -25.23
CA SER B 228 -32.12 -27.99 -26.32
C SER B 228 -31.81 -29.48 -26.11
N GLU B 229 -32.66 -30.36 -26.66
CA GLU B 229 -32.43 -31.81 -26.60
C GLU B 229 -31.21 -32.22 -27.43
N TYR B 230 -30.96 -31.50 -28.50
CA TYR B 230 -29.85 -31.83 -29.38
C TYR B 230 -28.55 -31.23 -28.88
N LEU B 231 -27.47 -31.73 -29.47
CA LEU B 231 -26.14 -31.20 -29.25
C LEU B 231 -25.86 -30.15 -30.31
N LYS B 232 -24.78 -29.39 -30.16
CA LYS B 232 -24.47 -28.34 -31.12
C LYS B 232 -23.06 -28.48 -31.69
N ASP B 233 -22.85 -27.88 -32.85
CA ASP B 233 -21.49 -27.85 -33.37
C ASP B 233 -20.76 -26.64 -32.82
N PHE B 234 -19.51 -26.49 -33.26
CA PHE B 234 -18.62 -25.40 -32.81
C PHE B 234 -19.25 -24.03 -33.03
N TRP B 235 -20.17 -23.91 -33.98
CA TRP B 235 -20.81 -22.61 -34.31
C TRP B 235 -22.09 -22.34 -33.49
N GLY B 236 -22.67 -23.38 -32.89
CA GLY B 236 -23.91 -23.22 -32.12
C GLY B 236 -25.16 -23.75 -32.83
N ASN B 237 -24.96 -24.24 -34.05
CA ASN B 237 -26.02 -24.89 -34.82
C ASN B 237 -26.12 -26.35 -34.41
N PRO B 238 -27.27 -27.00 -34.68
CA PRO B 238 -27.47 -28.43 -34.34
C PRO B 238 -26.42 -29.37 -34.97
N LEU B 239 -25.94 -30.26 -34.12
CA LEU B 239 -25.01 -31.33 -34.49
C LEU B 239 -25.74 -32.36 -35.34
N MET B 240 -25.12 -32.78 -36.43
CA MET B 240 -25.81 -33.69 -37.36
C MET B 240 -25.10 -35.02 -37.59
N TYR B 241 -25.91 -36.05 -37.85
CA TYR B 241 -25.38 -37.30 -38.39
C TYR B 241 -25.01 -37.14 -39.85
N ASN B 242 -24.11 -37.98 -40.33
CA ASN B 242 -23.81 -38.00 -41.75
C ASN B 242 -23.32 -36.65 -42.28
N LYS B 243 -22.71 -35.87 -41.40
CA LYS B 243 -22.12 -34.58 -41.74
C LYS B 243 -20.63 -34.53 -41.37
N GLU B 244 -19.83 -34.01 -42.30
CA GLU B 244 -18.37 -33.89 -42.15
C GLU B 244 -17.94 -32.85 -41.14
N TYR B 245 -17.11 -33.26 -40.18
CA TYR B 245 -16.67 -32.39 -39.10
C TYR B 245 -15.17 -32.53 -38.83
N TYR B 246 -14.53 -31.38 -38.65
CA TYR B 246 -13.21 -31.32 -38.05
C TYR B 246 -13.41 -31.33 -36.54
N MET B 247 -12.42 -31.80 -35.78
CA MET B 247 -12.63 -31.85 -34.34
C MET B 247 -11.84 -30.83 -33.56
N PHE B 248 -12.52 -30.21 -32.61
CA PHE B 248 -11.91 -29.18 -31.80
C PHE B 248 -11.85 -29.67 -30.34
N ASN B 249 -10.74 -29.38 -29.65
CA ASN B 249 -10.59 -29.77 -28.24
C ASN B 249 -10.47 -28.53 -27.35
N ALA B 250 -11.48 -28.32 -26.50
CA ALA B 250 -11.57 -27.13 -25.65
C ALA B 250 -10.42 -27.01 -24.63
N GLY B 251 -9.76 -28.14 -24.35
CA GLY B 251 -8.65 -28.20 -23.42
C GLY B 251 -7.31 -28.09 -24.11
N ASN B 252 -7.31 -28.22 -25.44
CA ASN B 252 -6.09 -28.13 -26.25
C ASN B 252 -6.39 -27.41 -27.57
N LYS B 253 -6.83 -26.16 -27.46
CA LYS B 253 -7.43 -25.45 -28.54
C LYS B 253 -6.54 -25.36 -29.80
N ASN B 254 -5.23 -25.16 -29.65
CA ASN B 254 -4.34 -25.13 -30.81
C ASN B 254 -3.90 -26.49 -31.31
N SER B 255 -4.56 -27.54 -30.84
CA SER B 255 -4.20 -28.89 -31.26
C SER B 255 -5.30 -29.50 -32.08
N TYR B 256 -4.90 -30.41 -32.96
CA TYR B 256 -5.85 -31.18 -33.74
C TYR B 256 -5.34 -32.60 -33.98
N ILE B 257 -6.26 -33.50 -34.34
CA ILE B 257 -5.96 -34.91 -34.55
C ILE B 257 -5.61 -35.25 -36.00
N LYS B 258 -4.47 -35.89 -36.21
CA LYS B 258 -4.19 -36.48 -37.50
C LYS B 258 -3.74 -37.91 -37.35
N LEU B 259 -4.27 -38.79 -38.19
CA LEU B 259 -3.81 -40.18 -38.23
C LEU B 259 -2.31 -40.21 -38.43
N LYS B 260 -1.64 -40.93 -37.53
CA LYS B 260 -0.19 -41.12 -37.57
C LYS B 260 0.15 -41.93 -38.82
N LYS B 261 1.22 -41.55 -39.50
CA LYS B 261 1.64 -42.24 -40.72
C LYS B 261 2.01 -43.70 -40.45
N ASP B 262 1.34 -44.63 -41.12
CA ASP B 262 1.67 -46.06 -41.04
C ASP B 262 1.50 -46.68 -39.64
N SER B 263 0.75 -45.98 -38.78
CA SER B 263 0.38 -46.52 -37.49
C SER B 263 -1.09 -46.16 -37.23
N PRO B 264 -1.93 -47.14 -36.88
CA PRO B 264 -3.38 -46.88 -36.79
C PRO B 264 -3.81 -46.10 -35.53
N VAL B 265 -3.10 -45.02 -35.24
CA VAL B 265 -3.47 -44.19 -34.11
C VAL B 265 -3.45 -42.74 -34.50
N GLY B 266 -4.17 -41.93 -33.72
CA GLY B 266 -4.24 -40.50 -33.96
C GLY B 266 -3.23 -39.70 -33.16
N GLU B 267 -2.23 -39.18 -33.86
CA GLU B 267 -1.28 -38.28 -33.22
C GLU B 267 -1.91 -36.91 -33.16
N ILE B 268 -1.34 -36.05 -32.31
CA ILE B 268 -1.84 -34.69 -32.08
C ILE B 268 -0.86 -33.62 -32.57
N LEU B 269 -1.35 -32.74 -33.45
CA LEU B 269 -0.51 -31.71 -34.05
C LEU B 269 -0.98 -30.30 -33.70
N THR B 270 -0.11 -29.32 -33.92
CA THR B 270 -0.45 -27.93 -33.67
C THR B 270 -1.00 -27.25 -34.93
N ARG B 271 -2.15 -26.59 -34.80
CA ARG B 271 -2.81 -25.83 -35.87
C ARG B 271 -1.85 -24.88 -36.54
N SER B 272 -1.97 -24.77 -37.87
CA SER B 272 -1.31 -23.73 -38.64
C SER B 272 -2.03 -22.37 -38.43
N LYS B 273 -1.35 -21.25 -38.71
CA LYS B 273 -1.98 -19.96 -38.45
C LYS B 273 -2.11 -19.06 -39.68
N TYR B 274 -2.82 -17.95 -39.49
CA TYR B 274 -2.90 -16.91 -40.50
C TYR B 274 -1.46 -16.58 -40.89
N ASN B 275 -1.12 -16.73 -42.17
CA ASN B 275 0.30 -16.69 -42.55
C ASN B 275 0.70 -15.47 -43.35
N GLN B 276 -0.21 -14.51 -43.45
CA GLN B 276 0.03 -13.22 -44.11
C GLN B 276 0.31 -12.08 -43.11
N ASN B 277 0.16 -10.85 -43.56
CA ASN B 277 0.64 -9.71 -42.83
C ASN B 277 -0.29 -8.56 -42.47
N SER B 278 -1.59 -8.78 -42.47
CA SER B 278 -2.44 -7.75 -41.98
C SER B 278 -2.26 -7.60 -40.48
N LYS B 279 -2.12 -6.36 -40.02
CA LYS B 279 -1.96 -6.02 -38.62
C LYS B 279 -3.20 -6.20 -37.81
N TYR B 280 -4.33 -6.15 -38.47
CA TYR B 280 -5.62 -6.34 -37.85
C TYR B 280 -5.94 -7.74 -37.38
N ILE B 281 -5.34 -8.74 -37.99
CA ILE B 281 -5.81 -10.10 -37.83
C ILE B 281 -4.77 -11.17 -37.46
N ASN B 282 -5.26 -12.12 -36.69
CA ASN B 282 -4.61 -13.39 -36.44
C ASN B 282 -5.66 -14.40 -36.04
N TYR B 283 -5.41 -15.66 -36.39
CA TYR B 283 -6.27 -16.78 -36.03
C TYR B 283 -5.53 -18.11 -36.34
N ARG B 284 -6.00 -19.23 -35.79
CA ARG B 284 -5.46 -20.54 -36.13
C ARG B 284 -6.42 -21.24 -37.07
N ASP B 285 -5.90 -22.04 -37.99
CA ASP B 285 -6.76 -22.69 -38.98
C ASP B 285 -7.66 -23.72 -38.32
N LEU B 286 -8.90 -23.77 -38.77
CA LEU B 286 -9.92 -24.63 -38.18
C LEU B 286 -10.25 -25.79 -39.08
N TYR B 287 -10.12 -25.59 -40.39
CA TYR B 287 -10.42 -26.70 -41.29
C TYR B 287 -9.19 -27.58 -41.52
N ILE B 288 -8.71 -28.25 -40.46
CA ILE B 288 -7.57 -29.16 -40.58
C ILE B 288 -7.73 -30.38 -39.67
N GLY B 289 -6.91 -31.39 -39.93
CA GLY B 289 -7.02 -32.66 -39.26
C GLY B 289 -7.94 -33.56 -40.03
N GLU B 290 -8.27 -34.69 -39.44
CA GLU B 290 -9.10 -35.66 -40.12
C GLU B 290 -10.52 -35.11 -40.27
N LYS B 291 -11.19 -35.52 -41.34
CA LYS B 291 -12.58 -35.20 -41.47
C LYS B 291 -13.42 -36.29 -40.81
N PHE B 292 -14.01 -35.97 -39.66
CA PHE B 292 -14.82 -36.97 -39.01
C PHE B 292 -16.26 -36.89 -39.50
N ILE B 293 -17.04 -37.92 -39.18
CA ILE B 293 -18.45 -37.98 -39.52
C ILE B 293 -19.13 -38.87 -38.48
N ILE B 294 -20.32 -38.48 -38.03
CA ILE B 294 -21.00 -39.19 -36.95
C ILE B 294 -22.08 -40.11 -37.52
N ARG B 295 -22.02 -41.39 -37.13
CA ARG B 295 -22.98 -42.36 -37.64
C ARG B 295 -23.85 -42.86 -36.49
N ARG B 296 -25.02 -43.37 -36.85
CA ARG B 296 -25.98 -43.90 -35.88
C ARG B 296 -25.66 -45.35 -35.57
N LYS B 297 -26.08 -45.84 -34.41
CA LYS B 297 -25.97 -47.28 -34.18
C LYS B 297 -27.29 -47.89 -34.61
N SER B 298 -28.19 -48.17 -33.67
CA SER B 298 -29.55 -48.65 -33.99
C SER B 298 -30.50 -48.32 -32.85
N SER B 302 -34.24 -45.24 -34.31
CA SER B 302 -35.52 -44.59 -34.60
C SER B 302 -35.33 -43.30 -35.42
N ILE B 303 -35.20 -43.43 -36.72
CA ILE B 303 -34.77 -42.31 -37.55
C ILE B 303 -35.84 -41.48 -38.21
N ASN B 304 -35.87 -40.19 -37.84
CA ASN B 304 -36.69 -39.19 -38.49
C ASN B 304 -35.88 -37.98 -38.98
N ASP B 305 -34.68 -37.81 -38.42
CA ASP B 305 -33.87 -36.60 -38.61
C ASP B 305 -32.42 -36.98 -38.78
N ASP B 306 -31.58 -35.96 -38.94
CA ASP B 306 -30.15 -36.15 -38.88
C ASP B 306 -29.60 -35.50 -37.63
N ILE B 307 -30.45 -35.30 -36.64
CA ILE B 307 -30.02 -34.58 -35.47
C ILE B 307 -29.52 -35.52 -34.36
N VAL B 308 -28.39 -35.16 -33.77
CA VAL B 308 -27.81 -35.92 -32.68
C VAL B 308 -28.43 -35.38 -31.40
N ARG B 309 -28.96 -36.27 -30.59
CA ARG B 309 -29.61 -35.82 -29.39
C ARG B 309 -28.78 -36.31 -28.22
N LYS B 310 -28.86 -35.61 -27.10
CA LYS B 310 -28.11 -36.01 -25.90
C LYS B 310 -28.35 -37.49 -25.62
N GLU B 311 -27.29 -38.19 -25.22
CA GLU B 311 -27.36 -39.60 -24.82
C GLU B 311 -27.53 -40.56 -26.01
N ASP B 312 -27.54 -40.04 -27.25
CA ASP B 312 -27.55 -40.93 -28.44
C ASP B 312 -26.35 -41.86 -28.46
N TYR B 313 -26.53 -43.04 -29.04
CA TYR B 313 -25.40 -43.94 -29.25
C TYR B 313 -24.92 -43.80 -30.69
N ILE B 314 -23.61 -43.61 -30.84
CA ILE B 314 -23.04 -43.28 -32.14
C ILE B 314 -21.81 -44.09 -32.45
N TYR B 315 -21.39 -43.99 -33.70
CA TYR B 315 -20.07 -44.39 -34.15
C TYR B 315 -19.35 -43.12 -34.54
N LEU B 316 -18.10 -43.02 -34.12
CA LEU B 316 -17.26 -41.93 -34.56
C LEU B 316 -16.38 -42.47 -35.65
N ASP B 317 -16.69 -42.02 -36.87
CA ASP B 317 -16.01 -42.46 -38.07
C ASP B 317 -15.21 -41.30 -38.61
N PHE B 318 -14.32 -41.59 -39.55
CA PHE B 318 -13.62 -40.54 -40.29
C PHE B 318 -13.19 -41.10 -41.62
N PHE B 319 -12.83 -40.22 -42.54
CA PHE B 319 -12.50 -40.63 -43.89
C PHE B 319 -11.01 -40.81 -44.11
N ASN B 320 -10.63 -41.95 -44.67
CA ASN B 320 -9.23 -42.24 -45.02
C ASN B 320 -9.22 -42.73 -46.46
N LEU B 321 -8.80 -41.82 -47.35
CA LEU B 321 -8.80 -42.01 -48.81
C LEU B 321 -10.23 -42.33 -49.22
N ASN B 322 -10.43 -43.46 -49.87
CA ASN B 322 -11.76 -43.78 -50.36
C ASN B 322 -12.55 -44.61 -49.36
N GLN B 323 -12.06 -44.71 -48.13
CA GLN B 323 -12.73 -45.47 -47.10
C GLN B 323 -13.16 -44.71 -45.87
N GLU B 324 -14.23 -45.24 -45.26
CA GLU B 324 -14.70 -44.76 -43.98
C GLU B 324 -14.14 -45.67 -42.89
N TRP B 325 -13.33 -45.08 -42.02
CA TRP B 325 -12.75 -45.77 -40.88
C TRP B 325 -13.45 -45.38 -39.62
N ARG B 326 -13.13 -46.05 -38.53
CA ARG B 326 -13.88 -45.90 -37.30
C ARG B 326 -12.94 -45.70 -36.11
N VAL B 327 -13.47 -45.07 -35.08
CA VAL B 327 -12.74 -44.84 -33.84
C VAL B 327 -13.12 -45.91 -32.82
N TYR B 328 -12.10 -46.67 -32.40
CA TYR B 328 -12.25 -47.79 -31.47
C TYR B 328 -11.46 -47.59 -30.17
N THR B 329 -11.81 -48.32 -29.13
CA THR B 329 -10.89 -48.49 -28.00
C THR B 329 -10.58 -49.98 -27.73
N TYR B 330 -9.32 -50.29 -27.37
CA TYR B 330 -8.97 -51.66 -26.93
C TYR B 330 -9.79 -51.97 -25.70
N LYS B 331 -10.36 -53.17 -25.58
CA LYS B 331 -11.20 -53.47 -24.41
C LYS B 331 -10.42 -53.68 -23.12
N TYR B 332 -9.18 -54.10 -23.27
CA TYR B 332 -8.40 -54.66 -22.16
C TYR B 332 -7.13 -53.85 -21.91
N PHE B 333 -7.26 -52.52 -21.94
CA PHE B 333 -6.11 -51.63 -21.79
C PHE B 333 -5.72 -51.52 -20.33
N LYS B 334 -4.43 -51.39 -20.08
CA LYS B 334 -3.92 -51.66 -18.75
C LYS B 334 -3.70 -50.45 -17.86
N LYS B 335 -3.26 -49.33 -18.43
CA LYS B 335 -3.10 -48.09 -17.65
C LYS B 335 -4.39 -47.27 -17.63
N GLU B 336 -4.31 -46.07 -17.05
CA GLU B 336 -5.45 -45.16 -16.88
C GLU B 336 -5.88 -44.52 -18.20
N GLU B 337 -4.96 -44.56 -19.16
CA GLU B 337 -5.22 -44.09 -20.50
C GLU B 337 -4.46 -44.96 -21.47
N GLU B 338 -4.95 -45.01 -22.71
CA GLU B 338 -4.39 -45.74 -23.81
C GLU B 338 -4.79 -45.05 -25.13
N LYS B 339 -3.99 -45.23 -26.17
CA LYS B 339 -4.25 -44.60 -27.46
C LYS B 339 -5.52 -45.18 -28.08
N LEU B 340 -6.34 -44.35 -28.70
CA LEU B 340 -7.50 -44.90 -29.41
C LEU B 340 -6.99 -45.61 -30.65
N PHE B 341 -7.77 -46.58 -31.11
CA PHE B 341 -7.44 -47.36 -32.30
C PHE B 341 -8.27 -46.90 -33.51
N LEU B 342 -7.58 -46.44 -34.55
CA LEU B 342 -8.24 -45.92 -35.75
C LEU B 342 -8.04 -46.89 -36.89
N ALA B 343 -9.13 -47.46 -37.37
CA ALA B 343 -9.06 -48.61 -38.24
C ALA B 343 -10.33 -48.71 -39.06
N PRO B 344 -10.30 -49.50 -40.15
CA PRO B 344 -11.49 -49.71 -40.98
C PRO B 344 -12.65 -50.26 -40.19
N ILE B 345 -13.86 -50.08 -40.70
CA ILE B 345 -15.03 -50.66 -40.07
C ILE B 345 -14.88 -52.17 -40.14
N SER B 346 -14.94 -52.79 -38.96
CA SER B 346 -14.84 -54.22 -38.83
C SER B 346 -15.42 -54.58 -37.50
N ASP B 347 -15.87 -55.83 -37.40
CA ASP B 347 -16.37 -56.31 -36.14
C ASP B 347 -15.19 -56.97 -35.45
N SER B 348 -15.11 -56.78 -34.14
CA SER B 348 -13.96 -57.29 -33.41
C SER B 348 -14.34 -57.57 -31.97
N ASP B 349 -13.91 -58.72 -31.47
CA ASP B 349 -14.15 -59.06 -30.06
C ASP B 349 -13.07 -58.51 -29.12
N GLU B 350 -12.04 -57.85 -29.68
CA GLU B 350 -10.95 -57.26 -28.87
C GLU B 350 -11.18 -55.73 -28.66
N PHE B 351 -12.17 -55.16 -29.34
CA PHE B 351 -12.40 -53.70 -29.29
C PHE B 351 -13.87 -53.30 -29.08
N TYR B 352 -14.09 -52.20 -28.37
CA TYR B 352 -15.39 -51.55 -28.32
C TYR B 352 -15.48 -50.48 -29.42
N ASN B 353 -16.67 -50.28 -29.97
CA ASN B 353 -16.83 -49.25 -30.99
C ASN B 353 -17.97 -48.29 -30.65
N THR B 354 -18.67 -48.61 -29.58
CA THR B 354 -19.86 -47.90 -29.16
C THR B 354 -19.54 -46.70 -28.30
N ILE B 355 -19.94 -45.53 -28.78
CA ILE B 355 -19.77 -44.30 -28.05
C ILE B 355 -21.11 -43.69 -27.66
N GLN B 356 -21.23 -43.18 -26.44
CA GLN B 356 -22.43 -42.43 -26.12
C GLN B 356 -22.01 -41.00 -25.93
N ILE B 357 -22.68 -40.11 -26.65
CA ILE B 357 -22.33 -38.69 -26.64
C ILE B 357 -23.02 -37.98 -25.48
N LYS B 358 -22.24 -37.19 -24.74
CA LYS B 358 -22.76 -36.59 -23.51
C LYS B 358 -22.54 -35.08 -23.48
N GLU B 359 -23.26 -34.42 -22.58
CA GLU B 359 -22.98 -33.03 -22.28
C GLU B 359 -23.05 -32.85 -20.77
N TYR B 360 -21.89 -32.98 -20.13
CA TYR B 360 -21.81 -32.93 -18.69
C TYR B 360 -21.91 -31.51 -18.12
N ASP B 361 -21.49 -30.52 -18.88
CA ASP B 361 -21.45 -29.16 -18.36
C ASP B 361 -22.84 -28.63 -18.05
N GLU B 362 -22.95 -27.93 -16.92
CA GLU B 362 -24.22 -27.37 -16.47
C GLU B 362 -24.36 -25.91 -16.92
N GLN B 363 -23.23 -25.25 -17.24
CA GLN B 363 -23.34 -23.97 -17.95
C GLN B 363 -23.52 -24.22 -19.44
N PRO B 364 -24.13 -23.26 -20.15
CA PRO B 364 -24.25 -23.37 -21.62
C PRO B 364 -22.90 -23.60 -22.30
N THR B 365 -22.89 -24.46 -23.31
CA THR B 365 -21.65 -24.87 -23.96
C THR B 365 -21.97 -25.52 -25.29
N TYR B 366 -21.01 -25.51 -26.21
CA TYR B 366 -21.16 -26.24 -27.47
C TYR B 366 -20.27 -27.46 -27.42
N SER B 367 -19.70 -27.71 -26.24
CA SER B 367 -18.86 -28.88 -26.04
C SER B 367 -19.70 -30.06 -25.69
N CYS B 368 -19.23 -31.23 -26.11
CA CYS B 368 -19.81 -32.48 -25.72
C CYS B 368 -18.68 -33.39 -25.31
N GLN B 369 -19.02 -34.54 -24.75
CA GLN B 369 -18.04 -35.56 -24.36
C GLN B 369 -18.41 -36.88 -24.99
N LEU B 370 -17.41 -37.70 -25.24
CA LEU B 370 -17.59 -38.96 -25.96
C LEU B 370 -17.24 -40.14 -25.04
N LEU B 371 -18.28 -40.80 -24.54
CA LEU B 371 -18.15 -41.90 -23.58
C LEU B 371 -18.17 -43.31 -24.21
N PHE B 372 -17.09 -44.07 -24.09
CA PHE B 372 -17.10 -45.45 -24.60
C PHE B 372 -17.88 -46.39 -23.69
N LYS B 373 -18.61 -47.32 -24.30
CA LYS B 373 -19.41 -48.28 -23.57
C LYS B 373 -19.31 -49.64 -24.22
N LYS B 374 -19.65 -50.68 -23.45
CA LYS B 374 -19.63 -52.06 -23.92
C LYS B 374 -20.61 -52.31 -25.07
N ASP B 375 -21.84 -51.85 -24.88
CA ASP B 375 -22.90 -51.88 -25.89
C ASP B 375 -23.92 -50.82 -25.44
N GLU B 376 -25.08 -50.70 -26.12
CA GLU B 376 -26.08 -49.65 -25.79
C GLU B 376 -26.87 -49.91 -24.53
N GLU B 377 -26.82 -51.14 -24.05
CA GLU B 377 -27.66 -51.51 -22.93
C GLU B 377 -26.78 -51.61 -21.71
N SER B 378 -25.48 -51.49 -21.97
CA SER B 378 -24.51 -51.56 -20.91
C SER B 378 -24.59 -50.34 -20.00
N THR B 379 -24.27 -50.61 -18.75
CA THR B 379 -24.23 -49.62 -17.70
C THR B 379 -22.76 -49.34 -17.30
N ASP B 380 -21.83 -50.16 -17.80
CA ASP B 380 -20.40 -49.96 -17.56
C ASP B 380 -19.80 -48.85 -18.41
N GLU B 381 -18.99 -48.00 -17.78
CA GLU B 381 -18.33 -46.92 -18.49
C GLU B 381 -16.84 -47.20 -18.65
N ILE B 382 -16.38 -47.29 -19.89
CA ILE B 382 -14.99 -47.66 -20.14
C ILE B 382 -14.04 -46.47 -19.93
N GLY B 383 -14.45 -45.29 -20.38
CA GLY B 383 -13.60 -44.12 -20.36
C GLY B 383 -14.07 -43.05 -21.35
N LEU B 384 -13.49 -41.87 -21.23
CA LEU B 384 -13.88 -40.75 -22.05
C LEU B 384 -12.80 -40.45 -23.08
N ILE B 385 -13.22 -40.01 -24.27
CA ILE B 385 -12.28 -39.65 -25.31
C ILE B 385 -11.69 -38.29 -25.01
N GLY B 386 -10.37 -38.20 -25.13
CA GLY B 386 -9.62 -36.97 -24.86
C GLY B 386 -8.21 -37.02 -25.39
N ILE B 387 -7.32 -36.18 -24.84
CA ILE B 387 -5.90 -36.11 -25.24
C ILE B 387 -4.92 -36.25 -24.05
N HIS B 388 -3.92 -37.13 -24.17
CA HIS B 388 -2.93 -37.30 -23.12
C HIS B 388 -1.50 -37.52 -23.63
N ARG B 389 -0.50 -37.32 -22.78
CA ARG B 389 0.90 -37.57 -23.14
C ARG B 389 1.32 -39.02 -22.93
N PHE B 390 2.08 -39.53 -23.89
CA PHE B 390 2.59 -40.90 -23.87
C PHE B 390 4.10 -40.94 -24.06
N TYR B 391 4.74 -41.86 -23.36
CA TYR B 391 6.17 -42.08 -23.48
C TYR B 391 6.56 -42.55 -24.86
N GLU B 392 7.54 -41.85 -25.42
CA GLU B 392 8.05 -42.15 -26.75
C GLU B 392 9.47 -42.75 -26.65
N GLU B 399 11.35 -37.78 -23.80
CA GLU B 399 10.45 -37.39 -24.90
C GLU B 399 9.04 -37.99 -24.83
N TYR B 400 8.07 -37.09 -24.71
CA TYR B 400 6.65 -37.42 -24.60
C TYR B 400 5.85 -36.80 -25.74
N LYS B 401 4.75 -37.44 -26.13
CA LYS B 401 3.92 -36.97 -27.24
C LYS B 401 2.43 -37.20 -26.99
N ASP B 402 1.61 -36.24 -27.41
CA ASP B 402 0.17 -36.29 -27.23
C ASP B 402 -0.50 -37.24 -28.22
N TYR B 403 -1.52 -37.95 -27.77
CA TYR B 403 -2.26 -38.85 -28.66
C TYR B 403 -3.77 -38.77 -28.39
N PHE B 404 -4.53 -39.09 -29.43
CA PHE B 404 -6.00 -39.21 -29.39
C PHE B 404 -6.32 -40.41 -28.52
N CYS B 405 -6.95 -40.20 -27.37
CA CYS B 405 -6.95 -41.30 -26.40
C CYS B 405 -8.25 -41.61 -25.69
N ILE B 406 -8.27 -42.75 -24.98
CA ILE B 406 -9.27 -42.99 -23.95
C ILE B 406 -8.62 -42.91 -22.59
N SER B 407 -9.35 -42.41 -21.60
CA SER B 407 -8.80 -42.17 -20.27
C SER B 407 -9.89 -42.41 -19.24
N LYS B 408 -9.56 -43.16 -18.19
CA LYS B 408 -10.47 -43.36 -17.05
C LYS B 408 -10.46 -42.18 -16.06
N TRP B 409 -9.38 -41.40 -16.09
CA TRP B 409 -9.21 -40.23 -15.22
C TRP B 409 -10.39 -39.26 -15.36
N TYR B 410 -10.84 -39.04 -16.62
CA TYR B 410 -11.92 -38.10 -16.90
C TYR B 410 -13.22 -38.53 -16.25
N LEU B 411 -13.43 -39.84 -16.13
CA LEU B 411 -14.63 -40.37 -15.49
C LEU B 411 -14.78 -39.79 -14.12
N LYS B 412 -13.64 -39.60 -13.45
CA LYS B 412 -13.68 -38.95 -12.15
C LYS B 412 -13.90 -37.45 -12.31
N GLU B 413 -13.05 -36.85 -13.12
CA GLU B 413 -13.00 -35.40 -13.20
C GLU B 413 -14.29 -34.78 -13.74
N VAL B 414 -15.05 -35.48 -14.57
CA VAL B 414 -16.29 -34.87 -15.06
C VAL B 414 -17.32 -34.77 -13.95
N LYS B 415 -17.03 -35.37 -12.78
CA LYS B 415 -17.92 -35.26 -11.61
C LYS B 415 -17.54 -34.06 -10.72
N ARG B 416 -16.33 -33.54 -10.90
CA ARG B 416 -15.85 -32.45 -10.08
C ARG B 416 -16.62 -31.19 -10.49
N LYS B 417 -17.01 -30.39 -9.48
CA LYS B 417 -17.77 -29.17 -9.73
C LYS B 417 -17.04 -27.91 -9.26
N PRO B 418 -17.17 -26.81 -10.03
CA PRO B 418 -17.93 -26.68 -11.27
C PRO B 418 -17.28 -27.43 -12.42
N TYR B 419 -18.06 -27.92 -13.39
CA TYR B 419 -17.49 -28.66 -14.52
C TYR B 419 -16.40 -27.83 -15.23
N ASN B 420 -15.23 -28.41 -15.41
CA ASN B 420 -14.12 -27.71 -16.04
C ASN B 420 -14.16 -27.67 -17.59
N LEU B 421 -14.29 -26.46 -18.14
CA LEU B 421 -14.43 -26.26 -19.58
C LEU B 421 -13.21 -26.73 -20.33
N LYS B 422 -12.06 -26.72 -19.64
CA LYS B 422 -10.78 -26.93 -20.29
C LYS B 422 -10.28 -28.37 -20.16
N LEU B 423 -11.11 -29.26 -19.64
CA LEU B 423 -10.73 -30.68 -19.61
C LEU B 423 -10.54 -31.16 -21.05
N GLY B 424 -9.51 -31.95 -21.27
CA GLY B 424 -9.18 -32.44 -22.59
C GLY B 424 -10.14 -33.49 -23.09
N CYS B 425 -11.24 -33.70 -22.38
CA CYS B 425 -12.27 -34.62 -22.86
C CYS B 425 -13.44 -33.83 -23.41
N ASN B 426 -13.27 -32.52 -23.53
CA ASN B 426 -14.27 -31.62 -24.12
C ASN B 426 -14.05 -31.36 -25.60
N TRP B 427 -14.97 -31.84 -26.43
CA TRP B 427 -14.80 -31.75 -27.88
C TRP B 427 -15.87 -30.89 -28.53
N GLN B 428 -15.51 -30.27 -29.65
CA GLN B 428 -16.50 -29.60 -30.49
C GLN B 428 -16.29 -30.01 -31.95
N PHE B 429 -17.38 -30.03 -32.71
CA PHE B 429 -17.32 -30.46 -34.10
C PHE B 429 -17.51 -29.25 -35.02
N ILE B 430 -16.58 -29.07 -35.95
CA ILE B 430 -16.58 -27.89 -36.82
C ILE B 430 -16.84 -28.28 -38.29
N PRO B 431 -18.05 -27.98 -38.78
CA PRO B 431 -18.45 -28.17 -40.18
C PRO B 431 -17.98 -26.99 -41.02
N LYS B 432 -17.81 -27.19 -42.32
CA LYS B 432 -17.54 -26.07 -43.22
C LYS B 432 -18.69 -25.07 -43.10
N ASP B 433 -18.38 -23.79 -43.11
CA ASP B 433 -19.44 -22.80 -42.97
C ASP B 433 -19.09 -21.55 -43.75
N GLU B 434 -20.08 -21.00 -44.45
CA GLU B 434 -19.88 -19.82 -45.28
C GLU B 434 -19.47 -18.61 -44.43
N GLY B 435 -19.74 -18.65 -43.12
CA GLY B 435 -19.36 -17.56 -42.25
C GLY B 435 -17.91 -17.61 -41.73
N TRP B 436 -17.15 -18.63 -42.14
CA TRP B 436 -15.74 -18.75 -41.74
C TRP B 436 -14.90 -19.17 -42.95
N THR B 437 -13.94 -18.34 -43.35
CA THR B 437 -13.02 -18.66 -44.45
C THR B 437 -11.56 -18.46 -44.06
N GLU B 438 -10.70 -19.30 -44.60
CA GLU B 438 -9.30 -19.28 -44.24
C GLU B 438 -8.50 -19.80 -45.43
N ASN C 9 -18.08 6.36 5.37
CA ASN C 9 -19.53 6.51 5.25
C ASN C 9 -20.24 5.19 5.63
N ASN C 10 -19.83 4.11 4.98
CA ASN C 10 -20.38 2.78 5.25
C ASN C 10 -19.25 1.81 5.58
N ILE C 11 -18.06 2.35 5.81
CA ILE C 11 -16.89 1.56 6.14
C ILE C 11 -16.81 1.40 7.65
N ILE C 12 -16.63 0.16 8.11
CA ILE C 12 -16.57 -0.10 9.55
C ILE C 12 -15.23 -0.67 9.97
N LEU C 13 -14.42 -1.02 8.99
CA LEU C 13 -13.05 -1.46 9.23
C LEU C 13 -12.25 -1.11 7.98
N ASN C 14 -11.13 -0.45 8.19
CA ASN C 14 -10.25 -0.13 7.09
C ASN C 14 -8.80 -0.27 7.52
N LEU C 15 -8.26 -1.48 7.32
CA LEU C 15 -6.86 -1.74 7.63
C LEU C 15 -5.91 -1.08 6.65
N ARG C 16 -5.00 -0.25 7.17
CA ARG C 16 -3.95 0.36 6.37
C ARG C 16 -2.60 0.31 7.12
N TYR C 17 -1.51 0.52 6.39
CA TYR C 17 -0.16 0.57 6.95
C TYR C 17 0.16 1.94 7.65
N LYS C 18 0.82 1.87 8.81
CA LYS C 18 1.40 3.06 9.45
C LYS C 18 2.54 2.64 10.40
N ASP C 19 3.75 3.10 10.10
CA ASP C 19 4.92 2.85 10.94
C ASP C 19 5.13 1.37 11.17
N ASN C 20 5.35 0.64 10.08
CA ASN C 20 5.64 -0.79 10.18
C ASN C 20 4.61 -1.57 10.98
N ASN C 21 3.34 -1.20 10.83
CA ASN C 21 2.25 -1.89 11.52
C ASN C 21 0.95 -1.68 10.74
N LEU C 22 -0.10 -2.38 11.11
CA LEU C 22 -1.40 -2.21 10.46
C LEU C 22 -2.37 -1.52 11.42
N ILE C 23 -3.16 -0.56 10.95
CA ILE C 23 -4.05 0.12 11.88
C ILE C 23 -5.46 0.32 11.32
N ASP C 24 -6.45 0.40 12.19
CA ASP C 24 -7.83 0.63 11.76
C ASP C 24 -8.04 2.11 11.51
N LEU C 25 -8.36 2.41 10.26
CA LEU C 25 -8.51 3.79 9.86
C LEU C 25 -9.98 4.15 9.68
N SER C 26 -10.87 3.23 10.06
CA SER C 26 -12.31 3.44 9.91
C SER C 26 -12.83 4.52 10.82
N GLY C 27 -12.07 4.82 11.86
CA GLY C 27 -12.50 5.76 12.87
C GLY C 27 -13.24 5.06 13.99
N TYR C 28 -13.39 3.75 13.92
CA TYR C 28 -13.97 3.03 15.05
C TYR C 28 -12.83 2.43 15.86
N GLY C 29 -11.61 2.73 15.43
CA GLY C 29 -10.43 2.46 16.23
C GLY C 29 -10.38 1.04 16.76
N ALA C 30 -10.49 0.07 15.87
CA ALA C 30 -10.36 -1.32 16.27
C ALA C 30 -8.91 -1.60 16.62
N LYS C 31 -8.70 -2.47 17.59
CA LYS C 31 -7.35 -2.82 18.00
C LYS C 31 -6.83 -3.92 17.05
N VAL C 32 -5.63 -3.70 16.55
CA VAL C 32 -4.96 -4.59 15.62
C VAL C 32 -3.64 -5.11 16.14
N GLU C 33 -3.51 -6.43 16.27
CA GLU C 33 -2.25 -6.99 16.75
C GLU C 33 -1.50 -7.73 15.64
N VAL C 34 -0.41 -7.13 15.17
CA VAL C 34 0.41 -7.75 14.16
C VAL C 34 1.57 -8.49 14.81
N TYR C 35 1.59 -9.81 14.66
CA TYR C 35 2.65 -10.63 15.26
C TYR C 35 3.87 -10.68 14.35
N ASP C 36 5.00 -11.11 14.91
CA ASP C 36 6.29 -10.98 14.27
C ASP C 36 6.46 -11.89 13.07
N GLY C 37 5.55 -12.84 12.89
CA GLY C 37 5.63 -13.75 11.75
C GLY C 37 5.09 -13.12 10.47
N VAL C 38 4.60 -11.89 10.58
CA VAL C 38 4.02 -11.17 9.46
C VAL C 38 4.98 -10.17 8.82
N GLU C 39 5.20 -10.33 7.52
CA GLU C 39 6.02 -9.36 6.80
C GLU C 39 5.12 -8.22 6.33
N LEU C 40 5.57 -6.98 6.55
CA LEU C 40 4.80 -5.80 6.17
C LEU C 40 5.65 -4.88 5.32
N ASN C 41 5.04 -4.15 4.39
CA ASN C 41 5.82 -3.15 3.69
C ASN C 41 5.03 -1.87 3.48
N ASP C 42 5.74 -0.81 3.09
CA ASP C 42 5.08 0.50 2.98
C ASP C 42 4.15 0.60 1.78
N LYS C 43 4.03 -0.47 0.99
CA LYS C 43 3.08 -0.50 -0.12
C LYS C 43 1.78 -1.21 0.29
N ASN C 44 1.61 -1.37 1.60
CA ASN C 44 0.41 -1.98 2.20
C ASN C 44 0.20 -3.44 1.90
N GLN C 45 1.27 -4.13 1.51
CA GLN C 45 1.13 -5.53 1.28
C GLN C 45 1.55 -6.19 2.59
N PHE C 46 0.84 -7.25 2.99
CA PHE C 46 1.35 -8.06 4.07
C PHE C 46 1.27 -9.54 3.74
N LYS C 47 2.18 -10.30 4.33
CA LYS C 47 2.37 -11.67 3.94
C LYS C 47 2.07 -12.63 5.09
N LEU C 48 1.15 -13.55 4.87
CA LEU C 48 0.92 -14.65 5.79
C LEU C 48 1.71 -15.89 5.35
N THR C 49 2.59 -16.33 6.22
CA THR C 49 3.38 -17.53 6.03
C THR C 49 2.82 -18.65 6.88
N SER C 50 3.52 -19.78 6.88
CA SER C 50 3.05 -20.99 7.55
C SER C 50 3.42 -21.08 9.02
N SER C 51 4.38 -20.25 9.44
CA SER C 51 4.84 -20.29 10.82
C SER C 51 3.80 -19.69 11.77
N ALA C 52 3.75 -20.22 12.98
CA ALA C 52 2.65 -19.98 13.94
C ALA C 52 2.45 -18.53 14.37
N ASN C 53 3.53 -17.74 14.35
CA ASN C 53 3.44 -16.34 14.73
C ASN C 53 3.13 -15.43 13.54
N SER C 54 2.87 -16.02 12.38
CA SER C 54 2.44 -15.23 11.25
C SER C 54 0.93 -15.10 11.26
N LYS C 55 0.44 -14.18 12.09
CA LYS C 55 -0.98 -13.96 12.24
C LYS C 55 -1.26 -12.50 12.60
N ILE C 56 -2.50 -12.11 12.40
CA ILE C 56 -2.88 -10.78 12.74
C ILE C 56 -4.11 -10.97 13.54
N ARG C 57 -4.48 -9.91 14.22
CA ARG C 57 -5.44 -10.08 15.26
C ARG C 57 -6.20 -8.80 15.54
N VAL C 58 -7.39 -8.74 14.96
CA VAL C 58 -8.20 -7.55 15.01
C VAL C 58 -9.36 -7.66 15.98
N THR C 59 -9.36 -6.76 16.95
CA THR C 59 -10.41 -6.65 17.94
C THR C 59 -11.24 -5.43 17.56
N GLN C 60 -12.50 -5.70 17.21
CA GLN C 60 -13.41 -4.68 16.69
C GLN C 60 -14.12 -3.82 17.73
N ASN C 61 -14.49 -2.61 17.32
CA ASN C 61 -15.27 -1.73 18.17
C ASN C 61 -16.58 -2.48 18.41
N GLN C 62 -17.21 -2.24 19.56
CA GLN C 62 -18.36 -3.04 19.97
C GLN C 62 -19.64 -2.23 19.91
N ASN C 63 -19.69 -1.21 19.06
CA ASN C 63 -20.90 -0.40 18.98
C ASN C 63 -21.17 0.17 17.58
N ILE C 64 -20.88 -0.60 16.54
CA ILE C 64 -21.10 -0.16 15.17
C ILE C 64 -22.56 -0.33 14.77
N ILE C 65 -22.88 0.08 13.54
CA ILE C 65 -24.24 -0.03 13.04
C ILE C 65 -24.71 -1.48 12.99
N SER C 68 -24.83 -6.09 17.01
CA SER C 68 -23.97 -7.27 17.05
C SER C 68 -24.41 -8.28 16.02
N VAL C 69 -25.43 -7.93 15.28
CA VAL C 69 -25.91 -8.79 14.22
C VAL C 69 -25.81 -8.04 12.89
N PHE C 70 -25.17 -8.67 11.93
CA PHE C 70 -25.01 -8.12 10.59
C PHE C 70 -26.31 -8.11 9.81
N LEU C 71 -26.53 -7.08 9.01
CA LEU C 71 -27.68 -7.06 8.14
C LEU C 71 -27.16 -7.15 6.74
N ASP C 72 -26.79 -6.01 6.20
CA ASP C 72 -26.11 -6.04 4.93
C ASP C 72 -24.68 -5.70 5.17
N PHE C 73 -23.78 -6.50 4.66
CA PHE C 73 -22.37 -6.21 4.84
C PHE C 73 -21.50 -6.71 3.72
N SER C 74 -20.34 -6.13 3.58
CA SER C 74 -19.42 -6.45 2.49
C SER C 74 -17.95 -6.51 2.95
N VAL C 75 -17.16 -7.34 2.29
CA VAL C 75 -15.71 -7.39 2.51
C VAL C 75 -14.93 -7.19 1.21
N SER C 76 -13.87 -6.38 1.25
CA SER C 76 -12.96 -6.27 0.10
C SER C 76 -11.48 -6.33 0.51
N PHE C 77 -10.66 -6.82 -0.41
CA PHE C 77 -9.22 -6.92 -0.21
C PHE C 77 -8.58 -7.33 -1.53
N TRP C 78 -7.29 -7.06 -1.68
CA TRP C 78 -6.47 -7.61 -2.77
C TRP C 78 -5.67 -8.80 -2.22
N ILE C 79 -5.39 -9.77 -3.09
CA ILE C 79 -4.69 -10.98 -2.68
C ILE C 79 -3.75 -11.48 -3.78
N ARG C 80 -2.67 -12.14 -3.40
CA ARG C 80 -1.79 -12.81 -4.37
C ARG C 80 -1.47 -14.24 -3.92
N ILE C 81 -2.04 -15.18 -4.64
CA ILE C 81 -1.93 -16.58 -4.33
C ILE C 81 -0.91 -17.24 -5.24
N PRO C 82 0.13 -17.80 -4.62
CA PRO C 82 1.27 -18.39 -5.33
C PRO C 82 0.84 -19.57 -6.17
N LYS C 83 1.61 -19.81 -7.22
CA LYS C 83 1.43 -20.99 -8.06
C LYS C 83 1.62 -22.25 -7.24
N TYR C 84 0.80 -23.25 -7.53
CA TYR C 84 0.99 -24.59 -7.01
C TYR C 84 2.42 -25.01 -7.29
N LYS C 85 2.92 -25.90 -6.46
CA LYS C 85 4.17 -26.59 -6.74
C LYS C 85 3.86 -27.75 -7.66
N ASN C 86 4.65 -27.93 -8.72
CA ASN C 86 4.35 -29.01 -9.66
C ASN C 86 4.30 -30.40 -8.97
N ASP C 87 5.18 -30.67 -8.01
CA ASP C 87 5.13 -31.99 -7.42
C ASP C 87 4.14 -32.07 -6.26
N GLY C 88 3.56 -30.96 -5.85
CA GLY C 88 2.56 -31.00 -4.79
C GLY C 88 1.12 -30.70 -5.20
N ILE C 89 0.70 -31.24 -6.35
CA ILE C 89 -0.58 -30.87 -6.92
C ILE C 89 -1.79 -31.47 -6.21
N GLN C 90 -1.64 -32.71 -5.74
N GLN C 90 -1.66 -32.71 -5.74
CA GLN C 90 -2.70 -33.40 -5.03
CA GLN C 90 -2.75 -33.37 -5.04
C GLN C 90 -3.10 -32.66 -3.77
C GLN C 90 -3.11 -32.65 -3.75
N ASN C 91 -2.09 -32.24 -2.98
CA ASN C 91 -2.36 -31.50 -1.75
C ASN C 91 -2.95 -30.13 -2.01
N TYR C 92 -2.45 -29.45 -3.04
CA TYR C 92 -2.99 -28.17 -3.50
C TYR C 92 -4.49 -28.27 -3.76
N ILE C 93 -4.90 -29.25 -4.55
CA ILE C 93 -6.32 -29.36 -4.91
C ILE C 93 -7.23 -29.81 -3.76
N HIS C 94 -6.78 -30.72 -2.91
CA HIS C 94 -7.69 -31.26 -1.91
C HIS C 94 -7.66 -30.51 -0.57
N ASN C 95 -6.51 -29.95 -0.20
CA ASN C 95 -6.38 -29.31 1.12
C ASN C 95 -6.86 -27.87 1.21
N GLU C 96 -7.97 -27.68 1.91
CA GLU C 96 -8.54 -26.37 2.20
C GLU C 96 -7.89 -25.77 3.43
N TYR C 97 -7.68 -24.47 3.42
CA TYR C 97 -7.17 -23.77 4.59
C TYR C 97 -7.80 -22.41 4.74
N THR C 98 -8.08 -22.09 6.00
CA THR C 98 -8.63 -20.80 6.37
C THR C 98 -7.50 -19.78 6.30
N ILE C 99 -7.84 -18.56 5.93
CA ILE C 99 -6.81 -17.54 5.93
C ILE C 99 -7.27 -16.39 6.81
N ILE C 100 -8.59 -16.21 6.92
CA ILE C 100 -9.22 -15.20 7.76
C ILE C 100 -10.49 -15.70 8.41
N ASN C 101 -10.54 -15.61 9.73
CA ASN C 101 -11.64 -16.15 10.52
C ASN C 101 -12.21 -15.14 11.51
N CYS C 102 -13.52 -15.00 11.49
CA CYS C 102 -14.20 -14.04 12.36
C CYS C 102 -15.40 -14.71 12.99
N MET C 103 -15.19 -15.34 14.14
CA MET C 103 -16.24 -16.13 14.75
C MET C 103 -16.46 -15.70 16.19
N LYS C 104 -17.71 -15.64 16.61
CA LYS C 104 -18.04 -15.51 18.01
C LYS C 104 -19.22 -16.45 18.25
N ASN C 105 -19.13 -17.27 19.30
CA ASN C 105 -20.16 -18.26 19.59
C ASN C 105 -20.41 -19.15 18.38
N ASN C 106 -19.34 -19.55 17.70
CA ASN C 106 -19.47 -20.36 16.47
C ASN C 106 -20.40 -19.79 15.39
N SER C 107 -20.42 -18.45 15.30
CA SER C 107 -21.15 -17.74 14.25
C SER C 107 -20.26 -16.62 13.69
N GLY C 108 -20.43 -16.32 12.42
CA GLY C 108 -19.58 -15.34 11.77
C GLY C 108 -19.26 -15.77 10.36
N TRP C 109 -18.08 -15.38 9.87
CA TRP C 109 -17.66 -15.71 8.51
C TRP C 109 -16.19 -16.12 8.41
N LYS C 110 -15.84 -16.88 7.39
CA LYS C 110 -14.43 -17.16 7.15
C LYS C 110 -14.11 -17.18 5.67
N ILE C 111 -12.89 -16.76 5.35
CA ILE C 111 -12.38 -16.85 4.00
C ILE C 111 -11.32 -17.94 3.93
N SER C 112 -11.56 -18.93 3.08
CA SER C 112 -10.65 -20.04 2.96
C SER C 112 -10.14 -20.21 1.53
N ILE C 113 -9.11 -21.02 1.38
CA ILE C 113 -8.54 -21.35 0.08
C ILE C 113 -8.31 -22.83 -0.04
N ARG C 114 -8.78 -23.41 -1.14
CA ARG C 114 -8.42 -24.78 -1.49
C ARG C 114 -7.84 -24.82 -2.90
N GLY C 115 -6.52 -24.73 -2.99
CA GLY C 115 -5.86 -24.70 -4.27
C GLY C 115 -6.23 -23.49 -5.09
N ASN C 116 -6.88 -23.71 -6.24
CA ASN C 116 -7.21 -22.59 -7.10
C ASN C 116 -8.57 -21.96 -6.77
N ARG C 117 -9.10 -22.31 -5.60
CA ARG C 117 -10.40 -21.83 -5.18
C ARG C 117 -10.37 -21.00 -3.89
N ILE C 118 -10.96 -19.80 -3.92
CA ILE C 118 -11.11 -18.99 -2.73
C ILE C 118 -12.58 -18.96 -2.31
N ILE C 119 -12.82 -19.23 -1.03
CA ILE C 119 -14.16 -19.55 -0.55
C ILE C 119 -14.61 -18.61 0.58
N TRP C 120 -15.86 -18.19 0.51
CA TRP C 120 -16.48 -17.33 1.51
C TRP C 120 -17.56 -18.11 2.20
N THR C 121 -17.41 -18.29 3.50
CA THR C 121 -18.32 -19.16 4.24
C THR C 121 -19.06 -18.39 5.33
N LEU C 122 -20.37 -18.59 5.39
CA LEU C 122 -21.19 -17.98 6.45
C LEU C 122 -21.75 -19.01 7.43
N ILE C 123 -21.72 -18.66 8.71
CA ILE C 123 -22.37 -19.49 9.73
C ILE C 123 -23.25 -18.65 10.64
N ASP C 124 -24.55 -18.91 10.58
CA ASP C 124 -25.51 -18.21 11.43
C ASP C 124 -25.53 -18.92 12.78
N ILE C 125 -26.39 -18.49 13.70
CA ILE C 125 -26.36 -19.05 15.04
C ILE C 125 -26.75 -20.53 15.12
N ASN C 126 -27.59 -21.01 14.21
CA ASN C 126 -28.03 -22.41 14.28
C ASN C 126 -26.96 -23.35 13.78
N GLY C 127 -25.89 -22.76 13.25
CA GLY C 127 -24.77 -23.51 12.74
C GLY C 127 -25.01 -23.99 11.33
N LYS C 128 -26.18 -23.69 10.77
CA LYS C 128 -26.40 -24.01 9.37
C LYS C 128 -25.56 -23.06 8.55
N THR C 129 -24.86 -23.60 7.57
CA THR C 129 -23.83 -22.86 6.86
C THR C 129 -24.05 -22.86 5.34
N LYS C 130 -23.65 -21.76 4.70
CA LYS C 130 -23.67 -21.67 3.23
C LYS C 130 -22.40 -21.01 2.75
N SER C 131 -21.97 -21.43 1.57
CA SER C 131 -20.77 -20.87 0.98
C SER C 131 -20.97 -20.39 -0.44
N VAL C 132 -20.13 -19.47 -0.85
CA VAL C 132 -20.04 -19.05 -2.23
C VAL C 132 -18.55 -18.95 -2.54
N PHE C 133 -18.15 -19.36 -3.73
CA PHE C 133 -16.73 -19.40 -4.07
C PHE C 133 -16.38 -18.97 -5.50
N PHE C 134 -15.14 -18.59 -5.69
CA PHE C 134 -14.57 -18.37 -7.02
C PHE C 134 -13.34 -19.23 -7.22
N GLU C 135 -13.28 -19.97 -8.32
CA GLU C 135 -12.05 -20.71 -8.60
C GLU C 135 -11.58 -20.41 -10.02
N TYR C 136 -10.29 -20.10 -10.13
CA TYR C 136 -9.69 -19.76 -11.40
C TYR C 136 -9.08 -21.00 -11.95
N ASN C 137 -9.03 -21.07 -13.26
CA ASN C 137 -8.66 -22.28 -13.94
C ASN C 137 -7.14 -22.49 -13.92
N ILE C 138 -6.69 -23.74 -13.70
CA ILE C 138 -5.26 -24.04 -13.66
C ILE C 138 -4.79 -24.82 -14.89
N ARG C 139 -5.57 -24.75 -15.96
CA ARG C 139 -5.15 -25.29 -17.24
C ARG C 139 -4.98 -24.16 -18.29
N GLU C 140 -4.88 -22.92 -17.83
CA GLU C 140 -4.70 -21.75 -18.70
C GLU C 140 -3.26 -21.60 -19.18
N ASP C 141 -3.03 -21.30 -20.45
CA ASP C 141 -1.66 -21.09 -20.89
C ASP C 141 -1.00 -20.00 -20.05
N ILE C 142 -1.69 -18.88 -19.94
CA ILE C 142 -1.25 -17.72 -19.17
C ILE C 142 -2.42 -17.30 -18.33
N SER C 143 -2.29 -17.41 -17.00
CA SER C 143 -3.42 -17.12 -16.15
C SER C 143 -3.39 -15.64 -15.81
N GLU C 144 -4.55 -15.03 -15.63
CA GLU C 144 -4.56 -13.65 -15.15
C GLU C 144 -4.53 -13.58 -13.62
N TYR C 145 -4.65 -14.73 -12.95
CA TYR C 145 -4.87 -14.75 -11.50
C TYR C 145 -3.69 -15.38 -10.71
N ILE C 146 -3.14 -16.50 -11.19
CA ILE C 146 -2.09 -17.21 -10.45
C ILE C 146 -0.86 -16.37 -10.14
N ASN C 147 -0.57 -16.23 -8.85
CA ASN C 147 0.56 -15.42 -8.36
C ASN C 147 0.56 -13.97 -8.84
N ARG C 148 -0.60 -13.45 -9.24
CA ARG C 148 -0.71 -12.03 -9.61
C ARG C 148 -1.74 -11.40 -8.73
N TRP C 149 -1.43 -10.20 -8.22
CA TRP C 149 -2.40 -9.46 -7.43
C TRP C 149 -3.73 -9.32 -8.15
N PHE C 150 -4.82 -9.82 -7.56
CA PHE C 150 -6.13 -9.43 -8.06
C PHE C 150 -7.05 -8.98 -6.92
N PHE C 151 -8.19 -8.42 -7.30
CA PHE C 151 -9.08 -7.76 -6.35
C PHE C 151 -10.36 -8.54 -6.05
N VAL C 152 -10.64 -8.71 -4.76
CA VAL C 152 -11.78 -9.49 -4.32
C VAL C 152 -12.79 -8.64 -3.58
N THR C 153 -14.08 -8.84 -3.85
CA THR C 153 -15.15 -8.22 -3.05
C THR C 153 -16.33 -9.17 -2.85
N ILE C 154 -16.71 -9.38 -1.58
CA ILE C 154 -17.82 -10.24 -1.22
C ILE C 154 -18.96 -9.40 -0.65
N THR C 155 -20.18 -9.53 -1.19
CA THR C 155 -21.32 -8.77 -0.66
C THR C 155 -22.41 -9.71 -0.16
N ASN C 156 -23.09 -9.27 0.90
CA ASN C 156 -24.19 -10.03 1.50
C ASN C 156 -25.41 -9.16 1.77
N ASN C 157 -26.57 -9.60 1.29
CA ASN C 157 -27.82 -9.04 1.80
C ASN C 157 -28.75 -10.13 2.33
N LEU C 158 -30.02 -9.77 2.48
CA LEU C 158 -31.04 -10.68 2.98
C LEU C 158 -31.13 -12.01 2.20
N ASN C 159 -30.83 -11.99 0.90
CA ASN C 159 -31.07 -13.15 0.03
C ASN C 159 -29.89 -13.72 -0.74
N ASN C 160 -28.79 -12.98 -0.84
CA ASN C 160 -27.67 -13.47 -1.64
C ASN C 160 -26.27 -13.18 -1.09
N ALA C 161 -25.35 -14.12 -1.31
CA ALA C 161 -23.93 -13.87 -1.13
C ALA C 161 -23.27 -13.90 -2.51
N LYS C 162 -22.53 -12.86 -2.84
CA LYS C 162 -21.88 -12.69 -4.15
C LYS C 162 -20.35 -12.48 -4.06
N ILE C 163 -19.61 -13.04 -5.01
CA ILE C 163 -18.17 -12.77 -5.14
C ILE C 163 -17.82 -12.04 -6.43
N TYR C 164 -17.18 -10.89 -6.29
CA TYR C 164 -16.69 -10.13 -7.43
C TYR C 164 -15.17 -10.20 -7.52
N ILE C 165 -14.69 -10.37 -8.72
CA ILE C 165 -13.26 -10.40 -8.99
C ILE C 165 -12.87 -9.30 -9.97
N ASN C 166 -11.97 -8.43 -9.53
CA ASN C 166 -11.55 -7.35 -10.38
C ASN C 166 -12.74 -6.53 -10.91
N GLY C 167 -13.74 -6.34 -10.04
CA GLY C 167 -14.91 -5.53 -10.33
C GLY C 167 -16.11 -6.26 -10.95
N LYS C 168 -15.93 -7.53 -11.32
CA LYS C 168 -16.94 -8.30 -12.05
C LYS C 168 -17.55 -9.46 -11.27
N LEU C 169 -18.86 -9.64 -11.39
CA LEU C 169 -19.54 -10.73 -10.67
C LEU C 169 -19.08 -12.09 -11.14
N GLU C 170 -18.71 -12.98 -10.20
CA GLU C 170 -18.22 -14.31 -10.58
C GLU C 170 -19.06 -15.43 -10.00
N SER C 171 -19.62 -15.24 -8.82
CA SER C 171 -20.41 -16.29 -8.22
C SER C 171 -21.54 -15.72 -7.40
N ASN C 172 -22.62 -16.47 -7.27
CA ASN C 172 -23.80 -16.04 -6.50
C ASN C 172 -24.40 -17.25 -5.78
N THR C 173 -24.72 -17.08 -4.50
CA THR C 173 -25.35 -18.14 -3.72
C THR C 173 -26.57 -17.61 -2.96
N ASP C 174 -27.66 -18.38 -3.02
CA ASP C 174 -28.87 -18.07 -2.28
C ASP C 174 -28.67 -18.32 -0.80
N ILE C 175 -28.87 -17.29 0.02
CA ILE C 175 -28.74 -17.43 1.46
C ILE C 175 -30.02 -17.04 2.19
N LYS C 176 -31.17 -17.26 1.54
CA LYS C 176 -32.46 -16.99 2.13
C LYS C 176 -32.61 -17.81 3.40
N ASP C 177 -32.07 -19.03 3.36
CA ASP C 177 -32.16 -19.98 4.47
C ASP C 177 -31.28 -19.63 5.68
N ILE C 178 -30.37 -18.70 5.51
CA ILE C 178 -29.47 -18.30 6.59
C ILE C 178 -30.14 -17.32 7.54
N ARG C 179 -29.95 -17.46 8.85
CA ARG C 179 -30.53 -16.42 9.71
C ARG C 179 -29.44 -15.46 10.15
N GLU C 180 -29.43 -15.11 11.44
CA GLU C 180 -28.53 -14.07 11.96
C GLU C 180 -27.09 -14.53 12.18
N VAL C 181 -26.16 -13.70 11.73
CA VAL C 181 -24.76 -13.99 11.90
C VAL C 181 -24.11 -12.95 12.80
N ILE C 182 -23.32 -13.38 13.76
CA ILE C 182 -22.70 -12.41 14.64
C ILE C 182 -21.49 -11.80 14.00
N ALA C 183 -21.45 -10.49 13.91
CA ALA C 183 -20.34 -9.83 13.27
C ALA C 183 -19.38 -9.10 14.18
N ASN C 184 -19.56 -9.21 15.48
CA ASN C 184 -18.74 -8.45 16.39
C ASN C 184 -17.52 -9.22 16.81
N GLY C 185 -17.32 -10.37 16.20
CA GLY C 185 -16.27 -11.27 16.62
C GLY C 185 -14.91 -10.72 16.33
N GLU C 186 -13.89 -11.30 16.94
CA GLU C 186 -12.52 -10.93 16.64
C GLU C 186 -12.11 -11.59 15.35
N ILE C 187 -11.26 -10.91 14.60
CA ILE C 187 -10.83 -11.30 13.24
C ILE C 187 -9.42 -11.88 13.27
N ILE C 188 -9.28 -13.11 12.78
CA ILE C 188 -7.97 -13.76 12.76
C ILE C 188 -7.44 -13.95 11.34
N PHE C 189 -6.35 -13.27 11.02
CA PHE C 189 -5.67 -13.51 9.76
C PHE C 189 -4.60 -14.55 10.00
N LYS C 190 -4.78 -15.77 9.54
CA LYS C 190 -3.73 -16.77 9.73
C LYS C 190 -3.94 -17.96 8.83
N LEU C 191 -2.87 -18.51 8.27
CA LEU C 191 -3.04 -19.77 7.54
C LEU C 191 -3.38 -20.84 8.54
N ASP C 192 -4.53 -21.46 8.34
CA ASP C 192 -5.02 -22.49 9.25
C ASP C 192 -5.67 -23.61 8.46
N GLY C 193 -4.99 -24.76 8.43
CA GLY C 193 -5.42 -25.94 7.71
C GLY C 193 -4.23 -26.85 7.43
N ASP C 194 -4.48 -28.00 6.80
CA ASP C 194 -3.38 -28.91 6.52
C ASP C 194 -2.59 -28.40 5.33
N ILE C 195 -1.66 -27.48 5.56
CA ILE C 195 -0.93 -26.84 4.44
C ILE C 195 0.51 -27.30 4.32
N ASP C 196 1.09 -27.01 3.17
CA ASP C 196 2.51 -27.24 2.93
C ASP C 196 3.26 -26.09 3.60
N ARG C 197 4.47 -26.36 4.08
CA ARG C 197 5.28 -25.33 4.76
C ARG C 197 5.61 -24.14 3.84
N THR C 198 5.73 -24.39 2.54
CA THR C 198 6.06 -23.34 1.57
C THR C 198 4.89 -22.40 1.26
N GLN C 199 3.72 -22.77 1.77
CA GLN C 199 2.50 -22.03 1.53
C GLN C 199 2.54 -20.66 2.21
N PHE C 200 2.08 -19.68 1.45
CA PHE C 200 1.95 -18.31 1.90
C PHE C 200 0.91 -17.53 1.06
N ILE C 201 0.59 -16.33 1.51
CA ILE C 201 -0.45 -15.53 0.89
C ILE C 201 -0.07 -14.07 1.06
N TRP C 202 -0.20 -13.25 0.03
CA TRP C 202 -0.05 -11.82 0.25
C TRP C 202 -1.43 -11.19 0.21
N MET C 203 -1.63 -10.14 1.03
CA MET C 203 -2.88 -9.36 1.07
C MET C 203 -2.60 -7.87 1.20
N LYS C 204 -3.64 -7.08 0.92
CA LYS C 204 -3.55 -5.62 0.85
C LYS C 204 -4.94 -4.99 0.92
N TYR C 205 -5.07 -3.86 1.62
CA TYR C 205 -6.30 -3.08 1.72
C TYR C 205 -7.54 -3.86 2.17
N PHE C 206 -7.41 -4.65 3.23
CA PHE C 206 -8.57 -5.37 3.75
C PHE C 206 -9.55 -4.38 4.38
N SER C 207 -10.82 -4.48 3.98
CA SER C 207 -11.86 -3.53 4.43
C SER C 207 -13.22 -4.20 4.59
N ILE C 208 -14.04 -3.62 5.48
CA ILE C 208 -15.40 -4.12 5.73
C ILE C 208 -16.41 -2.97 5.70
N PHE C 209 -17.61 -3.28 5.20
CA PHE C 209 -18.60 -2.26 4.96
C PHE C 209 -19.93 -2.60 5.60
N ASN C 210 -20.62 -1.56 6.05
CA ASN C 210 -21.88 -1.66 6.75
C ASN C 210 -23.06 -1.88 5.79
N THR C 211 -22.76 -2.06 4.51
CA THR C 211 -23.79 -2.26 3.49
C THR C 211 -23.39 -3.25 2.37
N GLU C 212 -24.36 -3.71 1.59
CA GLU C 212 -24.06 -4.48 0.38
C GLU C 212 -23.68 -3.58 -0.80
N LEU C 213 -22.41 -3.64 -1.22
CA LEU C 213 -21.94 -2.79 -2.31
C LEU C 213 -22.53 -3.19 -3.66
N SER C 214 -22.91 -2.19 -4.46
CA SER C 214 -23.39 -2.43 -5.83
C SER C 214 -22.22 -2.65 -6.77
N GLN C 215 -22.45 -3.33 -7.88
N GLN C 215 -22.45 -3.40 -7.84
CA GLN C 215 -21.39 -3.66 -8.84
CA GLN C 215 -21.44 -3.70 -8.86
C GLN C 215 -20.63 -2.43 -9.30
C GLN C 215 -20.66 -2.45 -9.32
N SER C 216 -21.38 -1.35 -9.51
CA SER C 216 -20.78 -0.11 -9.95
C SER C 216 -19.83 0.43 -8.88
N ASN C 217 -20.27 0.34 -7.62
CA ASN C 217 -19.47 0.89 -6.55
C ASN C 217 -18.20 0.07 -6.44
N ILE C 218 -18.33 -1.23 -6.68
CA ILE C 218 -17.21 -2.14 -6.63
C ILE C 218 -16.24 -1.85 -7.79
N GLU C 219 -16.78 -1.64 -8.98
CA GLU C 219 -15.93 -1.31 -10.11
C GLU C 219 -15.09 -0.05 -9.84
N GLU C 220 -15.71 0.98 -9.24
CA GLU C 220 -14.97 2.21 -8.93
C GLU C 220 -13.89 1.97 -7.90
N ARG C 221 -14.21 1.18 -6.89
CA ARG C 221 -13.25 0.91 -5.84
C ARG C 221 -12.05 0.20 -6.39
N TYR C 222 -12.30 -0.74 -7.30
CA TYR C 222 -11.26 -1.47 -8.02
C TYR C 222 -10.35 -0.52 -8.77
N LYS C 223 -10.98 0.37 -9.56
CA LYS C 223 -10.29 1.37 -10.40
C LYS C 223 -9.49 2.40 -9.58
N ILE C 224 -10.04 2.82 -8.43
CA ILE C 224 -9.36 3.75 -7.53
C ILE C 224 -8.19 3.07 -6.76
N GLN C 225 -8.40 1.87 -6.27
CA GLN C 225 -7.32 1.20 -5.57
C GLN C 225 -6.20 0.79 -6.49
N SER C 226 -6.50 0.74 -7.78
CA SER C 226 -5.53 0.37 -8.78
C SER C 226 -4.54 1.45 -9.17
N TYR C 227 -4.96 2.71 -9.19
CA TYR C 227 -4.05 3.78 -9.59
C TYR C 227 -2.78 3.67 -8.80
N SER C 228 -1.68 3.93 -9.47
CA SER C 228 -0.41 3.98 -8.80
C SER C 228 0.43 5.03 -9.47
N GLU C 229 1.28 5.63 -8.66
CA GLU C 229 2.17 6.66 -9.14
C GLU C 229 3.05 5.97 -10.17
N TYR C 230 3.45 4.79 -9.74
CA TYR C 230 4.38 3.93 -10.44
C TYR C 230 3.75 2.93 -11.42
N LEU C 231 4.62 2.32 -12.21
CA LEU C 231 4.23 1.25 -13.11
C LEU C 231 4.34 -0.08 -12.36
N LYS C 232 3.77 -1.13 -12.93
CA LYS C 232 3.78 -2.43 -12.26
C LYS C 232 4.45 -3.49 -13.11
N ASP C 233 4.91 -4.58 -12.48
CA ASP C 233 5.46 -5.69 -13.22
C ASP C 233 4.31 -6.67 -13.48
N PHE C 234 4.61 -7.79 -14.12
CA PHE C 234 3.63 -8.84 -14.46
C PHE C 234 2.88 -9.38 -13.23
N TRP C 235 3.50 -9.30 -12.05
CA TRP C 235 2.88 -9.89 -10.84
C TRP C 235 1.97 -8.90 -10.15
N GLY C 236 2.12 -7.63 -10.50
CA GLY C 236 1.31 -6.57 -9.92
C GLY C 236 2.03 -5.69 -8.91
N ASN C 237 3.29 -6.01 -8.64
CA ASN C 237 4.17 -5.26 -7.76
C ASN C 237 4.80 -4.06 -8.48
N PRO C 238 5.36 -3.10 -7.75
CA PRO C 238 5.94 -1.97 -8.49
C PRO C 238 7.09 -2.34 -9.45
N LEU C 239 7.05 -1.77 -10.65
CA LEU C 239 8.12 -1.91 -11.63
C LEU C 239 9.38 -1.17 -11.18
N MET C 240 10.52 -1.81 -11.29
CA MET C 240 11.75 -1.26 -10.78
C MET C 240 12.85 -1.06 -11.80
N TYR C 241 13.70 -0.08 -11.54
CA TYR C 241 14.96 0.04 -12.24
C TYR C 241 15.93 -1.01 -11.73
N ASN C 242 16.89 -1.37 -12.58
CA ASN C 242 17.99 -2.27 -12.23
C ASN C 242 17.55 -3.64 -11.72
N LYS C 243 16.38 -4.11 -12.18
CA LYS C 243 15.89 -5.45 -11.81
C LYS C 243 15.73 -6.32 -13.08
N GLU C 244 16.16 -7.58 -13.01
CA GLU C 244 16.14 -8.51 -14.14
C GLU C 244 14.72 -8.93 -14.55
N TYR C 245 14.44 -8.80 -15.84
CA TYR C 245 13.08 -9.01 -16.34
C TYR C 245 12.95 -9.79 -17.62
N TYR C 246 12.00 -10.73 -17.64
CA TYR C 246 11.56 -11.33 -18.89
C TYR C 246 10.42 -10.49 -19.44
N MET C 247 10.26 -10.50 -20.75
CA MET C 247 9.21 -9.69 -21.34
C MET C 247 8.04 -10.51 -21.85
N PHE C 248 6.87 -10.01 -21.50
CA PHE C 248 5.59 -10.62 -21.84
C PHE C 248 4.84 -9.62 -22.69
N ASN C 249 4.15 -10.13 -23.71
CA ASN C 249 3.38 -9.28 -24.63
C ASN C 249 1.88 -9.59 -24.63
N ALA C 250 1.07 -8.66 -24.15
CA ALA C 250 -0.36 -8.87 -23.99
C ALA C 250 -1.11 -9.14 -25.29
N GLY C 251 -0.50 -8.80 -26.42
CA GLY C 251 -1.12 -8.98 -27.72
C GLY C 251 -0.71 -10.29 -28.35
N ASN C 252 0.29 -10.91 -27.73
CA ASN C 252 0.84 -12.17 -28.20
C ASN C 252 1.28 -13.02 -26.98
N LYS C 253 0.32 -13.41 -26.15
CA LYS C 253 0.66 -13.93 -24.82
C LYS C 253 1.65 -15.10 -24.81
N ASN C 254 1.47 -16.05 -25.73
CA ASN C 254 2.28 -17.24 -25.83
C ASN C 254 3.60 -17.09 -26.59
N SER C 255 3.98 -15.85 -26.87
CA SER C 255 5.21 -15.54 -27.62
C SER C 255 6.25 -14.85 -26.72
N TYR C 256 7.52 -14.98 -27.10
CA TYR C 256 8.62 -14.33 -26.40
C TYR C 256 9.77 -13.95 -27.33
N ILE C 257 10.64 -13.07 -26.84
CA ILE C 257 11.77 -12.53 -27.57
C ILE C 257 13.07 -13.29 -27.33
N LYS C 258 13.70 -13.76 -28.39
CA LYS C 258 15.04 -14.31 -28.25
C LYS C 258 15.92 -13.66 -29.30
N LEU C 259 17.13 -13.30 -28.91
CA LEU C 259 18.11 -12.76 -29.84
C LEU C 259 18.34 -13.76 -30.95
N LYS C 260 18.17 -13.30 -32.20
CA LYS C 260 18.34 -14.12 -33.40
C LYS C 260 19.76 -14.60 -33.59
N LYS C 261 19.91 -15.86 -33.98
CA LYS C 261 21.23 -16.43 -34.24
C LYS C 261 22.01 -15.67 -35.31
N ASP C 262 23.20 -15.18 -34.94
CA ASP C 262 24.09 -14.49 -35.87
C ASP C 262 23.49 -13.21 -36.48
N SER C 263 22.41 -12.70 -35.90
CA SER C 263 21.80 -11.45 -36.35
C SER C 263 21.35 -10.57 -35.17
N PRO C 264 21.77 -9.29 -35.16
CA PRO C 264 21.46 -8.38 -34.05
C PRO C 264 20.01 -7.85 -34.00
N VAL C 265 19.05 -8.76 -34.12
CA VAL C 265 17.62 -8.43 -34.03
C VAL C 265 16.88 -9.45 -33.15
N GLY C 266 15.72 -9.07 -32.63
CA GLY C 266 14.95 -9.97 -31.81
C GLY C 266 13.87 -10.69 -32.58
N GLU C 267 14.06 -11.99 -32.78
CA GLU C 267 13.03 -12.82 -33.38
C GLU C 267 12.05 -13.23 -32.29
N ILE C 268 10.88 -13.66 -32.69
CA ILE C 268 9.83 -14.01 -31.74
C ILE C 268 9.54 -15.50 -31.74
N LEU C 269 9.62 -16.14 -30.57
CA LEU C 269 9.42 -17.58 -30.50
C LEU C 269 8.18 -17.93 -29.71
N THR C 270 7.73 -19.18 -29.82
CA THR C 270 6.57 -19.63 -29.08
C THR C 270 6.98 -20.32 -27.78
N ARG C 271 6.40 -19.88 -26.67
CA ARG C 271 6.74 -20.39 -25.35
C ARG C 271 6.71 -21.93 -25.26
N SER C 272 7.70 -22.49 -24.56
CA SER C 272 7.65 -23.90 -24.20
C SER C 272 6.57 -24.05 -23.14
N LYS C 273 6.08 -25.26 -22.98
CA LYS C 273 5.03 -25.54 -22.03
C LYS C 273 5.46 -26.57 -20.98
N TYR C 274 4.66 -26.72 -19.93
CA TYR C 274 4.87 -27.73 -18.91
C TYR C 274 4.91 -29.12 -19.53
N ASN C 275 6.04 -29.80 -19.40
CA ASN C 275 6.25 -31.03 -20.19
C ASN C 275 6.27 -32.28 -19.35
N GLN C 276 5.82 -32.19 -18.11
CA GLN C 276 5.77 -33.37 -17.28
C GLN C 276 4.38 -33.99 -17.38
N ASN C 277 4.01 -34.88 -16.47
CA ASN C 277 2.89 -35.77 -16.76
C ASN C 277 1.66 -35.74 -15.85
N SER C 278 1.61 -34.77 -14.96
CA SER C 278 0.41 -34.53 -14.22
C SER C 278 -0.58 -34.10 -15.26
N LYS C 279 -1.84 -34.43 -15.07
CA LYS C 279 -2.85 -34.11 -16.05
C LYS C 279 -3.77 -33.00 -15.55
N TYR C 280 -3.47 -32.50 -14.36
CA TYR C 280 -4.29 -31.47 -13.73
C TYR C 280 -3.96 -30.09 -14.23
N ILE C 281 -2.73 -29.91 -14.70
CA ILE C 281 -2.23 -28.58 -14.93
C ILE C 281 -1.68 -28.41 -16.32
N ASN C 282 -1.79 -27.20 -16.81
CA ASN C 282 -1.05 -26.82 -17.98
C ASN C 282 -0.76 -25.35 -17.85
N TYR C 283 0.43 -24.97 -18.33
CA TYR C 283 0.84 -23.57 -18.35
C TYR C 283 1.98 -23.43 -19.32
N ARG C 284 2.25 -22.19 -19.73
CA ARG C 284 3.40 -21.89 -20.58
C ARG C 284 4.50 -21.34 -19.71
N ASP C 285 5.75 -21.58 -20.07
CA ASP C 285 6.87 -21.07 -19.24
C ASP C 285 6.96 -19.55 -19.28
N LEU C 286 7.33 -18.95 -18.16
CA LEU C 286 7.40 -17.50 -18.08
C LEU C 286 8.83 -16.98 -18.04
N TYR C 287 9.73 -17.78 -17.50
CA TYR C 287 11.12 -17.36 -17.38
C TYR C 287 11.87 -17.74 -18.63
N ILE C 288 11.51 -17.14 -19.77
CA ILE C 288 12.21 -17.44 -21.03
C ILE C 288 12.40 -16.23 -21.91
N GLY C 289 13.30 -16.37 -22.87
CA GLY C 289 13.65 -15.26 -23.72
C GLY C 289 14.78 -14.49 -23.10
N GLU C 290 15.10 -13.33 -23.66
CA GLU C 290 16.21 -12.54 -23.20
C GLU C 290 15.88 -12.00 -21.82
N LYS C 291 16.91 -11.85 -20.99
CA LYS C 291 16.76 -11.21 -19.68
C LYS C 291 16.95 -9.72 -19.82
N PHE C 292 15.87 -8.97 -19.69
CA PHE C 292 15.97 -7.53 -19.83
C PHE C 292 16.26 -6.86 -18.50
N ILE C 293 16.66 -5.59 -18.59
CA ILE C 293 16.88 -4.78 -17.40
C ILE C 293 16.67 -3.32 -17.79
N ILE C 294 15.97 -2.58 -16.95
CA ILE C 294 15.61 -1.20 -17.22
C ILE C 294 16.52 -0.21 -16.54
N ARG C 295 17.12 0.69 -17.32
CA ARG C 295 18.07 1.66 -16.76
C ARG C 295 17.50 3.07 -16.85
N ARG C 296 18.01 3.97 -16.02
CA ARG C 296 17.60 5.36 -16.10
C ARG C 296 18.47 6.06 -17.12
N LYS C 297 17.87 6.99 -17.86
CA LYS C 297 18.64 7.88 -18.70
C LYS C 297 18.76 9.19 -17.93
N SER C 298 19.97 9.72 -17.77
CA SER C 298 20.15 10.99 -17.06
C SER C 298 21.38 11.73 -17.59
N GLN C 301 19.57 13.62 -12.64
CA GLN C 301 19.04 14.31 -11.46
C GLN C 301 18.72 13.34 -10.36
N SER C 302 18.64 13.82 -9.13
CA SER C 302 18.47 12.91 -8.01
C SER C 302 17.23 12.02 -8.08
N ILE C 303 17.38 10.85 -7.49
CA ILE C 303 16.34 9.87 -7.44
C ILE C 303 15.85 9.74 -6.02
N ASN C 304 14.65 9.23 -5.84
CA ASN C 304 14.09 9.00 -4.50
C ASN C 304 13.91 7.51 -4.24
N ASP C 305 13.83 6.76 -5.33
CA ASP C 305 13.46 5.36 -5.39
C ASP C 305 14.24 4.69 -6.49
N ASP C 306 14.00 3.40 -6.68
CA ASP C 306 14.43 2.73 -7.88
C ASP C 306 13.17 2.33 -8.66
N ILE C 307 12.06 3.01 -8.38
CA ILE C 307 10.79 2.61 -8.96
C ILE C 307 10.50 3.38 -10.26
N VAL C 308 10.04 2.68 -11.30
CA VAL C 308 9.82 3.32 -12.60
C VAL C 308 8.47 4.03 -12.68
N ARG C 309 8.51 5.28 -13.08
CA ARG C 309 7.28 6.04 -13.13
C ARG C 309 6.88 6.38 -14.57
N LYS C 310 5.57 6.56 -14.78
CA LYS C 310 5.04 6.94 -16.10
C LYS C 310 5.82 8.14 -16.59
N GLU C 311 6.12 8.14 -17.88
CA GLU C 311 6.81 9.26 -18.57
C GLU C 311 8.30 9.31 -18.25
N ASP C 312 8.79 8.41 -17.41
CA ASP C 312 10.23 8.32 -17.20
C ASP C 312 10.95 8.02 -18.53
N TYR C 313 12.16 8.55 -18.71
CA TYR C 313 12.95 8.20 -19.89
C TYR C 313 13.96 7.14 -19.55
N ILE C 314 14.00 6.09 -20.36
CA ILE C 314 14.79 4.91 -20.00
C ILE C 314 15.65 4.42 -21.13
N TYR C 315 16.51 3.47 -20.78
CA TYR C 315 17.19 2.62 -21.75
C TYR C 315 16.64 1.22 -21.53
N LEU C 316 16.33 0.50 -22.60
CA LEU C 316 15.90 -0.87 -22.42
C LEU C 316 17.04 -1.78 -22.74
N ASP C 317 17.60 -2.40 -21.70
CA ASP C 317 18.77 -3.22 -21.91
C ASP C 317 18.47 -4.69 -21.70
N PHE C 318 19.42 -5.52 -22.08
CA PHE C 318 19.32 -6.94 -21.82
C PHE C 318 20.70 -7.54 -21.80
N PHE C 319 20.79 -8.73 -21.23
CA PHE C 319 22.07 -9.41 -21.04
C PHE C 319 22.32 -10.37 -22.17
N ASN C 320 23.49 -10.18 -22.77
CA ASN C 320 23.96 -10.98 -23.89
C ASN C 320 25.46 -11.24 -23.81
N LEU C 321 25.83 -12.51 -23.67
CA LEU C 321 27.24 -12.89 -23.61
C LEU C 321 27.87 -12.24 -22.38
N ASN C 322 27.23 -12.40 -21.22
CA ASN C 322 27.62 -11.74 -19.96
C ASN C 322 27.99 -10.23 -20.08
N GLN C 323 27.48 -9.59 -21.13
CA GLN C 323 27.66 -8.16 -21.37
C GLN C 323 26.29 -7.49 -21.37
N GLU C 324 26.22 -6.20 -21.06
CA GLU C 324 24.92 -5.53 -21.17
C GLU C 324 24.74 -4.86 -22.55
N TRP C 325 23.69 -5.30 -23.27
CA TRP C 325 23.38 -4.74 -24.58
C TRP C 325 22.14 -3.84 -24.49
N ARG C 326 21.80 -3.17 -25.58
CA ARG C 326 20.72 -2.17 -25.56
C ARG C 326 19.78 -2.34 -26.73
N VAL C 327 18.55 -1.89 -26.57
CA VAL C 327 17.58 -1.94 -27.63
C VAL C 327 17.48 -0.63 -28.37
N TYR C 328 17.77 -0.66 -29.67
CA TYR C 328 17.76 0.57 -30.47
C TYR C 328 16.72 0.51 -31.58
N THR C 329 16.36 1.69 -32.11
CA THR C 329 15.66 1.81 -33.39
C THR C 329 16.46 2.66 -34.38
N TYR C 330 16.43 2.23 -35.64
CA TYR C 330 17.03 3.01 -36.72
C TYR C 330 16.29 4.34 -36.78
N LYS C 331 17.01 5.44 -36.91
CA LYS C 331 16.38 6.77 -36.97
C LYS C 331 15.61 6.96 -38.27
N TYR C 332 15.99 6.22 -39.32
CA TYR C 332 15.55 6.53 -40.67
C TYR C 332 14.69 5.47 -41.36
N PHE C 333 13.81 4.79 -40.63
CA PHE C 333 12.97 3.82 -41.32
C PHE C 333 11.75 4.48 -41.92
N LYS C 334 11.42 4.17 -43.18
CA LYS C 334 10.30 4.85 -43.84
C LYS C 334 9.08 3.91 -44.08
N LYS C 335 9.24 2.62 -43.81
CA LYS C 335 8.07 1.75 -43.89
C LYS C 335 7.38 2.07 -42.57
N GLU C 336 6.20 1.52 -42.29
CA GLU C 336 5.58 1.88 -41.01
C GLU C 336 6.15 1.08 -39.82
N GLU C 337 6.93 0.05 -40.11
CA GLU C 337 7.51 -0.74 -39.04
C GLU C 337 8.91 -1.16 -39.46
N GLU C 338 9.75 -1.46 -38.49
CA GLU C 338 11.10 -1.96 -38.75
C GLU C 338 11.60 -2.80 -37.58
N LYS C 339 12.50 -3.73 -37.87
CA LYS C 339 13.07 -4.57 -36.81
C LYS C 339 13.89 -3.68 -35.91
N LEU C 340 13.84 -3.92 -34.60
CA LEU C 340 14.71 -3.20 -33.69
C LEU C 340 16.11 -3.76 -33.81
N PHE C 341 17.07 -2.91 -33.48
CA PHE C 341 18.48 -3.24 -33.45
C PHE C 341 18.92 -3.51 -32.01
N LEU C 342 19.41 -4.72 -31.78
CA LEU C 342 19.90 -5.12 -30.47
C LEU C 342 21.41 -5.22 -30.50
N ALA C 343 22.10 -4.37 -29.73
CA ALA C 343 23.53 -4.20 -29.91
C ALA C 343 24.23 -3.77 -28.63
N PRO C 344 25.57 -3.83 -28.63
CA PRO C 344 26.30 -3.29 -27.49
C PRO C 344 25.92 -1.84 -27.23
N ILE C 345 26.18 -1.39 -26.02
CA ILE C 345 25.97 0.00 -25.64
C ILE C 345 26.91 0.89 -26.43
N SER C 346 26.36 1.89 -27.11
CA SER C 346 27.16 2.80 -27.90
C SER C 346 26.42 4.08 -28.29
N ASP C 347 27.20 5.12 -28.57
CA ASP C 347 26.65 6.35 -29.10
C ASP C 347 26.67 6.20 -30.61
N SER C 348 25.62 6.70 -31.24
CA SER C 348 25.45 6.50 -32.66
C SER C 348 24.67 7.63 -33.27
N ASP C 349 25.06 8.05 -34.47
CA ASP C 349 24.34 9.10 -35.16
C ASP C 349 23.09 8.59 -35.87
N GLU C 350 23.04 7.26 -36.08
CA GLU C 350 21.95 6.63 -36.84
C GLU C 350 20.86 5.92 -36.03
N PHE C 351 21.02 5.83 -34.72
CA PHE C 351 20.02 5.11 -33.94
C PHE C 351 19.56 5.96 -32.76
N TYR C 352 18.30 5.76 -32.38
CA TYR C 352 17.79 6.29 -31.12
C TYR C 352 17.87 5.20 -30.03
N ASN C 353 18.12 5.63 -28.79
CA ASN C 353 18.17 4.68 -27.66
C ASN C 353 17.25 5.09 -26.50
N THR C 354 16.63 6.27 -26.63
CA THR C 354 15.80 6.81 -25.57
C THR C 354 14.34 6.35 -25.69
N ILE C 355 13.87 5.66 -24.66
CA ILE C 355 12.49 5.24 -24.60
C ILE C 355 11.77 6.00 -23.49
N GLN C 356 10.52 6.38 -23.73
CA GLN C 356 9.73 6.93 -22.67
C GLN C 356 8.65 5.90 -22.39
N ILE C 357 8.55 5.48 -21.13
CA ILE C 357 7.62 4.42 -20.73
C ILE C 357 6.25 5.04 -20.46
N LYS C 358 5.19 4.35 -20.89
CA LYS C 358 3.82 4.86 -20.80
C LYS C 358 2.81 3.90 -20.19
N GLU C 359 1.67 4.47 -19.75
CA GLU C 359 0.50 3.67 -19.44
C GLU C 359 -0.73 4.34 -20.02
N TYR C 360 -1.04 4.05 -21.28
CA TYR C 360 -2.10 4.76 -22.02
C TYR C 360 -3.49 4.32 -21.55
N ASP C 361 -3.57 3.13 -21.00
CA ASP C 361 -4.82 2.52 -20.54
C ASP C 361 -5.42 3.27 -19.34
N GLU C 362 -6.75 3.42 -19.34
CA GLU C 362 -7.45 4.06 -18.23
C GLU C 362 -8.06 3.04 -17.29
N GLN C 363 -8.20 1.81 -17.78
CA GLN C 363 -8.62 0.71 -16.92
C GLN C 363 -7.41 0.10 -16.21
N PRO C 364 -7.62 -0.56 -15.06
CA PRO C 364 -6.49 -1.19 -14.40
C PRO C 364 -5.80 -2.18 -15.30
N THR C 365 -4.47 -2.17 -15.23
CA THR C 365 -3.65 -2.99 -16.09
C THR C 365 -2.23 -3.05 -15.53
N TYR C 366 -1.51 -4.11 -15.88
CA TYR C 366 -0.08 -4.19 -15.58
C TYR C 366 0.71 -4.03 -16.88
N SER C 367 0.01 -3.72 -17.98
CA SER C 367 0.67 -3.54 -19.27
C SER C 367 1.24 -2.15 -19.34
N CYS C 368 2.36 -1.98 -20.04
CA CYS C 368 2.83 -0.63 -20.28
C CYS C 368 3.20 -0.45 -21.76
N GLN C 369 3.55 0.77 -22.18
CA GLN C 369 3.98 0.94 -23.54
C GLN C 369 5.34 1.63 -23.58
N LEU C 370 6.07 1.38 -24.66
CA LEU C 370 7.43 1.87 -24.87
C LEU C 370 7.52 2.76 -26.13
N LEU C 371 7.63 4.05 -25.91
CA LEU C 371 7.69 5.04 -26.97
C LEU C 371 9.12 5.49 -27.25
N PHE C 372 9.61 5.26 -28.45
CA PHE C 372 10.93 5.79 -28.83
C PHE C 372 10.83 7.29 -29.12
N LYS C 373 11.87 8.03 -28.76
CA LYS C 373 11.90 9.47 -28.98
C LYS C 373 13.31 9.87 -29.38
N LYS C 374 13.42 11.00 -30.07
CA LYS C 374 14.72 11.50 -30.48
C LYS C 374 15.57 11.79 -29.25
N ASP C 375 14.96 12.51 -28.32
CA ASP C 375 15.56 12.80 -27.03
C ASP C 375 14.47 13.26 -26.06
N GLU C 376 14.89 13.71 -24.89
CA GLU C 376 13.92 14.06 -23.85
C GLU C 376 13.18 15.37 -24.12
N GLU C 377 13.64 16.15 -25.08
CA GLU C 377 13.01 17.44 -25.32
C GLU C 377 12.27 17.52 -26.65
N SER C 378 12.54 16.60 -27.57
CA SER C 378 11.82 16.57 -28.84
C SER C 378 10.40 16.10 -28.54
N THR C 379 9.43 16.57 -29.32
CA THR C 379 8.06 16.11 -29.07
C THR C 379 7.55 15.16 -30.14
N ASP C 380 8.21 15.11 -31.29
CA ASP C 380 7.79 14.19 -32.35
C ASP C 380 8.10 12.77 -31.94
N GLU C 381 7.15 11.90 -32.26
CA GLU C 381 7.18 10.49 -31.89
C GLU C 381 7.54 9.54 -33.03
N ILE C 382 8.57 8.75 -32.76
CA ILE C 382 9.15 7.82 -33.71
C ILE C 382 8.30 6.58 -33.91
N GLY C 383 7.80 6.02 -32.80
CA GLY C 383 6.99 4.81 -32.83
C GLY C 383 7.01 4.06 -31.52
N LEU C 384 6.11 3.09 -31.37
CA LEU C 384 6.03 2.25 -30.18
C LEU C 384 6.60 0.88 -30.49
N ILE C 385 7.20 0.27 -29.47
CA ILE C 385 7.79 -1.06 -29.56
C ILE C 385 6.69 -2.10 -29.52
N GLY C 386 6.75 -3.08 -30.41
CA GLY C 386 5.75 -4.12 -30.43
C GLY C 386 6.19 -5.30 -31.24
N ILE C 387 5.21 -6.07 -31.70
CA ILE C 387 5.49 -7.21 -32.54
C ILE C 387 4.70 -7.15 -33.86
N HIS C 388 5.39 -7.26 -34.99
CA HIS C 388 4.74 -7.31 -36.30
C HIS C 388 5.41 -8.38 -37.19
N ARG C 389 4.73 -8.79 -38.25
CA ARG C 389 5.30 -9.78 -39.16
C ARG C 389 6.05 -9.09 -40.29
N PHE C 390 7.19 -9.65 -40.65
CA PHE C 390 8.02 -9.12 -41.71
C PHE C 390 8.22 -10.16 -42.79
N TYR C 391 8.20 -9.68 -44.03
CA TYR C 391 8.42 -10.48 -45.20
C TYR C 391 9.84 -11.04 -45.16
N GLU C 392 9.96 -12.35 -45.37
CA GLU C 392 11.24 -13.01 -45.34
C GLU C 392 11.73 -13.21 -46.76
N SER C 393 12.94 -12.74 -47.06
CA SER C 393 13.42 -12.74 -48.44
C SER C 393 14.26 -13.93 -48.87
N GLY C 394 14.75 -14.71 -47.90
CA GLY C 394 15.47 -15.93 -48.24
C GLY C 394 14.52 -16.99 -48.75
N ILE C 395 15.05 -18.12 -49.19
CA ILE C 395 14.18 -19.21 -49.63
C ILE C 395 13.64 -19.90 -48.37
N VAL C 396 12.59 -19.36 -47.77
CA VAL C 396 12.06 -19.91 -46.52
C VAL C 396 10.74 -20.66 -46.74
N PHE C 397 10.28 -21.36 -45.69
CA PHE C 397 8.99 -22.04 -45.73
C PHE C 397 7.90 -21.05 -45.34
N GLU C 398 7.92 -20.64 -44.06
CA GLU C 398 7.00 -19.62 -43.58
C GLU C 398 7.53 -18.26 -43.99
N GLU C 399 6.87 -17.62 -44.94
CA GLU C 399 7.38 -16.40 -45.57
C GLU C 399 7.22 -15.11 -44.81
N TYR C 400 6.31 -15.06 -43.86
CA TYR C 400 6.20 -13.93 -42.99
C TYR C 400 6.49 -14.45 -41.61
N LYS C 401 7.29 -13.72 -40.86
CA LYS C 401 7.63 -14.15 -39.53
C LYS C 401 7.71 -12.99 -38.55
N ASP C 402 7.46 -13.25 -37.28
CA ASP C 402 7.32 -12.22 -36.25
C ASP C 402 8.67 -11.73 -35.77
N TYR C 403 8.78 -10.44 -35.53
CA TYR C 403 10.01 -9.84 -35.02
C TYR C 403 9.73 -8.80 -33.95
N PHE C 404 10.74 -8.58 -33.12
CA PHE C 404 10.77 -7.51 -32.13
C PHE C 404 10.94 -6.19 -32.89
N CYS C 405 9.95 -5.31 -32.85
CA CYS C 405 9.97 -4.15 -33.77
C CYS C 405 9.53 -2.80 -33.19
N ILE C 406 9.78 -1.75 -33.97
CA ILE C 406 9.16 -0.45 -33.75
C ILE C 406 8.05 -0.21 -34.75
N SER C 407 6.98 0.44 -34.32
CA SER C 407 5.83 0.59 -35.19
C SER C 407 5.05 1.91 -35.07
N LYS C 408 4.79 2.52 -36.22
CA LYS C 408 3.96 3.71 -36.35
C LYS C 408 2.49 3.34 -36.37
N TRP C 409 2.19 2.11 -36.75
CA TRP C 409 0.79 1.67 -36.78
C TRP C 409 0.19 1.79 -35.39
N TYR C 410 0.93 1.33 -34.37
CA TYR C 410 0.40 1.36 -33.00
C TYR C 410 0.14 2.80 -32.54
N LEU C 411 0.93 3.75 -33.05
CA LEU C 411 0.74 5.15 -32.71
C LEU C 411 -0.67 5.61 -32.99
N LYS C 412 -1.23 5.15 -34.09
CA LYS C 412 -2.56 5.54 -34.48
C LYS C 412 -3.51 4.84 -33.52
N GLU C 413 -3.28 3.55 -33.37
CA GLU C 413 -4.19 2.67 -32.63
C GLU C 413 -4.34 2.87 -31.09
N VAL C 414 -3.32 3.37 -30.41
CA VAL C 414 -3.39 3.62 -28.96
C VAL C 414 -4.26 4.82 -28.57
N LYS C 415 -4.70 5.57 -29.57
CA LYS C 415 -5.54 6.74 -29.34
C LYS C 415 -7.03 6.37 -29.32
N ARG C 416 -7.36 5.16 -29.75
CA ARG C 416 -8.77 4.77 -29.81
C ARG C 416 -9.33 4.44 -28.42
N LYS C 417 -10.56 4.83 -28.16
CA LYS C 417 -11.17 4.55 -26.85
C LYS C 417 -12.43 3.68 -26.89
N PRO C 418 -12.58 2.77 -25.92
CA PRO C 418 -11.62 2.51 -24.82
C PRO C 418 -10.33 1.81 -25.30
N TYR C 419 -9.24 2.07 -24.60
CA TYR C 419 -7.92 1.57 -24.96
C TYR C 419 -7.94 0.05 -25.12
N ASN C 420 -7.36 -0.42 -26.22
CA ASN C 420 -7.33 -1.85 -26.51
C ASN C 420 -6.23 -2.48 -25.67
N LEU C 421 -6.62 -3.22 -24.65
CA LEU C 421 -5.63 -3.85 -23.79
C LEU C 421 -4.92 -4.96 -24.54
N LYS C 422 -5.53 -5.49 -25.60
CA LYS C 422 -4.94 -6.66 -26.25
C LYS C 422 -4.00 -6.32 -27.39
N LEU C 423 -3.66 -5.04 -27.50
CA LEU C 423 -2.67 -4.59 -28.48
C LEU C 423 -1.25 -5.06 -28.23
N GLY C 424 -0.58 -5.41 -29.32
CA GLY C 424 0.80 -5.87 -29.33
C GLY C 424 1.85 -4.82 -29.03
N CYS C 425 1.42 -3.64 -28.59
CA CYS C 425 2.36 -2.64 -28.09
C CYS C 425 2.26 -2.63 -26.57
N ASN C 426 1.45 -3.55 -26.03
CA ASN C 426 1.31 -3.72 -24.58
C ASN C 426 2.23 -4.77 -24.00
N TRP C 427 3.15 -4.29 -23.16
CA TRP C 427 4.20 -5.11 -22.57
C TRP C 427 4.04 -5.32 -21.07
N GLN C 428 4.54 -6.44 -20.58
CA GLN C 428 4.66 -6.63 -19.15
C GLN C 428 6.05 -7.18 -18.86
N PHE C 429 6.57 -6.92 -17.64
CA PHE C 429 7.89 -7.37 -17.27
C PHE C 429 7.76 -8.43 -16.17
N ILE C 430 8.44 -9.56 -16.33
CA ILE C 430 8.37 -10.69 -15.39
C ILE C 430 9.71 -11.00 -14.74
N PRO C 431 9.84 -10.67 -13.45
CA PRO C 431 10.97 -11.01 -12.58
C PRO C 431 10.81 -12.40 -12.00
N LYS C 432 11.90 -13.01 -11.59
CA LYS C 432 11.76 -14.23 -10.82
C LYS C 432 10.92 -13.86 -9.59
N ASP C 433 10.03 -14.75 -9.14
CA ASP C 433 9.19 -14.58 -7.95
C ASP C 433 8.94 -15.94 -7.30
N GLU C 434 9.09 -16.03 -5.98
CA GLU C 434 8.96 -17.30 -5.28
C GLU C 434 7.59 -17.90 -5.42
N GLY C 435 6.61 -17.10 -5.80
CA GLY C 435 5.27 -17.61 -5.98
C GLY C 435 5.06 -18.24 -7.34
N TRP C 436 6.11 -18.27 -8.16
CA TRP C 436 6.04 -18.93 -9.46
C TRP C 436 7.32 -19.71 -9.69
N THR C 437 7.17 -21.02 -9.73
CA THR C 437 8.26 -21.97 -9.97
C THR C 437 7.84 -22.88 -11.09
N GLU C 438 8.81 -23.26 -11.90
CA GLU C 438 8.55 -24.07 -13.08
C GLU C 438 9.80 -24.90 -13.33
N ASN D 10 -57.84 29.81 32.30
CA ASN D 10 -57.07 31.04 32.10
C ASN D 10 -55.90 30.87 31.12
N ILE D 11 -55.93 29.80 30.35
CA ILE D 11 -54.93 29.54 29.32
C ILE D 11 -55.37 30.15 28.01
N ILE D 12 -54.49 30.85 27.30
CA ILE D 12 -54.92 31.38 26.02
C ILE D 12 -54.15 30.75 24.87
N LEU D 13 -53.09 30.02 25.19
CA LEU D 13 -52.34 29.30 24.17
C LEU D 13 -51.58 28.09 24.72
N ASN D 14 -51.71 26.94 24.06
CA ASN D 14 -50.91 25.76 24.40
C ASN D 14 -50.42 25.02 23.17
N LEU D 15 -49.26 25.38 22.67
CA LEU D 15 -48.66 24.67 21.55
C LEU D 15 -48.22 23.28 21.99
N ARG D 16 -48.75 22.23 21.37
CA ARG D 16 -48.32 20.87 21.70
C ARG D 16 -48.11 20.06 20.42
N TYR D 17 -47.42 18.94 20.52
CA TYR D 17 -47.17 18.10 19.35
C TYR D 17 -48.38 17.28 18.95
N LYS D 18 -48.63 17.21 17.66
CA LYS D 18 -49.64 16.32 17.11
C LYS D 18 -49.37 15.98 15.66
N ASP D 19 -49.09 14.71 15.42
CA ASP D 19 -48.98 14.18 14.06
C ASP D 19 -47.95 14.93 13.25
N ASN D 20 -46.71 14.93 13.72
CA ASN D 20 -45.60 15.58 13.04
C ASN D 20 -45.96 17.05 12.76
N ASN D 21 -46.68 17.65 13.70
CA ASN D 21 -47.08 19.06 13.69
C ASN D 21 -47.41 19.62 15.08
N LEU D 22 -47.51 20.93 15.19
CA LEU D 22 -47.89 21.60 16.43
C LEU D 22 -49.27 22.21 16.27
N ILE D 23 -50.08 22.09 17.33
CA ILE D 23 -51.48 22.49 17.32
C ILE D 23 -51.80 23.34 18.54
N ASP D 24 -52.74 24.27 18.40
CA ASP D 24 -53.19 25.05 19.55
C ASP D 24 -54.24 24.25 20.32
N LEU D 25 -53.95 23.94 21.57
CA LEU D 25 -54.83 23.14 22.41
C LEU D 25 -55.60 23.97 23.44
N SER D 26 -55.48 25.28 23.36
CA SER D 26 -56.22 26.17 24.26
C SER D 26 -57.70 26.14 23.97
N GLY D 27 -58.07 25.70 22.76
CA GLY D 27 -59.46 25.66 22.36
C GLY D 27 -59.87 26.97 21.71
N TYR D 28 -58.94 27.90 21.64
CA TYR D 28 -59.20 29.16 21.00
C TYR D 28 -58.69 29.03 19.58
N GLY D 29 -58.21 27.84 19.26
CA GLY D 29 -57.92 27.43 17.90
C GLY D 29 -57.06 28.40 17.12
N ALA D 30 -55.92 28.79 17.67
CA ALA D 30 -55.02 29.65 16.92
C ALA D 30 -54.39 28.87 15.77
N LYS D 31 -54.14 29.57 14.68
CA LYS D 31 -53.59 28.93 13.49
C LYS D 31 -52.09 28.78 13.68
N VAL D 32 -51.60 27.57 13.47
CA VAL D 32 -50.19 27.29 13.69
C VAL D 32 -49.58 26.79 12.40
N GLU D 33 -48.61 27.55 11.90
CA GLU D 33 -47.91 27.21 10.68
C GLU D 33 -46.46 26.80 10.96
N VAL D 34 -46.16 25.51 10.87
CA VAL D 34 -44.80 25.02 11.06
C VAL D 34 -44.07 24.80 9.73
N TYR D 35 -42.97 25.51 9.51
CA TYR D 35 -42.22 25.37 8.26
C TYR D 35 -41.26 24.18 8.30
N ASP D 36 -40.76 23.77 7.13
CA ASP D 36 -40.00 22.52 7.02
C ASP D 36 -38.60 22.60 7.63
N GLY D 37 -38.16 23.80 8.01
CA GLY D 37 -36.87 23.93 8.66
C GLY D 37 -36.93 23.63 10.16
N VAL D 38 -38.13 23.39 10.66
CA VAL D 38 -38.34 23.11 12.07
C VAL D 38 -38.49 21.61 12.33
N GLU D 39 -37.64 21.08 13.18
CA GLU D 39 -37.71 19.67 13.56
C GLU D 39 -38.67 19.43 14.74
N LEU D 40 -39.43 18.34 14.66
CA LEU D 40 -40.40 17.95 15.70
C LEU D 40 -40.19 16.51 16.19
N ASN D 41 -40.61 16.22 17.43
CA ASN D 41 -40.66 14.83 17.89
C ASN D 41 -41.84 14.58 18.83
N ASP D 42 -42.14 13.30 19.07
CA ASP D 42 -43.32 12.94 19.85
C ASP D 42 -43.11 13.24 21.32
N LYS D 43 -41.93 13.77 21.67
CA LYS D 43 -41.62 14.17 23.04
C LYS D 43 -41.91 15.66 23.23
N ASN D 44 -42.65 16.21 22.27
CA ASN D 44 -43.13 17.59 22.27
C ASN D 44 -42.06 18.68 22.23
N GLN D 45 -40.84 18.30 21.83
CA GLN D 45 -39.72 19.23 21.71
C GLN D 45 -39.60 19.72 20.26
N PHE D 46 -39.30 20.99 20.02
CA PHE D 46 -39.01 21.43 18.66
C PHE D 46 -37.74 22.27 18.52
N LYS D 47 -37.17 22.28 17.32
CA LYS D 47 -35.87 22.89 17.11
C LYS D 47 -35.88 24.07 16.09
N LEU D 48 -35.46 25.24 16.55
CA LEU D 48 -35.23 26.37 15.69
C LEU D 48 -33.76 26.40 15.30
N THR D 49 -33.50 26.35 13.99
CA THR D 49 -32.15 26.48 13.46
C THR D 49 -31.95 27.83 12.79
N SER D 50 -30.78 27.99 12.15
CA SER D 50 -30.41 29.27 11.55
C SER D 50 -30.93 29.41 10.13
N SER D 51 -31.41 28.32 9.55
CA SER D 51 -31.88 28.39 8.17
C SER D 51 -33.20 29.17 8.12
N ALA D 52 -33.41 29.85 6.99
CA ALA D 52 -34.47 30.82 6.83
C ALA D 52 -35.86 30.25 7.00
N ASN D 53 -36.05 28.97 6.65
CA ASN D 53 -37.36 28.34 6.83
C ASN D 53 -37.52 27.61 8.18
N SER D 54 -36.56 27.78 9.10
CA SER D 54 -36.75 27.18 10.43
C SER D 54 -37.54 28.14 11.29
N LYS D 55 -38.85 28.16 11.09
CA LYS D 55 -39.70 29.08 11.81
C LYS D 55 -41.13 28.60 12.01
N ILE D 56 -41.82 29.24 12.93
CA ILE D 56 -43.21 28.93 13.22
C ILE D 56 -43.98 30.23 13.37
N ARG D 57 -45.10 30.36 12.66
CA ARG D 57 -45.92 31.54 12.79
C ARG D 57 -47.27 31.18 13.41
N VAL D 58 -47.58 31.81 14.55
CA VAL D 58 -48.87 31.59 15.20
C VAL D 58 -49.80 32.81 15.05
N THR D 59 -50.93 32.55 14.38
CA THR D 59 -51.98 33.53 14.06
C THR D 59 -53.24 33.33 14.89
N GLN D 60 -53.59 34.31 15.73
CA GLN D 60 -54.78 34.22 16.59
C GLN D 60 -56.07 34.72 15.94
N SER D 68 -57.40 44.16 20.41
CA SER D 68 -57.28 43.70 21.79
C SER D 68 -55.87 43.95 22.35
N VAL D 69 -55.84 44.37 23.61
CA VAL D 69 -54.61 44.68 24.33
C VAL D 69 -54.62 44.07 25.73
N PHE D 70 -53.56 43.35 26.08
CA PHE D 70 -53.51 42.51 27.28
C PHE D 70 -52.75 43.15 28.45
N LEU D 71 -53.35 43.14 29.63
CA LEU D 71 -52.81 43.84 30.78
C LEU D 71 -51.93 42.92 31.63
N ASP D 72 -52.53 41.86 32.15
CA ASP D 72 -51.81 40.84 32.93
C ASP D 72 -51.65 39.56 32.15
N PHE D 73 -50.42 39.16 31.88
CA PHE D 73 -50.17 37.93 31.14
C PHE D 73 -48.84 37.28 31.50
N SER D 74 -48.73 35.98 31.24
CA SER D 74 -47.53 35.20 31.54
C SER D 74 -47.15 34.29 30.39
N VAL D 75 -45.86 34.06 30.23
CA VAL D 75 -45.39 33.14 29.21
C VAL D 75 -44.49 32.08 29.86
N SER D 76 -44.72 30.82 29.54
CA SER D 76 -43.84 29.76 30.01
C SER D 76 -43.48 28.79 28.89
N PHE D 77 -42.33 28.17 29.04
CA PHE D 77 -41.82 27.22 28.06
C PHE D 77 -40.57 26.61 28.63
N TRP D 78 -40.20 25.45 28.09
CA TRP D 78 -38.89 24.88 28.36
C TRP D 78 -37.98 25.19 27.20
N ILE D 79 -36.70 25.33 27.50
CA ILE D 79 -35.71 25.67 26.49
C ILE D 79 -34.40 24.91 26.78
N ARG D 80 -33.66 24.58 25.73
CA ARG D 80 -32.34 24.01 25.86
C ARG D 80 -31.37 24.75 24.93
N ILE D 81 -30.45 25.50 25.52
CA ILE D 81 -29.54 26.37 24.80
C ILE D 81 -28.12 25.78 24.79
N PRO D 82 -27.56 25.50 23.61
CA PRO D 82 -26.26 24.83 23.52
C PRO D 82 -25.10 25.66 24.01
N LYS D 83 -24.07 24.99 24.46
CA LYS D 83 -22.83 25.66 24.85
C LYS D 83 -22.21 26.46 23.69
N TYR D 84 -21.64 27.62 24.01
CA TYR D 84 -20.78 28.35 23.10
C TYR D 84 -19.74 27.41 22.47
N LYS D 85 -19.30 27.79 21.27
CA LYS D 85 -18.15 27.20 20.62
C LYS D 85 -16.94 27.93 21.17
N ASN D 86 -15.92 27.21 21.63
CA ASN D 86 -14.80 27.92 22.22
C ASN D 86 -14.20 28.90 21.22
N ASP D 87 -14.12 28.50 19.96
CA ASP D 87 -13.42 29.31 18.97
C ASP D 87 -14.30 30.47 18.46
N GLY D 88 -15.55 30.50 18.88
CA GLY D 88 -16.40 31.62 18.58
C GLY D 88 -17.01 32.41 19.73
N ILE D 89 -16.28 32.69 20.83
CA ILE D 89 -16.97 33.26 22.00
C ILE D 89 -17.39 34.72 21.81
N GLN D 90 -16.61 35.52 21.07
N GLN D 90 -16.60 35.45 21.03
CA GLN D 90 -16.98 36.92 20.86
CA GLN D 90 -16.84 36.85 20.71
C GLN D 90 -18.35 37.05 20.19
C GLN D 90 -18.26 37.05 20.15
N ASN D 91 -18.60 36.24 19.16
CA ASN D 91 -19.89 36.32 18.50
C ASN D 91 -20.98 35.89 19.42
N TYR D 92 -20.72 34.80 20.13
CA TYR D 92 -21.62 34.27 21.15
C TYR D 92 -22.09 35.33 22.13
N ILE D 93 -21.09 36.00 22.71
CA ILE D 93 -21.28 37.01 23.73
C ILE D 93 -21.86 38.35 23.28
N HIS D 94 -21.50 38.81 22.09
CA HIS D 94 -21.89 40.16 21.67
C HIS D 94 -23.17 40.19 20.85
N ASN D 95 -23.39 39.15 20.05
CA ASN D 95 -24.50 39.13 19.10
C ASN D 95 -25.82 38.66 19.70
N GLU D 96 -26.78 39.57 19.84
CA GLU D 96 -28.11 39.20 20.27
C GLU D 96 -28.94 38.73 19.09
N TYR D 97 -29.82 37.76 19.33
CA TYR D 97 -30.71 37.26 18.30
C TYR D 97 -32.07 37.00 18.92
N THR D 98 -33.11 37.32 18.18
CA THR D 98 -34.47 37.09 18.64
C THR D 98 -34.84 35.62 18.39
N ILE D 99 -35.71 35.06 19.22
CA ILE D 99 -36.14 33.69 18.98
C ILE D 99 -37.67 33.62 18.94
N ILE D 100 -38.35 34.51 19.67
CA ILE D 100 -39.80 34.57 19.61
C ILE D 100 -40.20 36.02 19.59
N ASN D 101 -40.99 36.40 18.58
CA ASN D 101 -41.38 37.78 18.39
C ASN D 101 -42.88 37.92 18.23
N CYS D 102 -43.48 38.77 19.05
CA CYS D 102 -44.91 39.04 18.99
C CYS D 102 -45.18 40.53 19.04
N MET D 103 -45.13 41.17 17.88
CA MET D 103 -45.29 42.60 17.81
C MET D 103 -46.29 42.99 16.74
N LYS D 104 -47.07 44.03 17.02
CA LYS D 104 -47.93 44.62 16.02
C LYS D 104 -47.78 46.13 16.11
N ASN D 105 -47.65 46.79 14.96
CA ASN D 105 -47.47 48.24 14.92
C ASN D 105 -46.30 48.72 15.77
N ASN D 106 -45.21 47.97 15.72
CA ASN D 106 -43.96 48.25 16.42
C ASN D 106 -44.05 48.17 17.95
N SER D 107 -45.01 47.41 18.48
CA SER D 107 -45.15 47.22 19.92
C SER D 107 -45.54 45.81 20.33
N GLY D 108 -45.13 45.41 21.52
CA GLY D 108 -45.42 44.06 21.97
C GLY D 108 -44.25 43.48 22.73
N TRP D 109 -44.04 42.17 22.59
CA TRP D 109 -42.95 41.54 23.30
C TRP D 109 -42.10 40.64 22.40
N LYS D 110 -40.85 40.50 22.82
CA LYS D 110 -39.95 39.59 22.15
C LYS D 110 -39.06 38.88 23.18
N ILE D 111 -38.76 37.61 22.87
CA ILE D 111 -37.84 36.83 23.68
C ILE D 111 -36.56 36.69 22.91
N SER D 112 -35.47 37.19 23.49
CA SER D 112 -34.17 37.18 22.82
C SER D 112 -33.10 36.51 23.65
N ILE D 113 -31.99 36.23 22.99
CA ILE D 113 -30.84 35.64 23.63
C ILE D 113 -29.57 36.34 23.19
N ARG D 114 -28.75 36.74 24.15
CA ARG D 114 -27.40 37.18 23.83
C ARG D 114 -26.43 36.35 24.66
N GLY D 115 -25.94 35.26 24.06
CA GLY D 115 -25.04 34.33 24.69
C GLY D 115 -25.64 33.59 25.87
N ASN D 116 -25.05 33.83 27.03
CA ASN D 116 -25.47 33.15 28.24
C ASN D 116 -26.62 33.86 28.90
N ARG D 117 -27.21 34.80 28.17
CA ARG D 117 -28.31 35.60 28.66
C ARG D 117 -29.58 35.45 27.84
N ILE D 118 -30.70 35.20 28.51
CA ILE D 118 -32.00 35.20 27.83
C ILE D 118 -32.84 36.40 28.28
N ILE D 119 -33.41 37.08 27.28
CA ILE D 119 -33.95 38.41 27.44
C ILE D 119 -35.43 38.52 27.04
N TRP D 120 -36.20 39.19 27.89
CA TRP D 120 -37.63 39.42 27.67
C TRP D 120 -37.86 40.92 27.52
N THR D 121 -38.36 41.35 26.35
CA THR D 121 -38.49 42.78 26.08
C THR D 121 -39.93 43.24 25.84
N LEU D 122 -40.33 44.33 26.51
CA LEU D 122 -41.64 44.92 26.32
C LEU D 122 -41.55 46.27 25.63
N ILE D 123 -42.45 46.49 24.68
CA ILE D 123 -42.44 47.76 23.96
C ILE D 123 -43.84 48.37 23.91
N ASP D 124 -44.02 49.55 24.51
CA ASP D 124 -45.34 50.15 24.50
C ASP D 124 -45.54 50.85 23.14
N ILE D 125 -46.70 51.44 22.93
CA ILE D 125 -47.00 52.02 21.61
C ILE D 125 -46.12 53.23 21.28
N ASN D 126 -45.65 53.91 22.32
CA ASN D 126 -44.80 55.07 22.13
C ASN D 126 -43.38 54.63 21.81
N GLY D 127 -43.15 53.32 21.84
CA GLY D 127 -41.85 52.76 21.51
C GLY D 127 -40.90 52.74 22.68
N LYS D 128 -41.37 53.17 23.86
CA LYS D 128 -40.56 53.08 25.06
C LYS D 128 -40.39 51.61 25.42
N THR D 129 -39.18 51.23 25.79
CA THR D 129 -38.87 49.82 25.95
C THR D 129 -38.34 49.51 27.35
N LYS D 130 -38.71 48.34 27.88
CA LYS D 130 -38.13 47.85 29.14
C LYS D 130 -37.94 46.35 29.04
N SER D 131 -36.82 45.87 29.57
CA SER D 131 -36.51 44.45 29.53
C SER D 131 -36.07 43.87 30.87
N VAL D 132 -36.25 42.55 30.97
CA VAL D 132 -35.77 41.76 32.09
C VAL D 132 -35.09 40.48 31.57
N PHE D 133 -34.01 40.08 32.21
CA PHE D 133 -33.24 38.96 31.71
C PHE D 133 -32.79 37.97 32.79
N PHE D 134 -32.45 36.78 32.33
CA PHE D 134 -31.80 35.80 33.19
C PHE D 134 -30.47 35.41 32.60
N GLU D 135 -29.43 35.44 33.41
CA GLU D 135 -28.10 35.09 32.95
C GLU D 135 -27.48 33.95 33.74
N TYR D 136 -26.96 32.93 33.05
CA TYR D 136 -26.30 31.82 33.75
C TYR D 136 -24.79 31.90 33.61
N ASN D 137 -24.09 31.36 34.61
CA ASN D 137 -22.65 31.47 34.71
C ASN D 137 -21.99 30.58 33.68
N ILE D 138 -21.05 31.15 32.94
CA ILE D 138 -20.31 30.40 31.94
C ILE D 138 -18.88 30.24 32.40
N ARG D 139 -18.64 30.49 33.68
CA ARG D 139 -17.35 30.09 34.21
C ARG D 139 -17.58 29.02 35.32
N GLU D 140 -18.76 28.40 35.34
CA GLU D 140 -19.03 27.34 36.31
C GLU D 140 -18.32 26.02 35.92
N ASP D 141 -17.74 25.32 36.89
CA ASP D 141 -17.07 24.05 36.59
C ASP D 141 -18.04 23.12 35.86
N ILE D 142 -19.23 22.91 36.42
CA ILE D 142 -20.27 22.09 35.81
C ILE D 142 -21.59 22.84 35.97
N SER D 143 -22.19 23.28 34.88
CA SER D 143 -23.36 24.12 34.93
C SER D 143 -24.61 23.35 34.88
N GLU D 144 -25.66 23.89 35.46
CA GLU D 144 -26.93 23.22 35.48
C GLU D 144 -27.86 23.77 34.44
N TYR D 145 -27.35 24.62 33.58
CA TYR D 145 -28.17 25.28 32.59
C TYR D 145 -27.69 25.10 31.17
N ILE D 146 -26.38 25.20 30.96
CA ILE D 146 -25.79 25.14 29.64
C ILE D 146 -26.12 23.83 28.95
N ASN D 147 -26.75 23.92 27.78
CA ASN D 147 -27.17 22.75 27.01
C ASN D 147 -28.05 21.77 27.79
N ARG D 148 -28.73 22.25 28.83
CA ARG D 148 -29.66 21.41 29.58
C ARG D 148 -31.06 21.98 29.65
N TRP D 149 -32.06 21.12 29.45
CA TRP D 149 -33.44 21.54 29.57
C TRP D 149 -33.68 22.21 30.90
N PHE D 150 -34.09 23.46 30.86
CA PHE D 150 -34.66 24.09 32.05
C PHE D 150 -35.96 24.82 31.73
N PHE D 151 -36.68 25.20 32.79
CA PHE D 151 -38.05 25.72 32.73
C PHE D 151 -38.13 27.22 32.98
N VAL D 152 -38.82 27.93 32.09
CA VAL D 152 -38.91 29.38 32.17
C VAL D 152 -40.36 29.84 32.32
N THR D 153 -40.57 30.84 33.16
CA THR D 153 -41.87 31.49 33.23
C THR D 153 -41.69 32.99 33.39
N ILE D 154 -42.31 33.74 32.49
CA ILE D 154 -42.27 35.19 32.56
C ILE D 154 -43.65 35.70 32.88
N THR D 155 -43.77 36.52 33.91
CA THR D 155 -45.07 37.07 34.28
C THR D 155 -45.09 38.58 34.17
N ASN D 156 -46.23 39.13 33.77
CA ASN D 156 -46.36 40.58 33.72
C ASN D 156 -47.64 41.11 34.33
N ASN D 157 -47.50 42.09 35.21
CA ASN D 157 -48.67 42.86 35.58
C ASN D 157 -48.45 44.31 35.18
N LEU D 158 -49.31 45.20 35.66
CA LEU D 158 -49.17 46.62 35.36
C LEU D 158 -47.81 47.17 35.83
N ASN D 159 -47.26 46.58 36.90
CA ASN D 159 -46.12 47.18 37.59
C ASN D 159 -44.83 46.38 37.63
N ASN D 160 -44.89 45.08 37.36
CA ASN D 160 -43.67 44.28 37.42
C ASN D 160 -43.57 43.26 36.30
N ALA D 161 -42.37 43.08 35.78
CA ALA D 161 -42.06 41.96 34.90
C ALA D 161 -41.09 41.05 35.62
N LYS D 162 -41.42 39.77 35.73
CA LYS D 162 -40.59 38.81 36.46
C LYS D 162 -40.18 37.59 35.62
N ILE D 163 -38.95 37.09 35.83
CA ILE D 163 -38.54 35.84 35.21
C ILE D 163 -38.29 34.76 36.23
N TYR D 164 -38.99 33.63 36.11
CA TYR D 164 -38.76 32.50 36.99
C TYR D 164 -38.02 31.39 36.24
N ILE D 165 -37.01 30.81 36.89
CA ILE D 165 -36.30 29.69 36.32
C ILE D 165 -36.42 28.46 37.24
N ASN D 166 -37.01 27.38 36.72
CA ASN D 166 -37.22 26.15 37.48
C ASN D 166 -38.04 26.41 38.75
N GLY D 167 -39.02 27.29 38.61
CA GLY D 167 -39.97 27.57 39.66
C GLY D 167 -39.56 28.70 40.59
N LYS D 168 -38.32 29.17 40.46
CA LYS D 168 -37.80 30.16 41.37
C LYS D 168 -37.59 31.50 40.72
N LEU D 169 -38.00 32.55 41.42
CA LEU D 169 -37.86 33.92 40.96
C LEU D 169 -36.39 34.24 40.82
N GLU D 170 -35.99 34.79 39.67
CA GLU D 170 -34.59 35.07 39.39
C GLU D 170 -34.35 36.53 39.13
N SER D 171 -35.33 37.18 38.50
CA SER D 171 -35.19 38.54 38.06
C SER D 171 -36.49 39.31 38.22
N ASN D 172 -36.38 40.62 38.42
CA ASN D 172 -37.55 41.50 38.60
C ASN D 172 -37.30 42.85 37.93
N THR D 173 -38.28 43.33 37.16
CA THR D 173 -38.17 44.65 36.55
C THR D 173 -39.39 45.53 36.75
N ASP D 174 -39.14 46.75 37.19
CA ASP D 174 -40.19 47.73 37.32
C ASP D 174 -40.65 48.15 35.93
N ILE D 175 -41.94 48.03 35.68
CA ILE D 175 -42.47 48.49 34.40
C ILE D 175 -43.56 49.56 34.60
N LYS D 176 -43.40 50.36 35.66
CA LYS D 176 -44.32 51.47 35.93
C LYS D 176 -44.38 52.42 34.75
N ASP D 177 -43.20 52.74 34.20
CA ASP D 177 -43.06 53.80 33.20
C ASP D 177 -43.39 53.33 31.77
N ILE D 178 -44.06 52.19 31.63
CA ILE D 178 -44.44 51.71 30.31
C ILE D 178 -45.93 51.44 30.29
N ARG D 179 -46.52 51.50 29.10
CA ARG D 179 -47.96 51.52 29.01
C ARG D 179 -48.50 50.53 27.97
N GLU D 180 -48.90 51.01 26.81
CA GLU D 180 -49.69 50.19 25.87
C GLU D 180 -48.90 49.16 25.16
N VAL D 181 -49.14 47.91 25.49
CA VAL D 181 -48.51 46.82 24.76
C VAL D 181 -49.56 46.08 23.93
N ILE D 182 -49.35 46.03 22.61
CA ILE D 182 -50.28 45.39 21.70
C ILE D 182 -50.10 43.87 21.83
N ALA D 183 -51.19 43.13 21.96
CA ALA D 183 -51.04 41.70 22.25
C ALA D 183 -51.47 40.73 21.13
N ASN D 184 -52.26 41.19 20.15
CA ASN D 184 -52.78 40.28 19.12
C ASN D 184 -51.88 40.03 17.89
N GLY D 185 -50.73 40.67 17.82
CA GLY D 185 -49.79 40.48 16.71
C GLY D 185 -49.48 39.01 16.43
N GLU D 186 -48.92 38.72 15.27
CA GLU D 186 -48.60 37.33 14.96
C GLU D 186 -47.37 36.90 15.76
N ILE D 187 -47.30 35.64 16.15
CA ILE D 187 -46.15 35.19 16.92
C ILE D 187 -45.21 34.37 16.04
N ILE D 188 -43.97 34.86 15.88
CA ILE D 188 -43.02 34.19 15.03
C ILE D 188 -41.84 33.58 15.80
N PHE D 189 -41.81 32.26 15.78
CA PHE D 189 -40.73 31.48 16.35
C PHE D 189 -39.69 31.34 15.25
N LYS D 190 -38.59 32.06 15.37
CA LYS D 190 -37.51 32.00 14.38
C LYS D 190 -36.24 32.64 14.92
N LEU D 191 -35.09 32.02 14.69
CA LEU D 191 -33.83 32.66 15.03
C LEU D 191 -33.60 33.85 14.10
N ASP D 192 -33.41 35.02 14.69
CA ASP D 192 -33.29 36.25 13.91
C ASP D 192 -32.29 37.25 14.50
N GLY D 193 -31.14 37.41 13.84
CA GLY D 193 -30.12 38.31 14.31
C GLY D 193 -28.79 37.90 13.72
N ASP D 194 -27.73 38.62 14.02
CA ASP D 194 -26.43 38.26 13.49
C ASP D 194 -25.90 37.01 14.20
N ILE D 195 -26.32 35.83 13.76
CA ILE D 195 -25.94 34.56 14.39
C ILE D 195 -25.01 33.69 13.57
N ASP D 196 -24.37 32.73 14.22
CA ASP D 196 -23.60 31.72 13.50
C ASP D 196 -24.56 30.67 12.95
N ARG D 197 -24.22 30.05 11.85
CA ARG D 197 -25.18 29.13 11.33
C ARG D 197 -25.29 27.92 12.23
N THR D 198 -24.28 27.67 13.02
CA THR D 198 -24.33 26.51 13.89
C THR D 198 -25.25 26.73 15.04
N GLN D 199 -25.69 27.96 15.21
CA GLN D 199 -26.56 28.37 16.32
C GLN D 199 -27.93 27.74 16.20
N PHE D 200 -28.45 27.23 17.32
CA PHE D 200 -29.80 26.65 17.40
C PHE D 200 -30.39 26.69 18.83
N ILE D 201 -31.65 26.31 18.94
CA ILE D 201 -32.40 26.40 20.19
C ILE D 201 -33.44 25.28 20.16
N TRP D 202 -33.56 24.52 21.25
CA TRP D 202 -34.66 23.58 21.39
C TRP D 202 -35.68 24.17 22.33
N MET D 203 -36.96 23.96 22.07
CA MET D 203 -38.00 24.47 22.94
C MET D 203 -39.08 23.42 23.08
N LYS D 204 -39.96 23.56 24.08
CA LYS D 204 -40.96 22.53 24.39
C LYS D 204 -42.05 23.12 25.27
N TYR D 205 -43.29 22.67 25.09
CA TYR D 205 -44.44 23.10 25.93
C TYR D 205 -44.64 24.63 26.04
N PHE D 206 -44.63 25.33 24.91
CA PHE D 206 -44.84 26.77 24.91
C PHE D 206 -46.29 27.11 25.28
N SER D 207 -46.47 28.08 26.18
CA SER D 207 -47.80 28.45 26.67
C SER D 207 -47.93 29.96 26.95
N ILE D 208 -49.16 30.48 26.83
CA ILE D 208 -49.43 31.87 27.20
C ILE D 208 -50.71 31.94 28.03
N PHE D 209 -50.74 32.86 28.99
CA PHE D 209 -51.86 33.00 29.92
C PHE D 209 -52.38 34.44 29.90
N ASN D 210 -53.68 34.62 30.07
CA ASN D 210 -54.25 35.97 30.13
C ASN D 210 -54.18 36.55 31.54
N THR D 211 -53.39 35.91 32.41
CA THR D 211 -53.23 36.38 33.78
C THR D 211 -51.79 36.27 34.30
N GLU D 212 -51.50 36.96 35.40
CA GLU D 212 -50.19 36.85 36.05
C GLU D 212 -50.09 35.67 37.01
N LEU D 213 -49.26 34.69 36.67
CA LEU D 213 -49.11 33.45 37.45
C LEU D 213 -48.39 33.68 38.78
N SER D 214 -48.88 33.06 39.84
CA SER D 214 -48.23 33.14 41.15
C SER D 214 -47.02 32.21 41.25
N GLN D 215 -46.11 32.54 42.17
N GLN D 215 -46.07 32.55 42.13
CA GLN D 215 -44.90 31.76 42.39
CA GLN D 215 -44.89 31.72 42.36
C GLN D 215 -45.36 30.35 42.74
C GLN D 215 -45.32 30.34 42.84
N SER D 216 -46.51 30.27 43.43
CA SER D 216 -47.14 29.01 43.79
C SER D 216 -47.56 28.20 42.57
N ASN D 217 -48.22 28.87 41.63
CA ASN D 217 -48.72 28.20 40.45
C ASN D 217 -47.61 27.74 39.52
N ILE D 218 -46.55 28.55 39.45
CA ILE D 218 -45.44 28.25 38.56
C ILE D 218 -44.69 27.01 39.03
N GLU D 219 -44.35 26.97 40.31
CA GLU D 219 -43.65 25.82 40.84
C GLU D 219 -44.49 24.56 40.70
N GLU D 220 -45.80 24.69 40.88
CA GLU D 220 -46.66 23.53 40.73
C GLU D 220 -46.58 23.10 39.25
N ARG D 221 -46.57 24.07 38.34
CA ARG D 221 -46.45 23.79 36.91
C ARG D 221 -45.10 23.15 36.55
N TYR D 222 -44.04 23.61 37.21
CA TYR D 222 -42.70 23.05 37.03
C TYR D 222 -42.71 21.58 37.37
N LYS D 223 -43.29 21.26 38.53
CA LYS D 223 -43.30 19.88 39.02
C LYS D 223 -44.08 18.96 38.10
N ILE D 224 -45.20 19.46 37.60
CA ILE D 224 -46.05 18.65 36.73
C ILE D 224 -45.43 18.42 35.36
N GLN D 225 -44.82 19.44 34.78
CA GLN D 225 -44.25 19.28 33.44
C GLN D 225 -42.88 18.64 33.47
N SER D 226 -42.31 18.47 34.66
CA SER D 226 -41.04 17.74 34.80
C SER D 226 -41.27 16.24 34.81
N TYR D 227 -42.49 15.83 35.17
CA TYR D 227 -42.76 14.40 35.31
C TYR D 227 -42.70 13.60 34.03
N SER D 228 -42.12 12.40 34.12
CA SER D 228 -42.15 11.44 33.03
C SER D 228 -41.94 10.02 33.58
N GLU D 229 -42.47 9.04 32.87
CA GLU D 229 -42.31 7.62 33.21
C GLU D 229 -40.86 7.21 33.07
N TYR D 230 -40.20 7.84 32.11
CA TYR D 230 -38.82 7.53 31.84
C TYR D 230 -37.89 8.33 32.72
N LEU D 231 -36.65 7.89 32.73
CA LEU D 231 -35.55 8.52 33.39
C LEU D 231 -34.88 9.44 32.38
N LYS D 232 -33.97 10.27 32.84
CA LYS D 232 -33.35 11.21 31.95
C LYS D 232 -31.84 11.15 31.97
N ASP D 233 -31.23 11.64 30.89
CA ASP D 233 -29.79 11.80 30.88
C ASP D 233 -29.46 13.19 31.42
N PHE D 234 -28.16 13.50 31.46
CA PHE D 234 -27.62 14.74 32.00
C PHE D 234 -28.20 15.99 31.38
N TRP D 235 -28.68 15.86 30.13
CA TRP D 235 -29.23 16.99 29.36
C TRP D 235 -30.73 17.15 29.54
N GLY D 236 -31.39 16.13 30.09
CA GLY D 236 -32.83 16.24 30.29
C GLY D 236 -33.63 15.43 29.30
N ASN D 237 -32.93 14.77 28.41
CA ASN D 237 -33.51 13.89 27.40
C ASN D 237 -33.75 12.49 27.93
N PRO D 238 -34.59 11.71 27.25
CA PRO D 238 -34.82 10.34 27.74
C PRO D 238 -33.54 9.49 27.86
N LEU D 239 -33.40 8.81 29.00
CA LEU D 239 -32.32 7.88 29.25
C LEU D 239 -32.53 6.63 28.41
N MET D 240 -31.50 6.16 27.71
CA MET D 240 -31.66 5.04 26.77
C MET D 240 -30.79 3.84 27.08
N TYR D 241 -31.29 2.68 26.73
CA TYR D 241 -30.46 1.50 26.63
C TYR D 241 -29.55 1.54 25.39
N ASN D 242 -28.44 0.82 25.44
CA ASN D 242 -27.61 0.63 24.26
C ASN D 242 -27.10 1.92 23.62
N LYS D 243 -26.96 2.97 24.44
CA LYS D 243 -26.38 4.25 24.07
C LYS D 243 -25.18 4.59 24.96
N GLU D 244 -24.09 5.07 24.36
CA GLU D 244 -22.86 5.42 25.09
C GLU D 244 -22.98 6.65 25.99
N TYR D 245 -22.56 6.48 27.25
CA TYR D 245 -22.69 7.51 28.29
C TYR D 245 -21.40 7.63 29.12
N TYR D 246 -20.97 8.87 29.34
CA TYR D 246 -19.97 9.17 30.38
C TYR D 246 -20.72 9.37 31.70
N MET D 247 -20.08 9.12 32.84
CA MET D 247 -20.82 9.23 34.10
C MET D 247 -20.46 10.43 34.95
N PHE D 248 -21.50 11.03 35.49
CA PHE D 248 -21.37 12.20 36.35
C PHE D 248 -21.98 11.92 37.72
N ASN D 249 -21.30 12.41 38.75
CA ASN D 249 -21.76 12.20 40.14
C ASN D 249 -22.15 13.51 40.80
N ALA D 250 -23.44 13.66 41.10
CA ALA D 250 -24.01 14.89 41.65
C ALA D 250 -23.45 15.30 43.02
N GLY D 251 -22.82 14.35 43.71
CA GLY D 251 -22.19 14.60 45.00
C GLY D 251 -20.69 14.81 44.89
N ASN D 252 -20.13 14.52 43.71
CA ASN D 252 -18.69 14.69 43.42
C ASN D 252 -18.48 15.17 41.96
N LYS D 253 -19.01 16.33 41.67
CA LYS D 253 -19.17 16.85 40.30
C LYS D 253 -17.86 16.92 39.52
N ASN D 254 -16.77 17.31 40.18
CA ASN D 254 -15.50 17.32 39.47
C ASN D 254 -14.78 15.96 39.45
N SER D 255 -15.49 14.90 39.80
CA SER D 255 -14.89 13.58 39.78
C SER D 255 -15.43 12.75 38.64
N TYR D 256 -14.58 11.85 38.16
CA TYR D 256 -14.96 10.91 37.10
C TYR D 256 -14.29 9.56 37.35
N ILE D 257 -14.86 8.54 36.76
CA ILE D 257 -14.41 7.18 36.89
C ILE D 257 -13.45 6.81 35.78
N LYS D 258 -12.25 6.39 36.17
CA LYS D 258 -11.34 5.79 35.21
C LYS D 258 -10.84 4.46 35.73
N LEU D 259 -10.80 3.48 34.84
CA LEU D 259 -10.27 2.19 35.15
C LEU D 259 -8.84 2.38 35.60
N LYS D 260 -8.53 1.86 36.79
CA LYS D 260 -7.22 1.94 37.38
C LYS D 260 -6.22 1.16 36.52
N LYS D 261 -5.02 1.71 36.35
CA LYS D 261 -3.99 1.01 35.58
C LYS D 261 -3.61 -0.31 36.25
N ASP D 262 -3.75 -1.40 35.48
CA ASP D 262 -3.41 -2.78 35.89
C ASP D 262 -4.20 -3.30 37.08
N SER D 263 -5.34 -2.69 37.37
CA SER D 263 -6.18 -3.17 38.45
C SER D 263 -7.63 -3.12 38.00
N PRO D 264 -8.41 -4.21 38.23
CA PRO D 264 -9.80 -4.21 37.79
C PRO D 264 -10.73 -3.35 38.68
N VAL D 265 -10.31 -2.13 38.96
CA VAL D 265 -11.16 -1.20 39.69
C VAL D 265 -11.21 0.17 39.05
N GLY D 266 -12.27 0.90 39.37
CA GLY D 266 -12.39 2.26 38.88
C GLY D 266 -11.86 3.23 39.92
N GLU D 267 -10.70 3.82 39.64
CA GLU D 267 -10.20 4.86 40.48
C GLU D 267 -10.95 6.17 40.12
N ILE D 268 -10.93 7.15 41.02
CA ILE D 268 -11.68 8.38 40.84
C ILE D 268 -10.72 9.55 40.67
N LEU D 269 -10.87 10.24 39.55
CA LEU D 269 -9.95 11.31 39.16
C LEU D 269 -10.66 12.63 39.05
N THR D 270 -9.86 13.70 39.00
CA THR D 270 -10.43 15.04 38.82
C THR D 270 -10.49 15.50 37.37
N ARG D 271 -11.67 15.94 36.95
CA ARG D 271 -11.88 16.39 35.57
C ARG D 271 -10.84 17.36 35.03
N SER D 272 -10.41 17.14 33.78
CA SER D 272 -9.58 18.12 33.10
C SER D 272 -10.47 19.32 32.85
N LYS D 273 -9.87 20.50 32.69
CA LYS D 273 -10.70 21.66 32.42
C LYS D 273 -10.27 22.35 31.16
N TYR D 274 -11.07 23.33 30.79
CA TYR D 274 -10.75 24.21 29.69
C TYR D 274 -9.33 24.71 29.89
N ASN D 275 -8.51 24.54 28.88
CA ASN D 275 -7.10 24.78 29.04
C ASN D 275 -6.55 25.92 28.22
N GLN D 276 -7.45 26.72 27.66
CA GLN D 276 -6.96 27.93 26.97
C GLN D 276 -7.23 29.16 27.86
N ASN D 277 -7.21 30.38 27.32
CA ASN D 277 -7.28 31.53 28.22
C ASN D 277 -8.35 32.57 27.93
N SER D 278 -9.46 32.18 27.36
CA SER D 278 -10.53 33.13 27.17
C SER D 278 -10.99 33.63 28.52
N LYS D 279 -11.01 34.94 28.68
CA LYS D 279 -11.39 35.53 29.94
C LYS D 279 -12.89 35.33 30.23
N TYR D 280 -13.62 34.90 29.20
CA TYR D 280 -15.06 34.73 29.30
C TYR D 280 -15.44 33.38 29.88
N ILE D 281 -14.59 32.40 29.63
CA ILE D 281 -14.99 31.01 29.76
C ILE D 281 -14.25 30.21 30.83
N ASN D 282 -15.01 29.30 31.44
CA ASN D 282 -14.47 28.18 32.20
C ASN D 282 -15.45 27.04 32.26
N TYR D 283 -14.92 25.83 32.30
CA TYR D 283 -15.73 24.64 32.48
C TYR D 283 -14.82 23.45 32.70
N ARG D 284 -15.40 22.39 33.24
CA ARG D 284 -14.70 21.11 33.32
C ARG D 284 -15.11 20.22 32.16
N ASP D 285 -14.19 19.38 31.71
CA ASP D 285 -14.41 18.43 30.63
C ASP D 285 -15.44 17.38 31.04
N LEU D 286 -16.33 17.02 30.10
CA LEU D 286 -17.46 16.13 30.38
C LEU D 286 -17.32 14.82 29.67
N TYR D 287 -16.69 14.84 28.50
CA TYR D 287 -16.53 13.61 27.76
C TYR D 287 -15.28 12.92 28.23
N ILE D 288 -15.21 12.57 29.51
CA ILE D 288 -14.03 11.87 29.97
C ILE D 288 -14.42 10.76 30.92
N GLY D 289 -13.46 9.88 31.17
CA GLY D 289 -13.70 8.68 31.93
C GLY D 289 -14.13 7.57 31.01
N GLU D 290 -14.50 6.43 31.58
CA GLU D 290 -14.87 5.29 30.78
C GLU D 290 -16.19 5.57 30.07
N LYS D 291 -16.37 4.97 28.89
CA LYS D 291 -17.65 5.05 28.16
C LYS D 291 -18.57 3.95 28.65
N PHE D 292 -19.59 4.32 29.39
CA PHE D 292 -20.52 3.35 29.89
C PHE D 292 -21.63 3.14 28.91
N ILE D 293 -22.39 2.08 29.13
CA ILE D 293 -23.54 1.76 28.31
C ILE D 293 -24.46 0.88 29.14
N ILE D 294 -25.76 1.17 29.08
CA ILE D 294 -26.74 0.50 29.92
C ILE D 294 -27.46 -0.60 29.16
N ARG D 295 -27.48 -1.80 29.74
CA ARG D 295 -28.13 -2.95 29.09
C ARG D 295 -29.33 -3.49 29.87
N ARG D 296 -30.25 -4.13 29.16
CA ARG D 296 -31.43 -4.74 29.78
C ARG D 296 -31.20 -6.14 30.26
N LYS D 297 -31.88 -6.50 31.34
CA LYS D 297 -32.00 -7.88 31.76
C LYS D 297 -33.39 -8.43 31.42
N SER D 298 -33.49 -9.29 30.40
CA SER D 298 -34.77 -9.89 30.02
C SER D 298 -34.62 -11.25 29.33
N ASP D 306 -34.27 0.81 23.45
CA ASP D 306 -35.45 1.49 23.98
C ASP D 306 -35.16 2.39 25.22
N ILE D 307 -36.20 2.79 25.93
CA ILE D 307 -36.10 3.75 27.02
C ILE D 307 -35.99 3.16 28.45
N VAL D 308 -35.09 3.71 29.27
CA VAL D 308 -34.91 3.18 30.63
C VAL D 308 -35.92 3.81 31.58
N ARG D 309 -36.59 2.95 32.33
CA ARG D 309 -37.64 3.38 33.26
C ARG D 309 -37.25 3.10 34.69
N LYS D 310 -37.83 3.88 35.59
CA LYS D 310 -37.65 3.68 37.02
C LYS D 310 -37.98 2.22 37.33
N GLU D 311 -37.17 1.60 38.19
CA GLU D 311 -37.30 0.21 38.66
C GLU D 311 -36.84 -0.89 37.67
N ASP D 312 -36.40 -0.50 36.47
CA ASP D 312 -35.82 -1.45 35.54
C ASP D 312 -34.63 -2.20 36.11
N TYR D 313 -34.45 -3.45 35.70
CA TYR D 313 -33.26 -4.22 36.05
C TYR D 313 -32.28 -4.17 34.89
N ILE D 314 -31.03 -3.81 35.18
CA ILE D 314 -30.03 -3.54 34.15
C ILE D 314 -28.66 -4.15 34.42
N TYR D 315 -27.78 -4.06 33.43
CA TYR D 315 -26.35 -4.26 33.60
C TYR D 315 -25.69 -2.93 33.33
N LEU D 316 -24.69 -2.56 34.13
CA LEU D 316 -23.89 -1.39 33.80
C LEU D 316 -22.58 -1.89 33.19
N ASP D 317 -22.43 -1.69 31.88
CA ASP D 317 -21.26 -2.14 31.15
C ASP D 317 -20.43 -0.94 30.73
N PHE D 318 -19.22 -1.18 30.26
CA PHE D 318 -18.43 -0.09 29.69
C PHE D 318 -17.42 -0.64 28.70
N PHE D 319 -16.85 0.23 27.87
CA PHE D 319 -15.91 -0.25 26.86
C PHE D 319 -14.47 -0.06 27.32
N ASN D 320 -13.74 -1.15 27.23
CA ASN D 320 -12.34 -1.21 27.63
C ASN D 320 -11.62 -2.03 26.61
N LEU D 321 -10.67 -1.44 25.87
CA LEU D 321 -9.89 -2.20 24.88
C LEU D 321 -10.77 -2.73 23.75
N ASN D 322 -11.84 -1.99 23.40
CA ASN D 322 -12.83 -2.46 22.43
C ASN D 322 -13.49 -3.78 22.86
N GLN D 323 -13.47 -4.03 24.15
CA GLN D 323 -14.18 -5.17 24.69
C GLN D 323 -15.27 -4.61 25.59
N GLU D 324 -16.38 -5.31 25.69
CA GLU D 324 -17.42 -4.88 26.61
C GLU D 324 -17.25 -5.58 27.96
N TRP D 325 -16.99 -4.75 28.96
CA TRP D 325 -16.83 -5.18 30.33
C TRP D 325 -18.04 -4.80 31.17
N ARG D 326 -18.05 -5.24 32.41
CA ARG D 326 -19.22 -5.13 33.26
C ARG D 326 -18.84 -4.66 34.66
N VAL D 327 -19.78 -4.01 35.33
CA VAL D 327 -19.60 -3.55 36.68
C VAL D 327 -20.20 -4.55 37.67
N TYR D 328 -19.36 -5.12 38.52
CA TYR D 328 -19.82 -6.12 39.46
C TYR D 328 -19.62 -5.72 40.88
N THR D 329 -20.36 -6.34 41.79
CA THR D 329 -19.93 -6.28 43.19
C THR D 329 -19.70 -7.66 43.76
N TYR D 330 -18.64 -7.75 44.54
CA TYR D 330 -18.30 -8.94 45.30
C TYR D 330 -19.43 -9.27 46.26
N LYS D 331 -19.78 -10.53 46.36
CA LYS D 331 -20.93 -10.92 47.14
C LYS D 331 -20.67 -10.98 48.62
N TYR D 332 -19.40 -11.13 49.00
CA TYR D 332 -19.06 -11.30 50.40
C TYR D 332 -18.30 -10.10 50.96
N PHE D 333 -18.90 -8.91 50.86
CA PHE D 333 -18.28 -7.75 51.43
C PHE D 333 -18.92 -7.48 52.76
N LYS D 334 -18.08 -7.37 53.78
CA LYS D 334 -18.60 -7.38 55.14
C LYS D 334 -18.59 -5.97 55.74
N LYS D 335 -17.70 -5.11 55.21
CA LYS D 335 -17.60 -3.73 55.69
C LYS D 335 -18.79 -2.99 55.10
N GLU D 336 -18.95 -1.71 55.41
CA GLU D 336 -20.10 -0.99 54.82
C GLU D 336 -19.83 -0.57 53.37
N GLU D 337 -18.58 -0.72 52.92
CA GLU D 337 -18.20 -0.40 51.55
C GLU D 337 -17.12 -1.30 50.95
N GLU D 338 -17.14 -1.40 49.63
CA GLU D 338 -16.14 -2.15 48.90
C GLU D 338 -16.02 -1.62 47.47
N LYS D 339 -14.83 -1.75 46.90
CA LYS D 339 -14.55 -1.32 45.55
C LYS D 339 -15.35 -2.22 44.64
N LEU D 340 -15.89 -1.64 43.57
CA LEU D 340 -16.57 -2.47 42.58
C LEU D 340 -15.51 -3.20 41.77
N PHE D 341 -15.90 -4.33 41.20
CA PHE D 341 -15.05 -5.12 40.35
C PHE D 341 -15.43 -4.81 38.91
N LEU D 342 -14.49 -4.26 38.13
CA LEU D 342 -14.77 -3.91 36.72
C LEU D 342 -14.02 -4.88 35.80
N ALA D 343 -14.76 -5.69 35.05
CA ALA D 343 -14.17 -6.87 34.42
C ALA D 343 -14.96 -7.39 33.23
N PRO D 344 -14.36 -8.29 32.45
CA PRO D 344 -15.14 -8.88 31.35
C PRO D 344 -16.43 -9.54 31.79
N ILE D 345 -17.36 -9.62 30.86
CA ILE D 345 -18.65 -10.26 31.04
C ILE D 345 -18.36 -11.71 31.33
N SER D 346 -18.91 -12.20 32.44
CA SER D 346 -18.70 -13.58 32.81
C SER D 346 -19.72 -13.95 33.87
N ASP D 347 -20.01 -15.25 34.02
CA ASP D 347 -20.84 -15.66 35.14
C ASP D 347 -19.89 -15.99 36.27
N SER D 348 -20.27 -15.60 37.47
CA SER D 348 -19.40 -15.89 38.57
C SER D 348 -20.33 -16.01 39.73
N ASP D 349 -20.11 -17.02 40.55
CA ASP D 349 -20.94 -17.22 41.73
C ASP D 349 -20.46 -16.32 42.82
N GLU D 350 -19.32 -15.69 42.55
CA GLU D 350 -18.68 -14.86 43.55
C GLU D 350 -19.05 -13.38 43.44
N PHE D 351 -19.74 -12.99 42.36
CA PHE D 351 -20.11 -11.59 42.09
C PHE D 351 -21.56 -11.47 41.70
N TYR D 352 -22.17 -10.35 42.09
CA TYR D 352 -23.48 -9.97 41.63
C TYR D 352 -23.28 -9.05 40.43
N ASN D 353 -24.20 -9.10 39.47
CA ASN D 353 -24.10 -8.20 38.33
C ASN D 353 -25.41 -7.45 38.05
N THR D 354 -26.45 -7.83 38.78
CA THR D 354 -27.78 -7.31 38.56
C THR D 354 -28.00 -6.00 39.32
N ILE D 355 -28.26 -4.94 38.58
CA ILE D 355 -28.51 -3.63 39.15
C ILE D 355 -29.93 -3.19 38.91
N GLN D 356 -30.54 -2.53 39.88
CA GLN D 356 -31.84 -1.90 39.64
C GLN D 356 -31.74 -0.39 39.74
N ILE D 357 -32.21 0.28 38.70
CA ILE D 357 -32.08 1.71 38.62
C ILE D 357 -33.27 2.35 39.34
N LYS D 358 -33.00 3.39 40.15
CA LYS D 358 -34.07 4.00 40.94
C LYS D 358 -34.04 5.49 40.71
N GLU D 359 -35.13 6.16 41.09
CA GLU D 359 -35.15 7.62 41.13
C GLU D 359 -35.79 8.02 42.44
N TYR D 360 -35.01 8.10 43.51
CA TYR D 360 -35.58 8.31 44.85
C TYR D 360 -36.17 9.70 45.07
N ASP D 361 -35.65 10.70 44.38
CA ASP D 361 -36.07 12.08 44.54
C ASP D 361 -37.52 12.31 44.10
N GLU D 362 -38.22 13.15 44.85
CA GLU D 362 -39.59 13.51 44.57
C GLU D 362 -39.69 14.85 43.86
N GLN D 363 -38.67 15.69 44.01
CA GLN D 363 -38.58 16.94 43.27
C GLN D 363 -37.96 16.66 41.90
N PRO D 364 -38.23 17.52 40.90
CA PRO D 364 -37.65 17.29 39.57
C PRO D 364 -36.14 17.15 39.61
N THR D 365 -35.61 16.16 38.88
CA THR D 365 -34.17 15.90 38.91
C THR D 365 -33.82 15.01 37.73
N TYR D 366 -32.57 15.04 37.31
CA TYR D 366 -32.06 14.11 36.31
C TYR D 366 -31.15 13.07 36.95
N SER D 367 -31.05 13.07 38.28
CA SER D 367 -30.21 12.08 38.95
C SER D 367 -30.98 10.81 39.13
N CYS D 368 -30.26 9.69 39.07
CA CYS D 368 -30.85 8.40 39.39
C CYS D 368 -29.92 7.62 40.31
N GLN D 369 -30.38 6.51 40.88
CA GLN D 369 -29.55 5.72 41.78
C GLN D 369 -29.44 4.26 41.29
N LEU D 370 -28.33 3.60 41.60
CA LEU D 370 -28.07 2.26 41.10
C LEU D 370 -27.95 1.23 42.27
N LEU D 371 -29.03 0.49 42.47
CA LEU D 371 -29.14 -0.47 43.58
C LEU D 371 -28.73 -1.86 43.15
N PHE D 372 -27.66 -2.38 43.74
CA PHE D 372 -27.26 -3.77 43.50
C PHE D 372 -28.18 -4.73 44.25
N LYS D 373 -28.47 -5.84 43.60
CA LYS D 373 -29.35 -6.89 44.12
C LYS D 373 -28.82 -8.29 43.77
N LYS D 374 -29.26 -9.31 44.49
CA LYS D 374 -28.90 -10.68 44.09
C LYS D 374 -29.51 -11.02 42.73
N ASP D 375 -30.81 -10.74 42.60
CA ASP D 375 -31.58 -10.96 41.37
C ASP D 375 -32.90 -10.17 41.37
N GLU D 376 -33.74 -10.40 40.37
CA GLU D 376 -35.01 -9.66 40.24
C GLU D 376 -36.02 -10.09 41.29
N GLU D 377 -35.68 -11.14 42.04
CA GLU D 377 -36.62 -11.76 42.95
C GLU D 377 -36.31 -11.41 44.40
N SER D 378 -35.12 -10.88 44.64
CA SER D 378 -34.68 -10.55 45.98
C SER D 378 -35.46 -9.40 46.60
N THR D 379 -35.58 -9.44 47.92
CA THR D 379 -36.16 -8.34 48.68
C THR D 379 -35.04 -7.66 49.46
N ASP D 380 -33.94 -8.39 49.63
CA ASP D 380 -32.76 -7.88 50.31
C ASP D 380 -31.94 -6.98 49.37
N GLU D 381 -31.51 -5.83 49.89
CA GLU D 381 -30.74 -4.89 49.10
C GLU D 381 -29.27 -4.89 49.51
N ILE D 382 -28.38 -5.10 48.53
CA ILE D 382 -26.96 -5.21 48.82
C ILE D 382 -26.33 -3.84 49.09
N GLY D 383 -26.69 -2.84 48.31
CA GLY D 383 -26.06 -1.54 48.45
C GLY D 383 -26.20 -0.65 47.23
N LEU D 384 -25.82 0.61 47.40
CA LEU D 384 -25.91 1.56 46.32
C LEU D 384 -24.54 1.93 45.80
N ILE D 385 -24.47 2.15 44.50
CA ILE D 385 -23.22 2.55 43.86
C ILE D 385 -22.92 4.01 44.15
N GLY D 386 -21.69 4.29 44.58
CA GLY D 386 -21.25 5.63 44.88
C GLY D 386 -19.74 5.76 44.90
N ILE D 387 -19.25 6.78 45.61
CA ILE D 387 -17.81 7.05 45.74
C ILE D 387 -17.36 7.17 47.20
N HIS D 388 -16.30 6.48 47.59
CA HIS D 388 -15.77 6.61 48.94
C HIS D 388 -14.27 6.60 48.94
N ARG D 389 -13.70 7.09 50.04
CA ARG D 389 -12.26 7.06 50.23
C ARG D 389 -11.88 5.75 50.93
N PHE D 390 -10.85 5.10 50.41
CA PHE D 390 -10.36 3.81 50.88
C PHE D 390 -8.91 3.89 51.29
N TYR D 391 -8.58 3.18 52.35
CA TYR D 391 -7.23 3.11 52.86
C TYR D 391 -6.25 2.47 51.87
N GLU D 392 -5.12 3.13 51.66
CA GLU D 392 -4.12 2.64 50.72
C GLU D 392 -3.03 2.02 51.54
N SER D 393 -2.78 0.73 51.34
CA SER D 393 -1.82 0.02 52.19
C SER D 393 -0.44 0.01 51.55
N GLY D 394 -0.30 0.68 50.41
CA GLY D 394 1.02 0.82 49.84
C GLY D 394 1.80 1.94 50.52
N ILE D 395 3.07 2.08 50.15
CA ILE D 395 3.89 3.19 50.62
C ILE D 395 3.54 4.41 49.77
N VAL D 396 2.76 5.33 50.33
CA VAL D 396 2.30 6.48 49.56
C VAL D 396 2.35 7.81 50.32
N PHE D 397 1.77 8.85 49.74
CA PHE D 397 1.76 10.17 50.36
C PHE D 397 0.45 10.31 51.10
N GLU D 398 -0.66 10.21 50.39
CA GLU D 398 -1.98 10.11 51.04
C GLU D 398 -2.50 8.68 51.18
N GLU D 399 -3.03 8.35 52.34
CA GLU D 399 -3.35 6.96 52.68
C GLU D 399 -4.79 6.67 52.37
N TYR D 400 -5.50 7.71 51.95
CA TYR D 400 -6.88 7.55 51.49
C TYR D 400 -7.03 8.06 50.05
N LYS D 401 -7.79 7.34 49.23
CA LYS D 401 -8.04 7.74 47.85
C LYS D 401 -9.42 7.26 47.39
N ASP D 402 -10.05 8.04 46.53
CA ASP D 402 -11.42 7.79 46.09
C ASP D 402 -11.49 6.64 45.09
N TYR D 403 -12.55 5.82 45.22
CA TYR D 403 -12.81 4.72 44.29
C TYR D 403 -14.30 4.60 44.03
N PHE D 404 -14.63 3.98 42.90
CA PHE D 404 -15.98 3.61 42.48
C PHE D 404 -16.47 2.51 43.43
N CYS D 405 -17.55 2.74 44.14
CA CYS D 405 -17.80 1.84 45.27
C CYS D 405 -19.22 1.32 45.27
N ILE D 406 -19.45 0.26 46.05
CA ILE D 406 -20.78 -0.11 46.48
C ILE D 406 -20.79 0.27 47.97
N SER D 407 -21.93 0.75 48.45
CA SER D 407 -22.01 1.24 49.81
C SER D 407 -23.36 0.96 50.45
N LYS D 408 -23.33 0.37 51.64
CA LYS D 408 -24.54 0.19 52.45
C LYS D 408 -24.88 1.49 53.19
N TRP D 409 -23.89 2.36 53.30
CA TRP D 409 -24.10 3.63 53.99
C TRP D 409 -25.28 4.40 53.38
N TYR D 410 -25.35 4.46 52.05
CA TYR D 410 -26.39 5.20 51.35
C TYR D 410 -27.80 4.59 51.58
N LEU D 411 -27.87 3.29 51.85
CA LEU D 411 -29.17 2.61 52.01
C LEU D 411 -30.08 3.30 53.01
N LYS D 412 -29.51 3.77 54.11
CA LYS D 412 -30.26 4.56 55.08
C LYS D 412 -30.41 5.99 54.57
N GLU D 413 -29.32 6.56 54.10
CA GLU D 413 -29.29 7.98 53.78
C GLU D 413 -30.32 8.36 52.73
N VAL D 414 -30.67 7.44 51.84
CA VAL D 414 -31.66 7.76 50.81
C VAL D 414 -33.08 7.82 51.37
N LYS D 415 -33.28 7.37 52.60
CA LYS D 415 -34.60 7.41 53.19
C LYS D 415 -34.87 8.72 53.94
N ARG D 416 -33.84 9.52 54.16
CA ARG D 416 -34.09 10.80 54.81
C ARG D 416 -34.81 11.78 53.88
N LYS D 417 -35.72 12.54 54.48
CA LYS D 417 -36.53 13.53 53.77
C LYS D 417 -36.22 14.92 54.30
N PRO D 418 -36.23 15.92 53.39
CA PRO D 418 -36.43 15.75 51.95
C PRO D 418 -35.19 15.13 51.32
N TYR D 419 -35.34 14.36 50.25
CA TYR D 419 -34.21 13.64 49.65
C TYR D 419 -33.02 14.54 49.30
N ASN D 420 -31.83 14.11 49.65
CA ASN D 420 -30.62 14.87 49.39
C ASN D 420 -30.16 14.82 47.91
N LEU D 421 -30.20 15.96 47.24
CA LEU D 421 -29.85 16.07 45.82
C LEU D 421 -28.40 15.76 45.57
N LYS D 422 -27.62 16.00 46.62
CA LYS D 422 -26.17 16.00 46.51
C LYS D 422 -25.53 14.72 47.08
N LEU D 423 -26.33 13.71 47.39
CA LEU D 423 -25.79 12.42 47.86
C LEU D 423 -24.87 11.81 46.81
N GLY D 424 -23.75 11.28 47.25
CA GLY D 424 -22.75 10.74 46.34
C GLY D 424 -23.17 9.44 45.70
N CYS D 425 -24.40 9.02 45.95
CA CYS D 425 -24.93 7.88 45.23
C CYS D 425 -25.89 8.35 44.10
N ASN D 426 -25.92 9.66 43.79
CA ASN D 426 -26.72 10.22 42.67
C ASN D 426 -25.92 10.36 41.41
N TRP D 427 -26.30 9.62 40.39
CA TRP D 427 -25.54 9.61 39.15
C TRP D 427 -26.37 10.25 38.03
N GLN D 428 -25.67 10.81 37.06
CA GLN D 428 -26.29 11.26 35.80
C GLN D 428 -25.46 10.75 34.63
N PHE D 429 -26.11 10.54 33.50
CA PHE D 429 -25.42 9.99 32.31
C PHE D 429 -25.27 11.00 31.19
N ILE D 430 -24.07 11.12 30.65
CA ILE D 430 -23.79 12.14 29.67
C ILE D 430 -23.46 11.58 28.29
N PRO D 431 -24.39 11.73 27.33
CA PRO D 431 -24.16 11.35 25.93
C PRO D 431 -23.40 12.43 25.18
N LYS D 432 -22.63 12.06 24.16
CA LYS D 432 -22.11 13.10 23.27
C LYS D 432 -23.33 13.82 22.73
N ASP D 433 -23.24 15.14 22.63
CA ASP D 433 -24.36 15.94 22.17
C ASP D 433 -23.85 17.15 21.40
N GLU D 434 -24.50 17.47 20.29
CA GLU D 434 -24.02 18.57 19.46
C GLU D 434 -24.06 19.90 20.20
N GLY D 435 -24.89 20.01 21.23
CA GLY D 435 -24.96 21.23 22.02
C GLY D 435 -23.84 21.38 23.05
N TRP D 436 -22.92 20.42 23.09
CA TRP D 436 -21.77 20.51 23.98
C TRP D 436 -20.50 20.02 23.29
N THR D 437 -19.56 20.91 23.05
CA THR D 437 -18.24 20.57 22.47
C THR D 437 -17.11 21.11 23.31
N GLU D 438 -16.00 20.38 23.30
CA GLU D 438 -14.89 20.67 24.17
C GLU D 438 -13.59 20.20 23.55
N ASN E 10 41.98 12.11 22.88
CA ASN E 10 42.17 11.59 24.23
C ASN E 10 43.56 10.96 24.39
N ILE E 11 44.47 11.31 23.48
CA ILE E 11 45.89 10.89 23.53
C ILE E 11 46.73 11.88 24.34
N ILE E 12 47.57 11.35 25.22
CA ILE E 12 48.43 12.23 25.99
C ILE E 12 49.91 11.93 25.70
N LEU E 13 50.15 10.80 25.03
CA LEU E 13 51.48 10.42 24.52
C LEU E 13 51.39 9.45 23.35
N ASN E 14 52.06 9.79 22.25
CA ASN E 14 52.23 8.88 21.11
C ASN E 14 53.60 9.06 20.43
N LEU E 15 54.52 8.18 20.82
CA LEU E 15 55.86 8.16 20.26
C LEU E 15 55.85 7.86 18.77
N ARG E 16 56.43 8.77 18.00
CA ARG E 16 56.59 8.59 16.56
C ARG E 16 58.00 8.95 16.09
N TYR E 17 58.32 8.46 14.91
CA TYR E 17 59.64 8.63 14.31
C TYR E 17 59.83 10.00 13.66
N LYS E 18 61.02 10.57 13.83
CA LYS E 18 61.40 11.81 13.17
C LYS E 18 62.90 11.89 12.87
N ASP E 19 63.25 11.65 11.61
CA ASP E 19 64.61 11.85 11.09
C ASP E 19 65.67 11.26 12.02
N ASN E 20 65.66 9.93 12.13
CA ASN E 20 66.57 9.19 13.00
C ASN E 20 66.44 9.59 14.47
N ASN E 21 65.20 9.85 14.90
CA ASN E 21 64.91 10.08 16.30
C ASN E 21 63.42 9.82 16.56
N LEU E 22 63.05 9.78 17.84
CA LEU E 22 61.65 9.67 18.23
C LEU E 22 61.17 10.94 18.90
N ILE E 23 59.95 11.36 18.58
CA ILE E 23 59.42 12.61 19.11
C ILE E 23 57.98 12.43 19.58
N ASP E 24 57.57 13.21 20.59
CA ASP E 24 56.20 13.16 21.08
C ASP E 24 55.29 14.00 20.20
N LEU E 25 54.27 13.36 19.64
CA LEU E 25 53.34 14.00 18.73
C LEU E 25 51.99 14.31 19.41
N SER E 26 51.91 14.12 20.72
CA SER E 26 50.67 14.37 21.45
C SER E 26 50.34 15.86 21.49
N GLY E 27 51.35 16.69 21.28
CA GLY E 27 51.16 18.13 21.30
C GLY E 27 51.28 18.70 22.70
N TYR E 28 51.51 17.82 23.67
CA TYR E 28 51.65 18.21 25.07
C TYR E 28 53.13 18.29 25.44
N GLY E 29 53.97 18.16 24.42
CA GLY E 29 55.40 18.42 24.52
C GLY E 29 56.20 17.66 25.55
N ALA E 30 56.11 16.35 25.51
CA ALA E 30 56.98 15.48 26.30
C ALA E 30 58.38 15.39 25.65
N LYS E 31 59.42 15.41 26.47
CA LYS E 31 60.79 15.32 25.99
C LYS E 31 61.26 13.87 25.87
N VAL E 32 61.82 13.50 24.72
CA VAL E 32 62.27 12.14 24.50
C VAL E 32 63.74 12.08 24.12
N GLU E 33 64.51 11.44 24.97
CA GLU E 33 65.92 11.29 24.71
C GLU E 33 66.15 9.83 24.32
N VAL E 34 66.42 9.65 23.03
CA VAL E 34 66.67 8.34 22.47
C VAL E 34 68.16 8.08 22.47
N TYR E 35 68.58 7.06 23.22
CA TYR E 35 69.99 6.73 23.36
C TYR E 35 70.47 5.86 22.20
N ASP E 36 71.78 5.79 22.03
CA ASP E 36 72.40 5.21 20.85
C ASP E 36 72.28 3.67 20.77
N GLY E 37 71.91 3.05 21.89
CA GLY E 37 71.73 1.62 21.96
C GLY E 37 70.38 1.18 21.39
N VAL E 38 69.62 2.16 20.93
CA VAL E 38 68.33 1.90 20.33
C VAL E 38 68.48 1.92 18.82
N GLU E 39 68.06 0.84 18.18
CA GLU E 39 68.05 0.82 16.72
C GLU E 39 66.71 1.37 16.25
N LEU E 40 66.73 2.23 15.24
CA LEU E 40 65.52 2.84 14.71
C LEU E 40 65.40 2.65 13.21
N ASN E 41 64.17 2.65 12.72
CA ASN E 41 63.93 2.65 11.29
C ASN E 41 62.74 3.52 10.93
N ASP E 42 62.62 3.85 9.66
CA ASP E 42 61.60 4.77 9.19
C ASP E 42 60.20 4.15 9.21
N LYS E 43 60.13 2.90 9.65
CA LYS E 43 58.84 2.21 9.79
C LYS E 43 58.28 2.23 11.20
N ASN E 44 58.75 3.18 12.01
CA ASN E 44 58.26 3.39 13.37
C ASN E 44 58.57 2.25 14.33
N GLN E 45 59.53 1.41 13.93
CA GLN E 45 60.00 0.32 14.78
C GLN E 45 61.26 0.74 15.53
N PHE E 46 61.36 0.36 16.79
CA PHE E 46 62.62 0.51 17.49
C PHE E 46 62.96 -0.76 18.26
N LYS E 47 64.24 -0.99 18.46
CA LYS E 47 64.74 -2.22 19.02
C LYS E 47 65.50 -1.93 20.31
N LEU E 48 65.02 -2.53 21.40
CA LEU E 48 65.70 -2.50 22.69
C LEU E 48 66.57 -3.75 22.83
N THR E 49 67.88 -3.57 23.03
CA THR E 49 68.79 -4.70 23.29
C THR E 49 69.22 -4.74 24.76
N SER E 50 70.17 -5.61 25.05
CA SER E 50 70.60 -5.85 26.43
C SER E 50 71.71 -4.88 26.88
N SER E 51 72.33 -4.17 25.95
CA SER E 51 73.42 -3.27 26.33
C SER E 51 72.89 -2.04 27.05
N ALA E 52 73.71 -1.53 27.96
CA ALA E 52 73.30 -0.48 28.90
C ALA E 52 72.89 0.80 28.15
N ASN E 53 73.35 0.94 26.91
CA ASN E 53 73.05 2.11 26.08
C ASN E 53 71.72 1.92 25.34
N SER E 54 71.11 0.75 25.47
CA SER E 54 69.82 0.54 24.82
C SER E 54 68.68 0.95 25.73
N LYS E 55 68.41 2.25 25.80
CA LYS E 55 67.31 2.75 26.63
C LYS E 55 66.73 4.06 26.08
N ILE E 56 65.52 4.39 26.52
CA ILE E 56 64.84 5.62 26.16
C ILE E 56 64.21 6.27 27.37
N ARG E 57 64.51 7.55 27.56
CA ARG E 57 63.93 8.30 28.67
C ARG E 57 62.92 9.30 28.12
N VAL E 58 61.69 9.18 28.58
CA VAL E 58 60.65 10.08 28.15
C VAL E 58 60.31 11.03 29.29
N THR E 59 60.54 12.32 29.06
CA THR E 59 60.24 13.35 30.05
C THR E 59 58.99 14.13 29.67
N GLN E 60 57.91 13.91 30.42
CA GLN E 60 56.63 14.55 30.12
C GLN E 60 56.40 15.90 30.81
N VAL E 69 47.94 12.67 39.45
CA VAL E 69 47.66 11.24 39.58
C VAL E 69 46.47 10.84 38.71
N PHE E 70 46.64 9.79 37.91
CA PHE E 70 45.68 9.41 36.86
C PHE E 70 44.77 8.25 37.24
N LEU E 71 43.48 8.41 36.98
CA LEU E 71 42.50 7.39 37.32
C LEU E 71 42.26 6.44 36.15
N ASP E 72 41.55 6.93 35.14
CA ASP E 72 41.22 6.12 33.96
C ASP E 72 42.25 6.31 32.86
N PHE E 73 43.02 5.26 32.57
CA PHE E 73 44.02 5.30 31.51
C PHE E 73 44.31 3.98 30.79
N SER E 74 44.87 4.12 29.59
CA SER E 74 45.16 2.98 28.73
C SER E 74 46.52 3.09 28.08
N VAL E 75 47.17 1.95 27.85
CA VAL E 75 48.44 1.90 27.14
C VAL E 75 48.28 0.99 25.94
N SER E 76 48.75 1.44 24.78
CA SER E 76 48.75 0.60 23.58
C SER E 76 50.07 0.68 22.82
N PHE E 77 50.39 -0.41 22.12
CA PHE E 77 51.62 -0.53 21.36
C PHE E 77 51.65 -1.83 20.56
N TRP E 78 52.48 -1.88 19.53
CA TRP E 78 52.76 -3.15 18.88
C TRP E 78 54.10 -3.68 19.38
N ILE E 79 54.20 -5.00 19.43
CA ILE E 79 55.41 -5.63 19.93
C ILE E 79 55.72 -6.91 19.14
N ARG E 80 57.01 -7.20 18.99
CA ARG E 80 57.44 -8.45 18.40
C ARG E 80 58.51 -9.04 19.30
N ILE E 81 58.15 -10.13 19.98
CA ILE E 81 59.00 -10.76 20.99
C ILE E 81 59.62 -12.04 20.45
N PRO E 82 60.96 -12.12 20.46
CA PRO E 82 61.62 -13.27 19.84
C PRO E 82 61.31 -14.60 20.52
N LYS E 83 61.40 -15.66 19.72
CA LYS E 83 61.28 -17.03 20.18
C LYS E 83 62.34 -17.34 21.23
N TYR E 84 61.97 -18.19 22.19
CA TYR E 84 62.95 -18.76 23.11
C TYR E 84 64.12 -19.42 22.39
N LYS E 85 65.28 -19.42 23.04
CA LYS E 85 66.39 -20.22 22.55
C LYS E 85 66.21 -21.63 23.11
N ASN E 86 66.38 -22.63 22.26
CA ASN E 86 66.18 -24.02 22.69
C ASN E 86 67.09 -24.44 23.84
N ASP E 87 68.32 -23.92 23.85
CA ASP E 87 69.28 -24.30 24.88
C ASP E 87 69.14 -23.46 26.17
N GLY E 88 68.35 -22.39 26.12
CA GLY E 88 68.11 -21.56 27.28
C GLY E 88 66.67 -21.48 27.78
N ILE E 89 65.96 -22.60 27.77
CA ILE E 89 64.53 -22.58 28.04
C ILE E 89 64.15 -22.32 29.50
N GLN E 90 64.93 -22.86 30.42
N GLN E 90 64.90 -22.90 30.43
CA GLN E 90 64.64 -22.68 31.84
CA GLN E 90 64.63 -22.66 31.85
C GLN E 90 64.67 -21.19 32.17
C GLN E 90 64.63 -21.16 32.12
N ASN E 91 65.69 -20.50 31.68
CA ASN E 91 65.83 -19.07 31.90
C ASN E 91 64.73 -18.25 31.21
N TYR E 92 64.39 -18.63 29.99
CA TYR E 92 63.27 -18.00 29.27
C TYR E 92 62.04 -18.01 30.15
N ILE E 93 61.70 -19.19 30.64
CA ILE E 93 60.49 -19.36 31.43
C ILE E 93 60.59 -18.70 32.80
N HIS E 94 61.75 -18.75 33.43
CA HIS E 94 61.82 -18.31 34.82
C HIS E 94 62.26 -16.83 34.99
N ASN E 95 63.11 -16.32 34.11
CA ASN E 95 63.61 -14.95 34.27
C ASN E 95 62.69 -13.87 33.71
N GLU E 96 62.12 -13.09 34.62
CA GLU E 96 61.32 -11.93 34.27
C GLU E 96 62.21 -10.71 34.07
N TYR E 97 61.86 -9.85 33.12
CA TYR E 97 62.59 -8.60 32.92
C TYR E 97 61.64 -7.49 32.56
N THR E 98 61.85 -6.31 33.15
CA THR E 98 61.01 -5.18 32.83
C THR E 98 61.49 -4.62 31.51
N ILE E 99 60.58 -4.05 30.72
CA ILE E 99 60.97 -3.50 29.43
C ILE E 99 60.60 -2.03 29.35
N ILE E 100 59.56 -1.66 30.09
CA ILE E 100 59.15 -0.27 30.16
C ILE E 100 58.79 0.04 31.60
N ASN E 101 59.43 1.05 32.17
CA ASN E 101 59.19 1.39 33.56
C ASN E 101 58.87 2.88 33.74
N CYS E 102 57.76 3.17 34.41
CA CYS E 102 57.32 4.54 34.66
C CYS E 102 56.87 4.76 36.10
N MET E 103 57.83 5.06 36.99
CA MET E 103 57.53 5.21 38.41
C MET E 103 58.12 6.43 39.13
N LYS E 104 57.39 6.88 40.16
CA LYS E 104 57.87 7.88 41.14
C LYS E 104 57.61 7.44 42.58
N ASN E 105 58.64 7.54 43.43
CA ASN E 105 58.55 7.12 44.84
C ASN E 105 58.01 5.72 44.99
N ASN E 106 58.53 4.82 44.16
CA ASN E 106 58.13 3.42 44.18
C ASN E 106 56.63 3.25 43.92
N SER E 107 56.06 4.14 43.10
CA SER E 107 54.65 4.04 42.67
C SER E 107 54.53 4.30 41.18
N GLY E 108 53.59 3.61 40.54
CA GLY E 108 53.41 3.73 39.10
C GLY E 108 53.13 2.38 38.48
N TRP E 109 53.59 2.19 37.24
CA TRP E 109 53.37 0.94 36.52
C TRP E 109 54.64 0.46 35.82
N LYS E 110 54.70 -0.84 35.55
CA LYS E 110 55.78 -1.41 34.76
C LYS E 110 55.23 -2.48 33.83
N ILE E 111 55.84 -2.58 32.65
CA ILE E 111 55.49 -3.63 31.71
C ILE E 111 56.65 -4.61 31.70
N SER E 112 56.38 -5.86 32.05
CA SER E 112 57.48 -6.82 32.09
C SER E 112 57.16 -8.01 31.17
N ILE E 113 58.17 -8.82 30.94
CA ILE E 113 58.03 -10.04 30.17
C ILE E 113 58.76 -11.14 30.90
N ARG E 114 58.08 -12.27 31.11
CA ARG E 114 58.77 -13.44 31.62
C ARG E 114 58.54 -14.57 30.63
N GLY E 115 59.48 -14.72 29.70
CA GLY E 115 59.35 -15.68 28.63
C GLY E 115 58.21 -15.35 27.69
N ASN E 116 57.24 -16.26 27.63
CA ASN E 116 56.10 -16.11 26.72
C ASN E 116 54.92 -15.37 27.35
N ARG E 117 55.15 -14.77 28.51
CA ARG E 117 54.08 -14.08 29.23
C ARG E 117 54.47 -12.61 29.30
N ILE E 118 53.53 -11.73 28.92
CA ILE E 118 53.76 -10.29 29.05
C ILE E 118 52.90 -9.68 30.16
N ILE E 119 53.52 -8.92 31.05
CA ILE E 119 52.91 -8.59 32.34
C ILE E 119 52.76 -7.09 32.62
N TRP E 120 51.59 -6.72 33.13
CA TRP E 120 51.30 -5.33 33.47
C TRP E 120 51.09 -5.19 34.98
N THR E 121 51.98 -4.44 35.62
CA THR E 121 51.99 -4.33 37.08
C THR E 121 51.72 -2.88 37.54
N LEU E 122 50.82 -2.72 38.49
CA LEU E 122 50.58 -1.41 39.10
C LEU E 122 50.99 -1.41 40.57
N ILE E 123 51.70 -0.35 40.98
CA ILE E 123 52.07 -0.19 42.39
C ILE E 123 51.70 1.22 42.85
N ASP E 124 50.76 1.29 43.79
CA ASP E 124 50.32 2.58 44.29
C ASP E 124 51.27 3.12 45.36
N ILE E 125 50.98 4.28 45.92
CA ILE E 125 51.91 4.89 46.87
C ILE E 125 51.99 4.05 48.15
N ASN E 126 50.93 3.27 48.41
CA ASN E 126 50.89 2.41 49.58
C ASN E 126 51.79 1.19 49.36
N GLY E 127 52.30 1.06 48.13
CA GLY E 127 53.21 -0.01 47.77
C GLY E 127 52.43 -1.27 47.46
N LYS E 128 51.11 -1.17 47.57
CA LYS E 128 50.21 -2.27 47.32
C LYS E 128 50.26 -2.56 45.82
N THR E 129 50.39 -3.83 45.45
CA THR E 129 50.69 -4.19 44.06
C THR E 129 49.68 -5.16 43.43
N LYS E 130 49.42 -4.96 42.13
CA LYS E 130 48.54 -5.86 41.39
C LYS E 130 49.06 -6.07 39.97
N SER E 131 48.93 -7.28 39.44
CA SER E 131 49.38 -7.56 38.07
C SER E 131 48.32 -8.28 37.23
N VAL E 132 48.35 -8.06 35.92
CA VAL E 132 47.50 -8.77 34.98
C VAL E 132 48.36 -9.19 33.79
N PHE E 133 48.14 -10.38 33.27
CA PHE E 133 49.02 -10.88 32.21
C PHE E 133 48.28 -11.57 31.06
N PHE E 134 48.97 -11.58 29.91
CA PHE E 134 48.54 -12.35 28.76
C PHE E 134 49.62 -13.35 28.43
N GLU E 135 49.21 -14.61 28.28
CA GLU E 135 50.15 -15.65 27.97
C GLU E 135 49.79 -16.41 26.71
N TYR E 136 50.74 -16.52 25.79
CA TYR E 136 50.50 -17.34 24.61
C TYR E 136 51.25 -18.65 24.80
N ASN E 137 50.72 -19.75 24.31
CA ASN E 137 51.37 -21.03 24.56
C ASN E 137 52.48 -21.25 23.55
N ILE E 138 53.51 -21.97 24.01
CA ILE E 138 54.70 -22.32 23.24
C ILE E 138 54.68 -23.81 22.84
N ARG E 139 53.49 -24.39 22.82
CA ARG E 139 53.32 -25.77 22.37
C ARG E 139 52.49 -25.87 21.10
N GLU E 140 52.19 -24.75 20.46
CA GLU E 140 51.46 -24.80 19.20
C GLU E 140 52.39 -25.09 18.03
N ASP E 141 51.89 -25.87 17.09
CA ASP E 141 52.59 -26.22 15.86
C ASP E 141 53.08 -24.94 15.19
N ILE E 142 52.14 -24.00 15.09
CA ILE E 142 52.40 -22.67 14.56
C ILE E 142 51.75 -21.63 15.46
N SER E 143 52.55 -20.80 16.11
CA SER E 143 51.96 -19.83 17.00
C SER E 143 51.66 -18.55 16.21
N GLU E 144 50.58 -17.89 16.59
CA GLU E 144 50.17 -16.67 15.95
C GLU E 144 50.94 -15.52 16.55
N TYR E 145 51.69 -15.78 17.62
CA TYR E 145 52.30 -14.69 18.37
C TYR E 145 53.84 -14.66 18.41
N ILE E 146 54.49 -15.81 18.55
CA ILE E 146 55.94 -15.84 18.71
C ILE E 146 56.72 -15.21 17.57
N ASN E 147 57.52 -14.20 17.91
CA ASN E 147 58.35 -13.41 16.99
C ASN E 147 57.57 -12.79 15.84
N ARG E 148 56.28 -12.60 16.07
CA ARG E 148 55.44 -11.94 15.11
C ARG E 148 54.79 -10.70 15.74
N TRP E 149 54.76 -9.61 14.99
CA TRP E 149 54.08 -8.39 15.42
C TRP E 149 52.64 -8.65 15.80
N PHE E 150 52.30 -8.39 17.07
CA PHE E 150 50.89 -8.33 17.43
C PHE E 150 50.64 -7.07 18.24
N PHE E 151 49.36 -6.78 18.42
CA PHE E 151 48.91 -5.50 18.98
C PHE E 151 48.40 -5.68 20.40
N VAL E 152 48.90 -4.84 21.29
CA VAL E 152 48.59 -4.94 22.71
C VAL E 152 47.90 -3.68 23.20
N THR E 153 46.89 -3.85 24.05
CA THR E 153 46.25 -2.71 24.70
C THR E 153 45.96 -3.04 26.15
N ILE E 154 46.46 -2.20 27.05
CA ILE E 154 46.15 -2.36 28.45
C ILE E 154 45.29 -1.18 28.86
N THR E 155 44.10 -1.46 29.38
CA THR E 155 43.22 -0.40 29.85
C THR E 155 42.94 -0.60 31.33
N ASN E 156 42.80 0.50 32.04
CA ASN E 156 42.43 0.44 33.44
C ASN E 156 41.26 1.35 33.67
N ASN E 157 40.22 0.80 34.28
CA ASN E 157 39.17 1.64 34.78
C ASN E 157 39.56 1.87 36.22
N LEU E 158 38.58 2.32 36.99
CA LEU E 158 38.75 2.59 38.40
C LEU E 158 39.32 1.34 39.10
N ASN E 159 38.76 0.18 38.78
CA ASN E 159 39.04 -1.02 39.53
C ASN E 159 39.14 -2.37 38.79
N ASN E 160 39.44 -2.33 37.49
CA ASN E 160 39.71 -3.53 36.70
C ASN E 160 40.92 -3.26 35.82
N ALA E 161 41.72 -4.29 35.62
CA ALA E 161 42.82 -4.24 34.66
C ALA E 161 42.50 -5.10 33.44
N LYS E 162 42.62 -4.51 32.25
CA LYS E 162 42.22 -5.23 31.04
C LYS E 162 43.43 -5.35 30.12
N ILE E 163 43.62 -6.53 29.50
CA ILE E 163 44.63 -6.69 28.45
C ILE E 163 43.98 -7.11 27.14
N TYR E 164 44.18 -6.34 26.07
CA TYR E 164 43.68 -6.70 24.74
C TYR E 164 44.77 -7.13 23.77
N ILE E 165 44.50 -8.19 23.02
CA ILE E 165 45.40 -8.65 21.97
C ILE E 165 44.71 -8.61 20.62
N ASN E 166 45.27 -7.80 19.72
CA ASN E 166 44.73 -7.62 18.38
C ASN E 166 43.25 -7.22 18.45
N GLY E 167 42.92 -6.39 19.43
CA GLY E 167 41.56 -5.87 19.62
C GLY E 167 40.66 -6.72 20.50
N LYS E 168 41.16 -7.87 20.95
CA LYS E 168 40.34 -8.83 21.70
C LYS E 168 40.76 -8.93 23.16
N LEU E 169 39.79 -8.95 24.07
CA LEU E 169 40.09 -9.11 25.50
C LEU E 169 40.69 -10.47 25.79
N GLU E 170 41.78 -10.48 26.54
CA GLU E 170 42.46 -11.73 26.84
C GLU E 170 42.54 -12.02 28.33
N SER E 171 42.67 -10.99 29.16
CA SER E 171 42.80 -11.19 30.60
C SER E 171 42.19 -10.07 31.40
N ASN E 172 41.71 -10.40 32.60
CA ASN E 172 41.03 -9.41 33.45
C ASN E 172 41.30 -9.60 34.95
N THR E 173 41.73 -8.53 35.61
CA THR E 173 41.92 -8.54 37.06
C THR E 173 41.47 -7.24 37.73
N ASP E 174 40.71 -7.37 38.82
CA ASP E 174 40.30 -6.20 39.62
C ASP E 174 41.43 -5.53 40.41
N ILE E 175 41.51 -4.21 40.24
CA ILE E 175 42.51 -3.40 40.91
C ILE E 175 41.74 -2.49 41.88
N LYS E 176 40.67 -3.08 42.42
CA LYS E 176 39.78 -2.42 43.38
C LYS E 176 40.46 -1.92 44.65
N ASP E 177 41.40 -2.68 45.19
CA ASP E 177 42.10 -2.18 46.35
C ASP E 177 43.27 -1.28 45.98
N ILE E 178 43.50 -1.10 44.69
CA ILE E 178 44.74 -0.49 44.22
C ILE E 178 44.98 0.92 44.71
N ARG E 179 43.95 1.74 44.76
CA ARG E 179 44.12 3.08 45.27
C ARG E 179 44.89 3.94 44.29
N GLU E 180 45.54 4.97 44.80
CA GLU E 180 46.30 5.89 43.97
C GLU E 180 47.57 5.32 43.36
N VAL E 181 47.76 5.64 42.09
CA VAL E 181 48.91 5.25 41.30
C VAL E 181 49.43 6.51 40.63
N ILE E 182 50.69 6.84 40.89
CA ILE E 182 51.30 8.08 40.40
C ILE E 182 51.73 7.99 38.93
N ALA E 183 51.41 9.02 38.16
CA ALA E 183 51.62 9.00 36.71
C ALA E 183 52.74 9.94 36.26
N ASN E 184 53.22 10.78 37.16
CA ASN E 184 54.16 11.82 36.73
C ASN E 184 55.57 11.29 36.52
N GLY E 185 55.81 10.04 36.91
CA GLY E 185 57.13 9.45 36.75
C GLY E 185 57.57 9.54 35.31
N GLU E 186 58.87 9.57 35.08
CA GLU E 186 59.36 9.55 33.71
C GLU E 186 59.33 8.12 33.20
N ILE E 187 59.16 7.98 31.90
CA ILE E 187 59.03 6.67 31.29
C ILE E 187 60.38 6.22 30.76
N ILE E 188 60.82 5.07 31.25
CA ILE E 188 62.09 4.46 30.85
C ILE E 188 61.89 3.20 30.04
N PHE E 189 62.28 3.25 28.77
CA PHE E 189 62.28 2.06 27.93
C PHE E 189 63.63 1.37 28.02
N LYS E 190 63.69 0.25 28.73
CA LYS E 190 64.96 -0.45 28.83
C LYS E 190 64.77 -1.87 29.33
N LEU E 191 65.51 -2.80 28.72
CA LEU E 191 65.55 -4.16 29.21
C LEU E 191 66.30 -4.25 30.54
N ASP E 192 65.63 -4.76 31.56
CA ASP E 192 66.22 -4.87 32.90
C ASP E 192 65.79 -6.12 33.62
N GLY E 193 66.74 -6.98 33.94
CA GLY E 193 66.43 -8.23 34.62
C GLY E 193 67.53 -9.23 34.35
N ASP E 194 67.38 -10.43 34.89
CA ASP E 194 68.37 -11.47 34.67
C ASP E 194 68.18 -11.96 33.24
N ILE E 195 68.73 -11.22 32.28
CA ILE E 195 68.52 -11.54 30.88
C ILE E 195 69.77 -12.11 30.25
N ASP E 196 69.59 -12.74 29.11
CA ASP E 196 70.68 -13.21 28.28
C ASP E 196 71.21 -12.04 27.46
N ARG E 197 72.47 -12.15 27.07
CA ARG E 197 73.14 -11.16 26.24
C ARG E 197 72.38 -10.93 24.92
N THR E 198 71.78 -12.00 24.42
CA THR E 198 71.04 -11.99 23.17
C THR E 198 69.60 -11.44 23.23
N GLN E 199 69.12 -11.11 24.42
CA GLN E 199 67.73 -10.64 24.54
C GLN E 199 67.50 -9.30 23.85
N PHE E 200 66.38 -9.21 23.15
CA PHE E 200 65.98 -7.96 22.49
C PHE E 200 64.47 -7.93 22.31
N ILE E 201 63.96 -6.76 21.90
CA ILE E 201 62.52 -6.50 21.79
C ILE E 201 62.26 -5.49 20.68
N TRP E 202 61.25 -5.72 19.85
CA TRP E 202 60.81 -4.69 18.90
C TRP E 202 59.48 -4.05 19.37
N MET E 203 59.33 -2.74 19.19
CA MET E 203 58.08 -2.05 19.55
C MET E 203 57.72 -0.98 18.53
N LYS E 204 56.47 -0.56 18.53
CA LYS E 204 55.95 0.31 17.49
C LYS E 204 54.68 0.99 17.98
N TYR E 205 54.49 2.26 17.59
CA TYR E 205 53.28 3.02 17.89
C TYR E 205 52.94 3.00 19.37
N PHE E 206 53.91 3.34 20.21
CA PHE E 206 53.67 3.35 21.65
C PHE E 206 52.70 4.47 21.98
N SER E 207 51.69 4.18 22.80
CA SER E 207 50.69 5.19 23.12
C SER E 207 50.12 5.06 24.54
N ILE E 208 49.69 6.19 25.08
CA ILE E 208 49.03 6.25 26.38
C ILE E 208 47.78 7.13 26.26
N PHE E 209 46.74 6.79 27.02
CA PHE E 209 45.44 7.46 26.95
C PHE E 209 44.91 7.98 28.29
N ASN E 210 44.25 9.12 28.26
CA ASN E 210 43.65 9.70 29.47
C ASN E 210 42.26 9.10 29.69
N THR E 211 41.97 7.99 29.02
CA THR E 211 40.67 7.34 29.08
C THR E 211 40.84 5.84 29.22
N GLU E 212 39.79 5.15 29.68
CA GLU E 212 39.74 3.70 29.58
C GLU E 212 39.16 3.34 28.22
N LEU E 213 40.00 2.83 27.33
CA LEU E 213 39.55 2.52 25.99
C LEU E 213 38.64 1.29 25.97
N SER E 214 37.51 1.43 25.28
CA SER E 214 36.54 0.35 25.09
C SER E 214 36.92 -0.62 23.97
N GLN E 215 36.32 -1.80 24.01
N GLN E 215 36.29 -1.79 23.96
CA GLN E 215 36.56 -2.84 23.01
CA GLN E 215 36.61 -2.83 22.98
C GLN E 215 36.29 -2.37 21.58
C GLN E 215 36.26 -2.41 21.56
N SER E 216 35.31 -1.49 21.42
CA SER E 216 34.95 -0.98 20.10
C SER E 216 36.04 -0.13 19.43
N ASN E 217 36.57 0.85 20.14
CA ASN E 217 37.61 1.72 19.57
C ASN E 217 38.95 1.01 19.44
N ILE E 218 39.21 0.09 20.36
CA ILE E 218 40.48 -0.65 20.38
C ILE E 218 40.55 -1.55 19.17
N GLU E 219 39.44 -2.22 18.87
CA GLU E 219 39.39 -3.07 17.71
C GLU E 219 39.60 -2.25 16.42
N GLU E 220 38.98 -1.08 16.33
CA GLU E 220 39.13 -0.25 15.14
C GLU E 220 40.56 0.27 15.00
N ARG E 221 41.15 0.68 16.12
CA ARG E 221 42.50 1.24 16.14
C ARG E 221 43.42 0.15 15.62
N TYR E 222 43.14 -1.09 16.01
CA TYR E 222 43.84 -2.26 15.47
C TYR E 222 43.71 -2.31 13.94
N LYS E 223 42.48 -2.19 13.43
CA LYS E 223 42.24 -2.20 11.97
C LYS E 223 42.92 -1.02 11.31
N ILE E 224 42.94 0.11 12.00
CA ILE E 224 43.57 1.30 11.46
C ILE E 224 45.07 1.12 11.37
N GLN E 225 45.65 0.55 12.42
CA GLN E 225 47.09 0.38 12.49
C GLN E 225 47.58 -0.91 11.80
N SER E 226 46.63 -1.78 11.46
CA SER E 226 46.96 -2.98 10.70
C SER E 226 47.07 -2.64 9.22
N TYR E 227 46.46 -1.52 8.84
CA TYR E 227 46.45 -1.09 7.44
C TYR E 227 47.84 -0.73 6.94
N SER E 228 48.15 -1.15 5.72
CA SER E 228 49.42 -0.77 5.13
C SER E 228 49.29 -0.81 3.62
N GLU E 229 50.06 0.02 2.95
CA GLU E 229 50.07 -0.03 1.50
C GLU E 229 50.77 -1.31 1.01
N TYR E 230 51.81 -1.71 1.73
CA TYR E 230 52.62 -2.86 1.35
C TYR E 230 52.02 -4.16 1.88
N LEU E 231 52.50 -5.30 1.38
CA LEU E 231 52.11 -6.58 1.97
C LEU E 231 53.15 -6.98 3.00
N LYS E 232 52.82 -7.97 3.81
CA LYS E 232 53.70 -8.32 4.90
C LYS E 232 54.19 -9.77 4.87
N ASP E 233 55.33 -10.00 5.51
CA ASP E 233 55.85 -11.34 5.62
C ASP E 233 55.24 -12.00 6.85
N PHE E 234 55.64 -13.24 7.07
CA PHE E 234 55.09 -14.05 8.16
C PHE E 234 55.22 -13.35 9.51
N TRP E 235 56.22 -12.48 9.64
CA TRP E 235 56.51 -11.82 10.92
C TRP E 235 55.76 -10.49 11.09
N GLY E 236 55.27 -9.93 9.99
CA GLY E 236 54.54 -8.67 10.05
C GLY E 236 55.35 -7.52 9.49
N ASN E 237 56.58 -7.80 9.09
CA ASN E 237 57.41 -6.79 8.42
C ASN E 237 57.07 -6.75 6.93
N PRO E 238 57.44 -5.66 6.24
CA PRO E 238 57.13 -5.50 4.83
C PRO E 238 57.61 -6.62 3.95
N LEU E 239 56.75 -7.06 3.04
CA LEU E 239 57.16 -8.04 2.05
C LEU E 239 58.12 -7.38 1.07
N MET E 240 59.24 -8.05 0.80
CA MET E 240 60.25 -7.45 -0.07
C MET E 240 60.52 -8.28 -1.29
N TYR E 241 60.82 -7.59 -2.39
CA TYR E 241 61.34 -8.23 -3.58
C TYR E 241 62.79 -8.60 -3.29
N ASN E 242 63.32 -9.58 -4.03
CA ASN E 242 64.73 -9.93 -3.95
C ASN E 242 65.17 -10.35 -2.55
N LYS E 243 64.23 -10.87 -1.77
CA LYS E 243 64.51 -11.34 -0.42
C LYS E 243 64.18 -12.83 -0.34
N GLU E 244 65.06 -13.61 0.28
CA GLU E 244 64.84 -15.04 0.38
C GLU E 244 63.70 -15.35 1.35
N TYR E 245 62.75 -16.16 0.88
CA TYR E 245 61.54 -16.50 1.63
C TYR E 245 61.21 -17.99 1.59
N TYR E 246 60.90 -18.56 2.75
CA TYR E 246 60.23 -19.86 2.83
C TYR E 246 58.74 -19.60 2.78
N MET E 247 57.97 -20.56 2.25
CA MET E 247 56.54 -20.33 2.09
C MET E 247 55.68 -21.12 3.07
N PHE E 248 54.69 -20.42 3.61
CA PHE E 248 53.79 -20.94 4.62
C PHE E 248 52.34 -20.96 4.12
N ASN E 249 51.56 -21.95 4.53
CA ASN E 249 50.14 -21.99 4.14
C ASN E 249 49.20 -21.88 5.34
N ALA E 250 48.38 -20.82 5.35
CA ALA E 250 47.49 -20.56 6.49
C ALA E 250 46.44 -21.64 6.69
N GLY E 251 46.12 -22.39 5.63
CA GLY E 251 45.12 -23.44 5.70
C GLY E 251 45.75 -24.80 5.92
N ASN E 252 47.06 -24.86 5.75
CA ASN E 252 47.83 -26.10 5.89
C ASN E 252 49.11 -25.79 6.62
N LYS E 253 48.98 -25.36 7.88
CA LYS E 253 50.10 -24.78 8.60
C LYS E 253 51.29 -25.76 8.64
N ASN E 254 50.98 -27.04 8.83
CA ASN E 254 52.02 -28.06 8.97
C ASN E 254 52.55 -28.58 7.63
N SER E 255 52.25 -27.88 6.55
CA SER E 255 52.71 -28.30 5.24
C SER E 255 53.76 -27.34 4.68
N TYR E 256 54.64 -27.87 3.84
CA TYR E 256 55.65 -27.06 3.15
C TYR E 256 55.94 -27.63 1.76
N ILE E 257 56.51 -26.79 0.89
CA ILE E 257 56.77 -27.18 -0.49
C ILE E 257 58.20 -27.67 -0.74
N LYS E 258 58.32 -28.84 -1.36
CA LYS E 258 59.61 -29.27 -1.90
C LYS E 258 59.47 -29.78 -3.33
N LEU E 259 60.42 -29.42 -4.17
CA LEU E 259 60.48 -29.94 -5.53
C LEU E 259 60.56 -31.46 -5.47
N LYS E 260 59.65 -32.14 -6.17
CA LYS E 260 59.67 -33.60 -6.19
C LYS E 260 60.97 -34.06 -6.87
N LYS E 261 61.57 -35.11 -6.34
CA LYS E 261 62.85 -35.59 -6.87
C LYS E 261 62.74 -35.95 -8.35
N ASP E 262 63.60 -35.33 -9.16
CA ASP E 262 63.70 -35.60 -10.58
C ASP E 262 62.42 -35.27 -11.36
N SER E 263 61.54 -34.48 -10.75
CA SER E 263 60.31 -34.06 -11.41
C SER E 263 60.02 -32.60 -11.18
N PRO E 264 59.65 -31.87 -12.25
CA PRO E 264 59.40 -30.43 -12.21
C PRO E 264 58.06 -30.05 -11.55
N VAL E 265 57.77 -30.62 -10.39
CA VAL E 265 56.55 -30.29 -9.65
C VAL E 265 56.81 -30.06 -8.17
N GLY E 266 55.89 -29.33 -7.52
CA GLY E 266 56.00 -29.09 -6.11
C GLY E 266 55.17 -30.07 -5.31
N GLU E 267 55.83 -31.03 -4.66
CA GLU E 267 55.14 -31.93 -3.76
C GLU E 267 55.00 -31.25 -2.40
N ILE E 268 54.02 -31.68 -1.61
CA ILE E 268 53.79 -31.05 -0.31
C ILE E 268 54.04 -32.02 0.82
N LEU E 269 54.96 -31.69 1.70
CA LEU E 269 55.35 -32.60 2.76
C LEU E 269 54.95 -31.98 4.09
N THR E 270 54.97 -32.78 5.15
CA THR E 270 54.62 -32.27 6.47
C THR E 270 55.84 -31.75 7.22
N ARG E 271 55.72 -30.53 7.75
CA ARG E 271 56.79 -29.87 8.49
C ARG E 271 57.41 -30.73 9.57
N SER E 272 58.73 -30.61 9.70
CA SER E 272 59.47 -31.25 10.77
C SER E 272 59.06 -30.60 12.07
N LYS E 273 59.29 -31.30 13.16
CA LYS E 273 58.89 -30.80 14.45
C LYS E 273 60.11 -30.63 15.33
N TYR E 274 59.90 -30.04 16.50
CA TYR E 274 60.97 -29.88 17.48
C TYR E 274 61.35 -31.26 18.01
N ASN E 275 62.54 -31.68 17.59
CA ASN E 275 63.13 -32.97 17.91
C ASN E 275 63.61 -33.23 19.31
N GLN E 276 64.39 -32.32 19.87
CA GLN E 276 65.03 -32.61 21.13
C GLN E 276 64.00 -32.72 22.23
N ASN E 277 64.32 -33.49 23.26
CA ASN E 277 63.38 -33.77 24.30
C ASN E 277 63.36 -32.63 25.26
N SER E 278 62.17 -32.06 25.42
CA SER E 278 61.95 -30.99 26.37
C SER E 278 60.47 -30.69 26.33
N LYS E 279 59.83 -30.83 27.48
CA LYS E 279 58.39 -31.00 27.56
C LYS E 279 57.61 -29.72 27.85
N TYR E 280 58.34 -28.61 27.89
CA TYR E 280 57.78 -27.29 28.11
C TYR E 280 57.34 -26.64 26.79
N ILE E 281 57.95 -27.10 25.70
CA ILE E 281 57.82 -26.47 24.38
C ILE E 281 57.45 -27.46 23.27
N ASN E 282 56.75 -26.96 22.26
CA ASN E 282 56.63 -27.66 20.99
C ASN E 282 56.39 -26.67 19.86
N TYR E 283 56.95 -26.97 18.69
CA TYR E 283 56.76 -26.12 17.51
C TYR E 283 57.08 -26.87 16.24
N ARG E 284 56.61 -26.34 15.11
CA ARG E 284 56.99 -26.88 13.84
C ARG E 284 58.05 -26.02 13.18
N ASP E 285 58.95 -26.65 12.43
CA ASP E 285 60.05 -25.95 11.77
C ASP E 285 59.56 -25.03 10.66
N LEU E 286 60.18 -23.87 10.57
CA LEU E 286 59.73 -22.86 9.62
C LEU E 286 60.76 -22.72 8.50
N TYR E 287 62.04 -22.92 8.84
CA TYR E 287 63.09 -22.76 7.85
C TYR E 287 63.34 -24.06 7.09
N ILE E 288 62.31 -24.53 6.38
CA ILE E 288 62.42 -25.71 5.52
C ILE E 288 61.58 -25.51 4.27
N GLY E 289 61.79 -26.40 3.30
CA GLY E 289 61.15 -26.28 2.01
C GLY E 289 62.02 -25.46 1.07
N GLU E 290 61.47 -25.14 -0.10
CA GLU E 290 62.23 -24.39 -1.10
C GLU E 290 62.44 -22.95 -0.65
N LYS E 291 63.58 -22.36 -1.05
CA LYS E 291 63.85 -20.94 -0.84
C LYS E 291 63.29 -20.16 -2.01
N PHE E 292 62.17 -19.47 -1.81
CA PHE E 292 61.55 -18.70 -2.89
C PHE E 292 62.08 -17.28 -2.90
N ILE E 293 61.82 -16.56 -3.99
CA ILE E 293 62.23 -15.15 -4.10
C ILE E 293 61.31 -14.41 -5.06
N ILE E 294 60.91 -13.19 -4.70
CA ILE E 294 59.93 -12.44 -5.49
C ILE E 294 60.59 -11.38 -6.38
N ARG E 295 60.26 -11.42 -7.67
CA ARG E 295 60.82 -10.51 -8.68
C ARG E 295 59.73 -9.62 -9.28
N ARG E 296 60.12 -8.53 -9.94
CA ARG E 296 59.15 -7.63 -10.56
C ARG E 296 58.73 -8.04 -11.98
N ASP E 306 63.39 -3.31 -3.44
CA ASP E 306 62.25 -2.46 -3.07
C ASP E 306 61.10 -3.29 -2.47
N ILE E 307 60.00 -2.63 -2.16
CA ILE E 307 58.88 -3.24 -1.41
C ILE E 307 57.69 -3.75 -2.24
N VAL E 308 57.15 -4.93 -1.86
CA VAL E 308 56.03 -5.55 -2.56
C VAL E 308 54.66 -5.03 -2.09
N ARG E 309 53.84 -4.58 -3.04
CA ARG E 309 52.52 -4.00 -2.79
C ARG E 309 51.36 -4.79 -3.41
N LYS E 310 50.17 -4.69 -2.83
CA LYS E 310 49.00 -5.37 -3.39
C LYS E 310 48.78 -5.01 -4.88
N GLU E 311 48.31 -5.99 -5.66
CA GLU E 311 47.98 -5.88 -7.09
C GLU E 311 49.22 -5.82 -7.98
N ASP E 312 50.40 -5.84 -7.36
CA ASP E 312 51.65 -5.88 -8.10
C ASP E 312 51.70 -7.14 -8.96
N TYR E 313 52.35 -7.04 -10.11
CA TYR E 313 52.56 -8.22 -10.94
C TYR E 313 53.98 -8.71 -10.64
N ILE E 314 54.12 -10.00 -10.36
CA ILE E 314 55.38 -10.56 -9.90
C ILE E 314 55.74 -11.85 -10.63
N TYR E 315 56.95 -12.33 -10.36
CA TYR E 315 57.34 -13.69 -10.69
C TYR E 315 57.54 -14.41 -9.37
N LEU E 316 57.07 -15.64 -9.27
CA LEU E 316 57.40 -16.42 -8.08
C LEU E 316 58.54 -17.37 -8.40
N ASP E 317 59.72 -17.04 -7.87
CA ASP E 317 60.91 -17.83 -8.14
C ASP E 317 61.39 -18.57 -6.91
N PHE E 318 62.35 -19.45 -7.13
CA PHE E 318 63.03 -20.16 -6.06
C PHE E 318 64.42 -20.64 -6.49
N PHE E 319 65.24 -21.04 -5.52
CA PHE E 319 66.60 -21.50 -5.82
C PHE E 319 66.63 -23.01 -6.01
N ASN E 320 67.17 -23.45 -7.14
CA ASN E 320 67.35 -24.88 -7.43
C ASN E 320 68.61 -25.17 -8.27
N LEU E 321 69.58 -25.89 -7.71
CA LEU E 321 70.79 -26.28 -8.44
C LEU E 321 71.64 -25.08 -8.89
N ASN E 322 71.93 -24.16 -7.98
CA ASN E 322 72.65 -22.92 -8.29
C ASN E 322 72.03 -22.11 -9.42
N GLN E 323 70.76 -22.40 -9.71
CA GLN E 323 69.99 -21.69 -10.72
C GLN E 323 68.79 -21.07 -10.05
N GLU E 324 68.26 -19.99 -10.62
CA GLU E 324 66.99 -19.45 -10.12
C GLU E 324 65.90 -20.07 -10.99
N TRP E 325 64.98 -20.81 -10.37
CA TRP E 325 63.88 -21.40 -11.13
C TRP E 325 62.63 -20.58 -10.90
N ARG E 326 61.55 -21.02 -11.54
CA ARG E 326 60.24 -20.42 -11.38
C ARG E 326 59.11 -21.41 -11.09
N VAL E 327 57.89 -20.87 -11.05
CA VAL E 327 56.68 -21.66 -10.87
C VAL E 327 55.65 -21.24 -11.92
N TYR E 328 55.62 -21.99 -13.02
CA TYR E 328 54.79 -21.67 -14.16
C TYR E 328 53.46 -22.43 -14.13
N THR E 329 52.46 -21.97 -14.89
CA THR E 329 51.29 -22.81 -15.16
C THR E 329 51.05 -23.00 -16.66
N TYR E 330 50.65 -24.21 -17.04
CA TYR E 330 50.25 -24.51 -18.41
C TYR E 330 49.00 -23.70 -18.78
N LYS E 331 48.98 -23.23 -20.03
CA LYS E 331 47.86 -22.46 -20.54
C LYS E 331 46.65 -23.39 -20.77
N TYR E 332 46.95 -24.67 -20.96
CA TYR E 332 45.96 -25.65 -21.46
C TYR E 332 45.68 -26.82 -20.52
N PHE E 333 45.56 -26.55 -19.22
CA PHE E 333 45.26 -27.59 -18.25
C PHE E 333 43.76 -27.84 -18.25
N LYS E 334 43.37 -29.09 -18.10
CA LYS E 334 42.00 -29.51 -18.40
C LYS E 334 41.07 -29.63 -17.19
N LYS E 335 41.61 -29.96 -16.03
CA LYS E 335 40.77 -30.08 -14.84
C LYS E 335 40.46 -28.73 -14.21
N GLU E 336 39.64 -28.75 -13.15
CA GLU E 336 39.28 -27.50 -12.48
C GLU E 336 40.46 -27.06 -11.62
N GLU E 337 41.35 -28.01 -11.34
CA GLU E 337 42.59 -27.72 -10.65
C GLU E 337 43.64 -28.65 -11.22
N GLU E 338 44.90 -28.20 -11.23
CA GLU E 338 45.97 -29.00 -11.77
C GLU E 338 47.30 -28.53 -11.18
N LYS E 339 48.31 -29.40 -11.19
CA LYS E 339 49.62 -29.08 -10.64
C LYS E 339 50.37 -27.94 -11.34
N LEU E 340 51.09 -27.13 -10.57
CA LEU E 340 51.98 -26.10 -11.13
C LEU E 340 53.27 -26.72 -11.69
N PHE E 341 53.86 -26.04 -12.66
CA PHE E 341 55.11 -26.50 -13.28
C PHE E 341 56.32 -25.73 -12.76
N LEU E 342 57.33 -26.44 -12.26
CA LEU E 342 58.56 -25.82 -11.73
C LEU E 342 59.78 -26.01 -12.64
N ALA E 343 60.37 -24.92 -13.13
CA ALA E 343 61.40 -25.03 -14.17
C ALA E 343 62.34 -23.83 -14.16
N PRO E 344 63.50 -23.96 -14.85
CA PRO E 344 64.42 -22.84 -15.07
C PRO E 344 63.75 -21.64 -15.75
N ILE E 345 64.38 -20.47 -15.67
CA ILE E 345 63.83 -19.24 -16.26
C ILE E 345 63.60 -19.27 -17.77
N SER E 346 62.36 -19.03 -18.19
CA SER E 346 62.02 -18.95 -19.61
C SER E 346 60.64 -18.34 -19.85
N ASP E 347 60.46 -17.74 -21.02
CA ASP E 347 59.14 -17.42 -21.48
C ASP E 347 58.77 -18.51 -22.46
N SER E 348 57.51 -18.93 -22.44
CA SER E 348 57.07 -20.03 -23.29
C SER E 348 55.60 -19.87 -23.62
N ASP E 349 55.21 -20.26 -24.83
CA ASP E 349 53.81 -20.20 -25.22
C ASP E 349 53.00 -21.35 -24.65
N GLU E 350 53.67 -22.28 -23.98
CA GLU E 350 52.96 -23.35 -23.29
C GLU E 350 52.80 -23.04 -21.80
N PHE E 351 53.40 -21.95 -21.33
CA PHE E 351 53.38 -21.65 -19.90
C PHE E 351 52.99 -20.21 -19.59
N TYR E 352 52.30 -19.99 -18.47
CA TYR E 352 52.17 -18.64 -17.94
C TYR E 352 53.22 -18.42 -16.85
N ASN E 353 53.71 -17.19 -16.74
CA ASN E 353 54.67 -16.87 -15.69
C ASN E 353 54.25 -15.63 -14.90
N THR E 354 53.22 -14.95 -15.36
CA THR E 354 52.81 -13.71 -14.72
C THR E 354 51.81 -13.99 -13.60
N ILE E 355 52.19 -13.64 -12.38
CA ILE E 355 51.35 -13.82 -11.21
C ILE E 355 50.95 -12.45 -10.68
N GLN E 356 49.70 -12.32 -10.26
CA GLN E 356 49.25 -11.13 -9.57
C GLN E 356 48.93 -11.39 -8.11
N ILE E 357 49.59 -10.63 -7.23
CA ILE E 357 49.44 -10.81 -5.80
C ILE E 357 48.26 -10.01 -5.26
N LYS E 358 47.44 -10.66 -4.44
CA LYS E 358 46.23 -10.03 -3.91
C LYS E 358 46.09 -10.20 -2.40
N GLU E 359 45.19 -9.42 -1.82
CA GLU E 359 44.80 -9.56 -0.44
C GLU E 359 43.29 -9.52 -0.34
N TYR E 360 42.65 -10.68 -0.45
CA TYR E 360 41.19 -10.73 -0.47
C TYR E 360 40.57 -10.47 0.90
N ASP E 361 41.31 -10.76 1.97
CA ASP E 361 40.78 -10.60 3.33
C ASP E 361 40.52 -9.14 3.67
N GLU E 362 39.40 -8.87 4.34
CA GLU E 362 39.09 -7.49 4.74
C GLU E 362 39.54 -7.21 6.16
N GLN E 363 39.71 -8.29 6.94
CA GLN E 363 40.28 -8.18 8.28
C GLN E 363 41.81 -8.17 8.21
N PRO E 364 42.45 -7.61 9.25
CA PRO E 364 43.91 -7.58 9.31
C PRO E 364 44.50 -8.98 9.12
N THR E 365 45.58 -9.07 8.35
CA THR E 365 46.16 -10.36 7.99
C THR E 365 47.57 -10.25 7.43
N TYR E 366 48.33 -11.33 7.53
CA TYR E 366 49.63 -11.41 6.87
C TYR E 366 49.56 -12.38 5.71
N SER E 367 48.36 -12.92 5.45
CA SER E 367 48.16 -13.83 4.33
C SER E 367 47.83 -13.07 3.05
N CYS E 368 48.33 -13.59 1.93
CA CYS E 368 48.00 -13.07 0.62
C CYS E 368 47.65 -14.20 -0.33
N GLN E 369 47.20 -13.84 -1.52
CA GLN E 369 46.86 -14.82 -2.56
C GLN E 369 47.63 -14.54 -3.85
N LEU E 370 47.84 -15.58 -4.64
CA LEU E 370 48.63 -15.48 -5.84
C LEU E 370 47.82 -15.82 -7.09
N LEU E 371 47.42 -14.79 -7.83
CA LEU E 371 46.59 -15.00 -9.00
C LEU E 371 47.43 -15.06 -10.28
N PHE E 372 47.40 -16.21 -10.95
CA PHE E 372 48.02 -16.32 -12.26
C PHE E 372 47.11 -15.58 -13.23
N LYS E 373 47.70 -14.85 -14.17
CA LYS E 373 46.92 -14.10 -15.15
C LYS E 373 47.59 -14.09 -16.53
N GLU E 381 40.68 -14.55 -15.59
CA GLU E 381 41.45 -15.12 -14.48
C GLU E 381 41.77 -16.58 -14.72
N ILE E 382 43.05 -16.90 -14.71
CA ILE E 382 43.51 -18.27 -14.99
C ILE E 382 43.30 -19.22 -13.81
N GLY E 383 43.63 -18.75 -12.62
CA GLY E 383 43.52 -19.56 -11.42
C GLY E 383 44.38 -19.08 -10.27
N LEU E 384 44.11 -19.62 -9.08
CA LEU E 384 44.85 -19.24 -7.88
C LEU E 384 45.79 -20.34 -7.44
N ILE E 385 46.92 -19.93 -6.87
CA ILE E 385 47.88 -20.89 -6.39
C ILE E 385 47.39 -21.47 -5.08
N GLY E 386 47.40 -22.79 -4.96
CA GLY E 386 46.95 -23.38 -3.72
C GLY E 386 47.40 -24.82 -3.50
N ILE E 387 46.69 -25.49 -2.61
CA ILE E 387 46.99 -26.86 -2.31
C ILE E 387 45.76 -27.71 -2.51
N HIS E 388 45.92 -28.81 -3.23
CA HIS E 388 44.84 -29.77 -3.42
C HIS E 388 45.34 -31.17 -3.21
N ARG E 389 44.42 -32.05 -2.82
CA ARG E 389 44.74 -33.45 -2.62
C ARG E 389 44.43 -34.26 -3.88
N PHE E 390 45.33 -35.16 -4.25
CA PHE E 390 45.14 -36.01 -5.42
C PHE E 390 45.19 -37.46 -5.00
N TYR E 391 44.03 -38.10 -4.96
CA TYR E 391 44.01 -39.52 -4.62
C TYR E 391 44.61 -40.33 -5.76
N GLU E 392 45.64 -41.08 -5.41
CA GLU E 392 46.36 -41.93 -6.34
C GLU E 392 46.21 -43.39 -5.97
N SER E 393 46.17 -44.25 -6.98
CA SER E 393 45.99 -45.66 -6.72
C SER E 393 47.35 -46.33 -6.52
N GLY E 394 47.64 -46.64 -5.28
CA GLY E 394 48.87 -47.26 -4.89
C GLY E 394 48.46 -48.68 -4.63
N ILE E 395 49.39 -49.64 -4.69
CA ILE E 395 49.00 -51.04 -4.59
C ILE E 395 48.37 -51.47 -3.26
N VAL E 396 48.95 -51.02 -2.15
CA VAL E 396 48.46 -51.45 -0.83
C VAL E 396 47.05 -50.97 -0.49
N PHE E 397 46.78 -49.71 -0.76
CA PHE E 397 45.49 -49.08 -0.47
C PHE E 397 45.35 -47.83 -1.31
N GLU E 398 44.14 -47.29 -1.44
CA GLU E 398 44.01 -46.06 -2.18
C GLU E 398 44.74 -45.00 -1.40
N GLU E 399 45.75 -44.42 -2.03
CA GLU E 399 46.63 -43.49 -1.34
C GLU E 399 46.27 -42.05 -1.69
N TYR E 400 46.73 -41.12 -0.86
CA TYR E 400 46.48 -39.69 -1.06
C TYR E 400 47.80 -38.93 -1.10
N LYS E 401 47.89 -37.91 -1.96
CA LYS E 401 49.09 -37.06 -1.99
C LYS E 401 48.76 -35.61 -2.37
N ASP E 402 49.21 -34.68 -1.52
CA ASP E 402 48.96 -33.25 -1.68
C ASP E 402 49.96 -32.59 -2.64
N TYR E 403 49.48 -31.64 -3.43
CA TYR E 403 50.37 -30.97 -4.37
C TYR E 403 50.24 -29.45 -4.46
N PHE E 404 51.34 -28.83 -4.87
CA PHE E 404 51.46 -27.42 -5.20
C PHE E 404 50.75 -27.17 -6.54
N CYS E 405 49.63 -26.46 -6.54
CA CYS E 405 48.77 -26.44 -7.73
C CYS E 405 48.20 -25.07 -8.13
N ILE E 406 47.65 -25.03 -9.35
CA ILE E 406 46.78 -23.94 -9.75
C ILE E 406 45.35 -24.46 -9.72
N SER E 407 44.41 -23.60 -9.32
CA SER E 407 43.05 -24.05 -9.10
C SER E 407 41.98 -23.05 -9.48
N LYS E 408 40.99 -23.51 -10.23
CA LYS E 408 39.82 -22.69 -10.51
C LYS E 408 38.87 -22.79 -9.33
N TRP E 409 39.00 -23.86 -8.55
CA TRP E 409 38.12 -24.10 -7.41
C TRP E 409 38.15 -22.94 -6.41
N TYR E 410 39.36 -22.50 -6.05
CA TYR E 410 39.52 -21.42 -5.09
C TYR E 410 38.97 -20.08 -5.60
N LEU E 411 39.04 -19.86 -6.92
CA LEU E 411 38.54 -18.63 -7.55
C LEU E 411 37.09 -18.40 -7.12
N LYS E 412 36.35 -19.49 -7.01
CA LYS E 412 34.98 -19.44 -6.53
C LYS E 412 35.03 -19.18 -5.03
N GLU E 413 35.85 -19.97 -4.35
CA GLU E 413 35.89 -20.01 -2.89
C GLU E 413 36.37 -18.73 -2.20
N VAL E 414 37.23 -17.97 -2.87
CA VAL E 414 37.71 -16.72 -2.28
C VAL E 414 36.63 -15.64 -2.23
N LYS E 415 35.51 -15.86 -2.93
CA LYS E 415 34.44 -14.88 -2.98
C LYS E 415 33.46 -14.98 -1.81
N ARG E 416 33.53 -16.06 -1.04
CA ARG E 416 32.63 -16.20 0.09
C ARG E 416 33.08 -15.28 1.22
N LYS E 417 32.08 -14.73 1.90
CA LYS E 417 32.28 -13.80 2.99
C LYS E 417 31.75 -14.42 4.29
N PRO E 418 32.44 -14.21 5.42
CA PRO E 418 33.69 -13.47 5.64
C PRO E 418 34.84 -14.22 4.99
N TYR E 419 35.91 -13.53 4.60
CA TYR E 419 36.98 -14.22 3.90
C TYR E 419 37.46 -15.38 4.75
N ASN E 420 37.57 -16.52 4.11
CA ASN E 420 37.92 -17.76 4.80
C ASN E 420 39.42 -17.95 5.03
N LEU E 421 39.82 -17.93 6.30
CA LEU E 421 41.23 -18.03 6.68
C LEU E 421 41.92 -19.37 6.39
N LYS E 422 41.18 -20.46 6.33
CA LYS E 422 41.85 -21.75 6.25
C LYS E 422 41.90 -22.31 4.82
N LEU E 423 41.54 -21.48 3.84
CA LEU E 423 41.65 -21.85 2.44
C LEU E 423 43.11 -22.10 2.07
N GLY E 424 43.34 -23.16 1.32
CA GLY E 424 44.69 -23.52 0.94
C GLY E 424 45.28 -22.61 -0.12
N CYS E 425 44.59 -21.53 -0.43
CA CYS E 425 45.14 -20.55 -1.37
C CYS E 425 45.71 -19.34 -0.64
N ASN E 426 45.73 -19.43 0.69
CA ASN E 426 46.27 -18.39 1.56
C ASN E 426 47.73 -18.63 1.91
N TRP E 427 48.59 -17.74 1.41
CA TRP E 427 50.02 -17.91 1.57
C TRP E 427 50.65 -16.84 2.46
N GLN E 428 51.75 -17.21 3.13
CA GLN E 428 52.60 -16.25 3.82
C GLN E 428 54.08 -16.52 3.55
N PHE E 429 54.90 -15.47 3.62
CA PHE E 429 56.32 -15.58 3.29
C PHE E 429 57.21 -15.44 4.51
N ILE E 430 58.15 -16.36 4.68
CA ILE E 430 59.02 -16.36 5.85
C ILE E 430 60.50 -16.13 5.55
N PRO E 431 61.02 -14.95 5.92
CA PRO E 431 62.47 -14.69 5.85
C PRO E 431 63.15 -15.23 7.10
N LYS E 432 64.44 -15.59 7.04
CA LYS E 432 65.15 -15.90 8.28
C LYS E 432 65.12 -14.68 9.16
N ASP E 433 65.01 -14.89 10.45
CA ASP E 433 64.88 -13.76 11.36
C ASP E 433 65.61 -14.11 12.64
N GLU E 434 66.36 -13.14 13.13
CA GLU E 434 67.20 -13.32 14.31
C GLU E 434 66.34 -13.73 15.52
N GLY E 435 65.05 -13.39 15.44
CA GLY E 435 64.09 -13.72 16.47
C GLY E 435 63.50 -15.12 16.35
N TRP E 436 63.98 -15.90 15.39
CA TRP E 436 63.50 -17.27 15.29
C TRP E 436 64.64 -18.23 14.95
N THR E 437 64.91 -19.14 15.88
CA THR E 437 65.94 -20.16 15.72
C THR E 437 65.35 -21.55 15.95
N GLU E 438 65.84 -22.53 15.21
CA GLU E 438 65.30 -23.89 15.27
C GLU E 438 66.36 -24.93 14.94
N MET F 24 -6.75 -15.31 32.19
CA MET F 24 -6.65 -13.87 32.44
C MET F 24 -7.75 -13.39 33.38
N PHE F 25 -8.95 -13.95 33.26
CA PHE F 25 -10.05 -13.53 34.14
C PHE F 25 -9.74 -13.85 35.60
N ALA F 26 -9.43 -15.12 35.87
CA ALA F 26 -9.01 -15.51 37.20
C ALA F 26 -7.89 -14.63 37.70
N GLU F 27 -6.98 -14.20 36.82
CA GLU F 27 -5.92 -13.30 37.24
CA GLU F 27 -5.92 -13.30 37.25
C GLU F 27 -6.52 -11.96 37.65
N LEU F 28 -7.59 -11.54 36.96
CA LEU F 28 -8.24 -10.27 37.29
C LEU F 28 -8.91 -10.38 38.63
N LYS F 29 -9.55 -11.53 38.86
CA LYS F 29 -10.10 -11.84 40.17
C LYS F 29 -9.03 -11.68 41.25
N ALA F 30 -7.88 -12.29 41.05
CA ALA F 30 -6.82 -12.22 42.03
C ALA F 30 -6.40 -10.78 42.25
N LYS F 31 -6.35 -10.01 41.17
CA LYS F 31 -5.93 -8.61 41.24
C LYS F 31 -6.96 -7.79 41.97
N PHE F 32 -8.23 -8.11 41.74
CA PHE F 32 -9.26 -7.47 42.51
C PHE F 32 -9.08 -7.70 44.01
N PHE F 33 -8.92 -8.98 44.40
CA PHE F 33 -8.89 -9.31 45.82
C PHE F 33 -7.68 -8.69 46.51
N LEU F 34 -6.56 -8.64 45.81
CA LEU F 34 -5.41 -7.91 46.33
C LEU F 34 -5.77 -6.46 46.45
N GLU F 35 -6.49 -5.96 45.46
CA GLU F 35 -6.85 -4.56 45.46
C GLU F 35 -7.73 -4.23 46.68
N ILE F 36 -8.60 -5.16 47.08
CA ILE F 36 -9.45 -4.95 48.25
C ILE F 36 -8.87 -5.56 49.54
N GLY F 37 -7.58 -5.90 49.52
CA GLY F 37 -6.89 -6.44 50.69
C GLY F 37 -7.37 -7.80 51.22
N ASP F 38 -7.66 -8.71 50.32
CA ASP F 38 -8.00 -10.07 50.74
C ASP F 38 -7.00 -10.99 50.04
N ARG F 39 -5.79 -10.98 50.57
CA ARG F 39 -4.63 -11.62 49.96
C ARG F 39 -4.86 -13.11 49.95
N ASP F 40 -5.76 -13.58 50.80
CA ASP F 40 -6.13 -15.00 50.81
C ASP F 40 -7.08 -15.34 49.69
N ALA F 41 -8.09 -14.49 49.50
CA ALA F 41 -9.01 -14.67 48.38
C ALA F 41 -8.24 -14.77 47.07
N ALA F 42 -7.20 -13.95 46.95
CA ALA F 42 -6.36 -13.94 45.78
C ALA F 42 -5.60 -15.22 45.61
N ARG F 43 -5.09 -15.75 46.72
CA ARG F 43 -4.30 -16.97 46.63
C ARG F 43 -5.23 -18.13 46.31
N ASN F 44 -6.43 -18.11 46.88
CA ASN F 44 -7.44 -19.11 46.54
C ASN F 44 -7.86 -19.01 45.07
N ALA F 45 -7.96 -17.79 44.55
CA ALA F 45 -8.40 -17.65 43.17
C ALA F 45 -7.33 -18.18 42.21
N LEU F 46 -6.06 -17.98 42.55
CA LEU F 46 -4.95 -18.46 41.72
C LEU F 46 -4.75 -19.98 41.80
N ARG F 47 -4.75 -20.55 43.01
CA ARG F 47 -4.70 -22.01 43.14
C ARG F 47 -5.86 -22.68 42.36
N LYS F 48 -7.00 -21.99 42.30
CA LYS F 48 -8.13 -22.41 41.46
C LYS F 48 -7.83 -22.36 39.97
N ALA F 49 -6.90 -21.50 39.57
CA ALA F 49 -6.58 -21.25 38.15
C ALA F 49 -6.03 -22.43 37.32
N GLY F 50 -5.08 -23.26 37.79
CA GLY F 50 -4.43 -23.22 39.09
C GLY F 50 -2.92 -23.10 39.06
N TYR F 51 -2.38 -22.23 39.91
CA TYR F 51 -0.95 -21.92 39.92
C TYR F 51 -0.19 -22.71 41.00
N SER F 52 1.14 -22.75 40.87
CA SER F 52 2.00 -23.29 41.90
C SER F 52 1.85 -22.41 43.13
N ASP F 53 1.73 -23.01 44.32
CA ASP F 53 1.52 -22.21 45.53
C ASP F 53 2.72 -21.29 45.82
N GLU F 54 3.84 -21.59 45.16
CA GLU F 54 5.03 -20.75 45.25
C GLU F 54 4.95 -19.66 44.19
N GLU F 55 4.53 -20.06 43.00
CA GLU F 55 4.37 -19.14 41.88
C GLU F 55 3.27 -18.12 42.15
N ALA F 56 2.13 -18.60 42.67
CA ALA F 56 1.03 -17.73 43.04
C ALA F 56 1.53 -16.66 43.99
N GLU F 57 2.32 -17.10 44.97
CA GLU F 57 2.87 -16.20 45.96
C GLU F 57 3.77 -15.11 45.35
N ARG F 58 4.59 -15.48 44.38
CA ARG F 58 5.45 -14.50 43.70
C ARG F 58 4.62 -13.46 42.97
N ILE F 59 3.60 -13.95 42.26
CA ILE F 59 2.66 -13.10 41.53
C ILE F 59 2.07 -12.00 42.40
N ILE F 60 1.76 -12.40 43.63
CA ILE F 60 1.12 -11.54 44.63
C ILE F 60 2.05 -10.43 45.13
N ARG F 61 3.27 -10.82 45.50
CA ARG F 61 4.25 -9.84 45.97
C ARG F 61 4.61 -8.84 44.87
N LYS F 62 4.35 -9.21 43.63
CA LYS F 62 4.70 -8.38 42.47
C LYS F 62 3.61 -7.34 42.25
N TYR F 63 2.38 -7.76 42.48
CA TYR F 63 1.22 -6.91 42.35
C TYR F 63 1.14 -5.82 43.44
N PHE G 25 -36.21 22.25 -2.39
CA PHE G 25 -35.25 22.37 -3.50
C PHE G 25 -35.79 23.21 -4.65
N ALA G 26 -36.96 22.83 -5.15
CA ALA G 26 -37.66 23.61 -6.14
C ALA G 26 -37.83 25.07 -5.67
N GLU G 27 -38.03 25.25 -4.36
CA GLU G 27 -38.13 26.58 -3.78
C GLU G 27 -36.78 27.29 -3.73
N LEU G 28 -35.72 26.52 -3.51
CA LEU G 28 -34.39 27.11 -3.58
C LEU G 28 -34.07 27.58 -5.01
N LYS G 29 -34.51 26.81 -6.00
CA LYS G 29 -34.40 27.16 -7.42
C LYS G 29 -34.99 28.54 -7.75
N ALA G 30 -36.25 28.72 -7.34
CA ALA G 30 -36.98 29.94 -7.58
C ALA G 30 -36.27 31.09 -6.90
N LYS G 31 -35.80 30.85 -5.67
CA LYS G 31 -35.11 31.91 -4.94
C LYS G 31 -33.80 32.23 -5.66
N PHE G 32 -33.14 31.19 -6.17
CA PHE G 32 -31.94 31.39 -6.97
C PHE G 32 -32.19 32.35 -8.15
N PHE G 33 -33.25 32.13 -8.92
CA PHE G 33 -33.51 32.95 -10.12
C PHE G 33 -33.86 34.40 -9.77
N LEU G 34 -34.58 34.62 -8.69
CA LEU G 34 -34.82 35.99 -8.26
C LEU G 34 -33.51 36.69 -7.91
N GLU G 35 -32.64 35.94 -7.23
CA GLU G 35 -31.33 36.43 -6.85
C GLU G 35 -30.46 36.75 -8.08
N ILE G 36 -30.67 36.06 -9.20
CA ILE G 36 -29.91 36.38 -10.42
C ILE G 36 -30.74 37.28 -11.34
N GLY G 37 -31.78 37.87 -10.78
CA GLY G 37 -32.63 38.79 -11.49
C GLY G 37 -33.31 38.19 -12.69
N ASP G 38 -33.80 36.95 -12.55
CA ASP G 38 -34.51 36.24 -13.61
C ASP G 38 -35.88 35.81 -13.11
N ARG G 39 -36.79 36.76 -13.06
CA ARG G 39 -38.05 36.55 -12.39
C ARG G 39 -38.94 35.56 -13.14
N ASP G 40 -38.73 35.41 -14.45
CA ASP G 40 -39.57 34.48 -15.22
C ASP G 40 -39.16 33.05 -14.96
N ALA G 41 -37.86 32.79 -14.96
CA ALA G 41 -37.32 31.48 -14.60
C ALA G 41 -37.85 31.01 -13.23
N ALA G 42 -38.02 31.96 -12.31
CA ALA G 42 -38.56 31.64 -10.99
C ALA G 42 -40.01 31.16 -11.12
N ARG G 43 -40.78 31.78 -12.01
CA ARG G 43 -42.17 31.41 -12.18
C ARG G 43 -42.25 30.07 -12.88
N ASN G 44 -41.33 29.83 -13.79
CA ASN G 44 -41.23 28.55 -14.46
C ASN G 44 -40.94 27.40 -13.47
N ALA G 45 -40.06 27.64 -12.51
CA ALA G 45 -39.68 26.60 -11.54
C ALA G 45 -40.82 26.27 -10.58
N LEU G 46 -41.59 27.28 -10.19
CA LEU G 46 -42.71 27.06 -9.29
C LEU G 46 -43.87 26.35 -9.97
N ARG G 47 -44.25 26.83 -11.15
CA ARG G 47 -45.28 26.18 -11.95
C ARG G 47 -44.91 24.72 -12.23
N LYS G 48 -43.62 24.43 -12.38
CA LYS G 48 -43.12 23.06 -12.55
C LYS G 48 -43.29 22.18 -11.31
N ALA G 49 -43.34 22.81 -10.13
CA ALA G 49 -43.36 22.09 -8.86
C ALA G 49 -44.50 21.09 -8.62
N GLY G 50 -45.76 21.39 -8.96
CA GLY G 50 -46.24 22.59 -9.63
C GLY G 50 -47.25 23.47 -8.92
N TYR G 51 -47.12 24.77 -9.10
CA TYR G 51 -47.97 25.75 -8.45
C TYR G 51 -48.91 26.59 -9.32
N SER G 52 -49.92 27.15 -8.66
CA SER G 52 -50.82 28.14 -9.24
C SER G 52 -50.06 29.42 -9.53
N ASP G 53 -50.26 29.98 -10.71
CA ASP G 53 -49.55 31.19 -11.13
C ASP G 53 -49.92 32.39 -10.26
N GLU G 54 -51.00 32.24 -9.49
CA GLU G 54 -51.37 33.28 -8.54
C GLU G 54 -50.62 33.10 -7.22
N GLU G 55 -50.60 31.86 -6.73
CA GLU G 55 -49.86 31.59 -5.50
C GLU G 55 -48.38 31.81 -5.77
N ALA G 56 -47.91 31.33 -6.92
CA ALA G 56 -46.52 31.49 -7.35
C ALA G 56 -46.11 32.95 -7.35
N GLU G 57 -46.94 33.79 -7.96
CA GLU G 57 -46.65 35.21 -8.03
C GLU G 57 -46.57 35.87 -6.64
N ARG G 58 -47.45 35.46 -5.73
CA ARG G 58 -47.40 35.96 -4.34
C ARG G 58 -46.11 35.58 -3.64
N ILE G 59 -45.72 34.32 -3.81
CA ILE G 59 -44.49 33.79 -3.24
C ILE G 59 -43.30 34.67 -3.59
N ILE G 60 -43.29 35.12 -4.85
CA ILE G 60 -42.21 35.92 -5.41
C ILE G 60 -42.18 37.34 -4.84
N ARG G 61 -43.34 37.98 -4.79
CA ARG G 61 -43.46 39.32 -4.24
C ARG G 61 -43.06 39.32 -2.78
N LYS G 62 -43.10 38.14 -2.18
CA LYS G 62 -42.82 37.98 -0.77
C LYS G 62 -41.33 37.88 -0.46
N TYR G 63 -40.59 37.18 -1.32
CA TYR G 63 -39.17 37.00 -1.10
C TYR G 63 -38.43 38.34 -1.26
N MET H 24 -6.50 -56.31 -44.05
CA MET H 24 -5.58 -55.31 -43.52
C MET H 24 -5.78 -55.16 -42.02
N PHE H 25 -6.98 -55.50 -41.52
CA PHE H 25 -7.28 -55.26 -40.12
C PHE H 25 -6.31 -55.97 -39.18
N ALA H 26 -6.22 -57.28 -39.32
CA ALA H 26 -5.50 -58.06 -38.31
C ALA H 26 -4.06 -57.61 -38.15
N GLU H 27 -3.49 -57.10 -39.25
CA GLU H 27 -2.14 -56.55 -39.21
C GLU H 27 -2.16 -55.16 -38.59
N LEU H 28 -3.25 -54.43 -38.83
CA LEU H 28 -3.43 -53.15 -38.18
C LEU H 28 -3.60 -53.38 -36.69
N LYS H 29 -4.33 -54.44 -36.33
CA LYS H 29 -4.46 -54.86 -34.93
C LYS H 29 -3.09 -55.00 -34.35
N ALA H 30 -2.28 -55.80 -35.04
CA ALA H 30 -0.94 -56.09 -34.59
C ALA H 30 -0.16 -54.80 -34.52
N LYS H 31 -0.29 -53.94 -35.52
CA LYS H 31 0.50 -52.72 -35.50
C LYS H 31 0.06 -51.80 -34.34
N PHE H 32 -1.24 -51.78 -34.03
CA PHE H 32 -1.76 -51.08 -32.86
C PHE H 32 -1.10 -51.57 -31.57
N PHE H 33 -1.09 -52.88 -31.35
CA PHE H 33 -0.58 -53.41 -30.09
C PHE H 33 0.89 -53.09 -29.90
N LEU H 34 1.64 -53.13 -30.99
CA LEU H 34 3.04 -52.71 -30.93
C LEU H 34 3.14 -51.24 -30.58
N GLU H 35 2.28 -50.42 -31.19
CA GLU H 35 2.25 -48.97 -30.95
C GLU H 35 1.93 -48.64 -29.51
N ILE H 36 1.09 -49.45 -28.87
CA ILE H 36 0.80 -49.24 -27.46
C ILE H 36 1.68 -50.11 -26.55
N GLY H 37 2.72 -50.69 -27.15
CA GLY H 37 3.72 -51.49 -26.47
C GLY H 37 3.30 -52.76 -25.74
N ASP H 38 2.42 -53.53 -26.36
CA ASP H 38 1.92 -54.79 -25.82
C ASP H 38 2.32 -55.91 -26.77
N ARG H 39 3.57 -56.34 -26.66
CA ARG H 39 4.08 -57.24 -27.67
C ARG H 39 3.41 -58.61 -27.65
N ASP H 40 2.83 -59.02 -26.53
CA ASP H 40 2.19 -60.33 -26.53
C ASP H 40 0.85 -60.25 -27.23
N ALA H 41 0.05 -59.23 -26.90
CA ALA H 41 -1.20 -59.00 -27.62
C ALA H 41 -0.96 -58.91 -29.13
N ALA H 42 0.15 -58.30 -29.51
CA ALA H 42 0.53 -58.17 -30.91
C ALA H 42 0.83 -59.53 -31.54
N ARG H 43 1.50 -60.38 -30.76
CA ARG H 43 1.89 -61.69 -31.23
C ARG H 43 0.65 -62.57 -31.33
N ASN H 44 -0.25 -62.42 -30.37
CA ASN H 44 -1.50 -63.15 -30.36
C ASN H 44 -2.33 -62.78 -31.57
N ALA H 45 -2.27 -61.50 -31.94
CA ALA H 45 -3.04 -60.98 -33.07
C ALA H 45 -2.56 -61.60 -34.36
N LEU H 46 -1.26 -61.82 -34.47
CA LEU H 46 -0.68 -62.45 -35.65
C LEU H 46 -0.95 -63.98 -35.71
N ARG H 47 -0.71 -64.69 -34.61
CA ARG H 47 -1.04 -66.12 -34.51
C ARG H 47 -2.51 -66.37 -34.83
N LYS H 48 -3.37 -65.41 -34.49
CA LYS H 48 -4.77 -65.42 -34.87
C LYS H 48 -4.88 -65.24 -36.38
N SER H 52 2.82 -67.09 -38.36
CA SER H 52 3.83 -68.06 -37.94
C SER H 52 4.60 -67.50 -36.77
N ASP H 53 4.90 -68.36 -35.79
CA ASP H 53 5.57 -67.92 -34.59
C ASP H 53 6.98 -67.39 -34.86
N GLU H 54 7.56 -67.76 -36.00
CA GLU H 54 8.84 -67.20 -36.41
C GLU H 54 8.63 -65.94 -37.25
N GLU H 55 7.70 -66.04 -38.20
CA GLU H 55 7.34 -64.95 -39.11
C GLU H 55 6.71 -63.77 -38.39
N ALA H 56 5.82 -64.05 -37.44
CA ALA H 56 5.19 -63.03 -36.62
C ALA H 56 6.26 -62.20 -35.93
N GLU H 57 7.23 -62.90 -35.35
CA GLU H 57 8.36 -62.28 -34.66
C GLU H 57 9.15 -61.31 -35.53
N ARG H 58 9.39 -61.72 -36.78
CA ARG H 58 10.07 -60.89 -37.77
C ARG H 58 9.30 -59.60 -38.09
N ILE H 59 7.99 -59.75 -38.33
CA ILE H 59 7.12 -58.61 -38.62
C ILE H 59 7.26 -57.56 -37.50
N ILE H 60 7.35 -58.06 -36.28
CA ILE H 60 7.44 -57.26 -35.04
C ILE H 60 8.76 -56.51 -34.86
N ARG H 61 9.89 -57.17 -35.08
CA ARG H 61 11.18 -56.48 -34.97
C ARG H 61 11.25 -55.36 -36.02
N LYS H 62 10.53 -55.50 -37.13
CA LYS H 62 10.65 -54.55 -38.24
C LYS H 62 9.90 -53.25 -37.99
N TYR H 63 8.57 -53.38 -37.86
CA TYR H 63 7.68 -52.25 -37.67
C TYR H 63 8.27 -51.13 -36.81
N PHE I 25 30.92 -2.95 -33.11
CA PHE I 25 29.64 -2.26 -33.27
C PHE I 25 29.35 -1.95 -34.73
N ALA I 26 30.30 -1.30 -35.40
CA ALA I 26 30.20 -1.01 -36.84
C ALA I 26 29.89 -2.25 -37.69
N GLU I 27 30.40 -3.42 -37.28
CA GLU I 27 30.08 -4.66 -37.98
C GLU I 27 28.65 -5.13 -37.72
N LEU I 28 28.20 -4.95 -36.48
CA LEU I 28 26.83 -5.28 -36.13
C LEU I 28 25.87 -4.36 -36.87
N LYS I 29 26.26 -3.10 -37.05
CA LYS I 29 25.51 -2.18 -37.90
C LYS I 29 25.24 -2.73 -39.29
N ALA I 30 26.30 -3.18 -39.95
CA ALA I 30 26.20 -3.70 -41.30
C ALA I 30 25.27 -4.92 -41.31
N LYS I 31 25.36 -5.77 -40.30
CA LYS I 31 24.49 -6.95 -40.23
C LYS I 31 23.03 -6.61 -40.01
N PHE I 32 22.79 -5.62 -39.17
CA PHE I 32 21.45 -5.07 -38.97
C PHE I 32 20.86 -4.62 -40.30
N PHE I 33 21.62 -3.84 -41.06
CA PHE I 33 21.10 -3.30 -42.31
C PHE I 33 20.78 -4.40 -43.34
N LEU I 34 21.61 -5.44 -43.42
CA LEU I 34 21.28 -6.58 -44.26
C LEU I 34 20.02 -7.29 -43.73
N GLU I 35 19.90 -7.39 -42.40
CA GLU I 35 18.74 -8.02 -41.77
C GLU I 35 17.45 -7.27 -42.06
N ILE I 36 17.53 -5.95 -42.21
CA ILE I 36 16.31 -5.22 -42.57
C ILE I 36 16.23 -4.99 -44.09
N GLY I 37 17.06 -5.71 -44.83
CA GLY I 37 17.08 -5.67 -46.29
C GLY I 37 17.41 -4.30 -46.89
N ASP I 38 18.40 -3.64 -46.31
CA ASP I 38 18.83 -2.36 -46.81
C ASP I 38 20.32 -2.47 -47.08
N ARG I 39 20.64 -3.12 -48.20
CA ARG I 39 22.01 -3.49 -48.52
C ARG I 39 22.88 -2.24 -48.82
N ASP I 40 22.25 -1.13 -49.18
CA ASP I 40 23.02 0.09 -49.39
C ASP I 40 23.48 0.67 -48.05
N ALA I 41 22.58 0.71 -47.06
CA ALA I 41 22.95 1.14 -45.70
C ALA I 41 24.12 0.32 -45.15
N ALA I 42 24.15 -0.97 -45.48
CA ALA I 42 25.23 -1.86 -45.09
C ALA I 42 26.56 -1.42 -45.70
N ARG I 43 26.52 -0.97 -46.95
CA ARG I 43 27.72 -0.53 -47.62
C ARG I 43 28.17 0.82 -47.11
N ASN I 44 27.22 1.72 -46.87
CA ASN I 44 27.53 3.02 -46.32
C ASN I 44 28.14 2.85 -44.93
N ALA I 45 27.60 1.91 -44.15
CA ALA I 45 28.06 1.67 -42.80
C ALA I 45 29.49 1.13 -42.82
N LEU I 46 29.79 0.28 -43.80
CA LEU I 46 31.13 -0.25 -43.95
C LEU I 46 32.05 0.81 -44.55
N ARG I 47 31.58 1.51 -45.58
CA ARG I 47 32.32 2.64 -46.13
C ARG I 47 32.63 3.72 -45.08
N LYS I 48 31.71 3.94 -44.14
CA LYS I 48 31.97 4.87 -43.05
C LYS I 48 33.07 4.39 -42.10
N ALA I 49 33.30 3.08 -42.03
CA ALA I 49 34.26 2.50 -41.09
C ALA I 49 35.73 2.97 -41.25
N GLY I 50 36.30 3.06 -42.45
CA GLY I 50 35.68 2.72 -43.71
C GLY I 50 36.41 1.66 -44.51
N TYR I 51 35.97 0.42 -44.40
CA TYR I 51 36.64 -0.70 -45.05
C TYR I 51 36.71 -0.47 -46.57
N SER I 52 37.53 -1.26 -47.25
CA SER I 52 37.69 -1.18 -48.71
C SER I 52 36.38 -1.38 -49.48
N ASP I 53 36.15 -0.58 -50.52
CA ASP I 53 34.90 -0.66 -51.29
C ASP I 53 34.75 -2.03 -51.93
N GLU I 54 35.86 -2.75 -52.03
CA GLU I 54 35.88 -4.12 -52.51
C GLU I 54 35.68 -5.10 -51.37
N GLU I 55 36.40 -4.88 -50.27
CA GLU I 55 36.32 -5.73 -49.09
C GLU I 55 34.93 -5.68 -48.47
N ALA I 56 34.35 -4.48 -48.42
CA ALA I 56 33.01 -4.29 -47.89
C ALA I 56 32.02 -5.20 -48.61
N GLU I 57 32.12 -5.19 -49.94
CA GLU I 57 31.26 -5.98 -50.80
C GLU I 57 31.38 -7.47 -50.49
N ARG I 58 32.60 -7.90 -50.23
CA ARG I 58 32.89 -9.27 -49.83
C ARG I 58 32.24 -9.66 -48.49
N ILE I 59 32.41 -8.78 -47.50
CA ILE I 59 31.88 -8.98 -46.15
C ILE I 59 30.40 -9.29 -46.21
N ILE I 60 29.72 -8.53 -47.05
CA ILE I 60 28.28 -8.61 -47.22
C ILE I 60 27.83 -9.91 -47.90
N ARG I 61 28.53 -10.30 -48.98
CA ARG I 61 28.22 -11.54 -49.70
C ARG I 61 28.41 -12.76 -48.81
N LYS I 62 29.21 -12.57 -47.76
CA LYS I 62 29.51 -13.63 -46.81
C LYS I 62 28.41 -13.73 -45.77
N TYR I 63 27.90 -12.57 -45.36
CA TYR I 63 26.84 -12.51 -44.37
C TYR I 63 25.53 -13.08 -44.93
#